data_8SZI
#
_entry.id   8SZI
#
_cell.length_a   1.00
_cell.length_b   1.00
_cell.length_c   1.00
_cell.angle_alpha   90.00
_cell.angle_beta   90.00
_cell.angle_gamma   90.00
#
_symmetry.space_group_name_H-M   'P 1'
#
loop_
_entity.id
_entity.type
_entity.pdbx_description
1 polymer 'Guanine nucleotide-binding protein G(i) subunit alpha-3'
2 polymer 'Guanine nucleotide-binding protein G(I)/G(S)/G(T) subunit beta-1'
3 polymer 'Guanine nucleotide-binding protein G(I)/G(S)/G(O) subunit gamma-2'
4 polymer 'Extracellular calcium-sensing receptor'
5 polymer 'Extracellular calcium-sensing receptor'
6 branched 2-acetamido-2-deoxy-beta-D-glucopyranose-(1-4)-2-acetamido-2-deoxy-beta-D-glucopyranose
7 non-polymer 1,2-DIOLEOYL-SN-GLYCERO-3-PHOSPHOCHOLINE
8 non-polymer 2-acetamido-2-deoxy-beta-D-glucopyranose
9 non-polymer 'CALCIUM ION'
10 non-polymer TRYPTOPHAN
11 non-polymer 'PHOSPHATE ION'
12 non-polymer CHOLESTEROL
#
loop_
_entity_poly.entity_id
_entity_poly.type
_entity_poly.pdbx_seq_one_letter_code
_entity_poly.pdbx_strand_id
1 'polypeptide(L)'
;MGCTLSAEDKAAVERSKMIDRNLREDGEKAAKEVKLLLLGAGESGKNTIVKQMKIIHEDGYSEDECKQYKVVVYSNTIQS
IIAIIRAMGRLKIDFGEAARADDARQLFVLAGSAEEGVMTPELAGVIKRLWRDGGVQACFSRSREYQLNDSASYYLNDLD
RISQSNYIPTQQDVLRTRVKTTGIVETHFTFKDLYFKMFDVGAQRSERKKWIHCFEGVTAIIFCVALSDYDLVLAEDEEM
NRMHASMKLFDSICNNKWFTETSIILFLNKKDLFEEKIKRSPLTICYPEYTGSNTYEEAAAYIQCQFEDLNRRKDTKEIY
THFTCSTDTKNVQFVFDAVTDVIIKNNLKECGLY
;
C
2 'polypeptide(L)'
;GSSGSELDQLRQEAEQLKNQIRDARKACADATLSQITNNIDPVGRIQMRTRRTLRGHLAKIYAMHWGTDSRLLVSASQDG
KLIIWDSYTTNKVHAIPLRSSWVMTCAYAPSGNYVACGGLDNICSIYNLKTREGNVRVSRELAGHTGYLSCCRFLDDNQI
VTSSGDTTCALWDIETGQQTTTFTGHTGDVMSLSLAPDTRLFVSGACDASAKLWDVREGMCRQTFTGHESDINAICFFPN
GNAFATGSDDATCRLFDLRADQELMTYSHDNIICGITSVSFSKSGRLLLAGYDDFNCNVWDALKADRAGVLAGHDNRVSC
LGVTDDGMAVATGSWDSFLKIWN
;
D
3 'polypeptide(L)' MASNNTASIAQARKLVEQLKMEANIDRIKVSKAAADLMAYCEAHAKEDPLLTPVPASENPFREKKFFCAIL E
4 'polypeptide(L)'
;DYKDDDDKAAAYGPDQRAQKKGDIILGGLFPIHFGVAAKDQDLKSRPESVECIRYNFRGFRWLQAMIFAIEEINSSPALL
PNLTLGYRIFDTCNTVSKALEATLSFVAQNKIDSLNLDEFCNCSEHIPSTIAVVGATGSGVSTAVANLLGLFYIPQVSYA
SSSRLLSNKNQFKSFLRTIPNDEHQATAMADIIEYFRWNWVGTIAADDDYGRPGIEKFREEAEERDICIDFSELISQYSD
EEEIQHVVEVIQNSTAKVIVVFSSGPDLEPLIKEIVRRNITGKIWLASEAWASSSLIAMPQYFHVVGGTIGFALKAGQIP
GFREFLKKVHPRKSVHNGFAKEFWEETFNCHLQEGAKGPLPVDTFLRGHEESGDRFSNSSTAFRPLCTGDENISSVETPY
IDYTHLRISYNVYLAVYSIAHALQDIYTCLPGRGLFTNGSCADIKKVEAWQVLKHLRHLNFTNNMGEQVTFDECGDLVGN
YSIINWHLSPEDGSIVFKEVGYYNVYAKKGERLFINEEKILWSGFSREVPFSNCSRDCLAGTRKGIIEGEPTCCFECVEC
PDGEYSDETDASACNKCPDDFWSNENHTSCIAKEIEFLSWTEPFGIALTLFAVLGIFLTAFVLGVFIKFRNTPIVKATNR
ELSYLLLFSLLCCFSSSLFFIGEPQDWTCRLRQPAFGISFVLCISCILVKTNRVLLVFEAKIPTSFHRKWWGLNLQFLLV
FLCTFMQIVICVIWLYTAPPSSYRNQELEDEIIFITCHEGSLMALGFLIGYTCLLAAICFFFAFKSRKLPENFNEAKFIT
FSMLIFFIVWISFIPAYASTYGKFVSAVEVIAILAASFGLLACIFFNKIYIILFKPSRNTIEEVRCSTAAHAFKVAARAT
LRRSNVTSTSVTSVNQASTSRLEGLQSENHRLRMKITELDKDLEEVTMQLQDTPEKKTN
;
A
5 'polypeptide(L)'
;WSHPQFEKGGGSGGGSGGSAWSHPQFEKGSAAAYGPDQRAQKKGDIILGGLFPIHFGVAAKDQDLKSRPESVECIRYNFR
GFRWLQAMIFAIEEINSSPALLPNLTLGYRIFDTCNTVSKALEATLSFVAQNKIDSLNLDEFCNCSEHIPSTIAVVGATG
SGVSTAVANLLGLFYIPQVSYASSSRLLSNKNQFKSFLRTIPNDEHQATAMADIIEYFRWNWVGTIAADDDYGRPGIEKF
REEAEERDICIDFSELISQYSDEEEIQHVVEVIQNSTAKVIVVFSSGPDLEPLIKEIVRRNITGKIWLASEAWASSSLIA
MPQYFHVVGGTIGFALKAGQIPGFREFLKKVHPRKSVHNGFAKEFWEETFNCHLQEGAKGPLPVDTFLRGHEESGDRFSN
SSTAFRPLCTGDENISSVETPYIDYTHLRISYNVYLAVYSIAHALQDIYTCLPGRGLFTNGSCADIKKVEAWQVLKHLRH
LNFTNNMGEQVTFDECGDLVGNYSIINWHLSPEDGSIVFKEVGYYNVYAKKGERLFINEEKILWSGFSREVPFSNCSRDC
LAGTRKGIIEGEPTCCFECVECPDGEYSDETDASACNKCPDDFWSNENHTSCIAKEIEFLSWTEPFGIALTLFAVLGIFL
TAFVLGVFIKFRNTPIVKATNRELSYLLLFSLLCCFSSSLFFIGEPQDWTCRLRQPAFGISFVLCISCILVKTNRVLLVF
EAKIPTSFHRKWWGLNLQFLLVFLCTFMQIVICVIWLYTAPPSSYRNQELEDEIIFITCHEGSLMALGFLIGYTCLLAAI
CFFFAFKSRKLPENFNEAKFITFSMLIFFIVWISFIPAYASTYGKFVSAVEVIAILAASFGLLACIFFNKIYIILFKPSR
NTIEEVRCSTAAHAFKVAARATLRRSNVTGSSTNNNEEEKSRLLEKENRELEKIIAEKEERVSELRHQLQSRQQLKKTN
;
B
#
# COMPACT_ATOMS: atom_id res chain seq x y z
N ALA A 7 -18.19 21.47 83.07
CA ALA A 7 -17.53 22.45 83.92
C ALA A 7 -16.22 21.90 84.49
N GLU A 8 -16.34 21.12 85.55
CA GLU A 8 -15.16 20.50 86.16
C GLU A 8 -14.43 19.62 85.14
N ASP A 9 -15.18 18.94 84.28
CA ASP A 9 -14.57 18.17 83.22
C ASP A 9 -13.77 19.05 82.27
N LYS A 10 -14.31 20.24 81.96
CA LYS A 10 -13.58 21.17 81.08
C LYS A 10 -12.28 21.63 81.72
N ALA A 11 -12.32 21.98 83.01
CA ALA A 11 -11.10 22.41 83.68
C ALA A 11 -10.07 21.29 83.71
N ALA A 12 -10.50 20.06 84.00
CA ALA A 12 -9.59 18.93 84.02
C ALA A 12 -9.00 18.69 82.64
N VAL A 13 -9.81 18.79 81.60
CA VAL A 13 -9.32 18.56 80.24
C VAL A 13 -8.28 19.61 79.85
N GLU A 14 -8.56 20.89 80.19
CA GLU A 14 -7.60 21.94 79.87
C GLU A 14 -6.29 21.73 80.60
N ARG A 15 -6.35 21.37 81.89
CA ARG A 15 -5.12 21.13 82.63
C ARG A 15 -4.35 19.94 82.06
N SER A 16 -5.07 18.88 81.67
CA SER A 16 -4.41 17.72 81.09
C SER A 16 -3.73 18.07 79.78
N LYS A 17 -4.35 18.95 79.01
CA LYS A 17 -3.80 19.28 77.67
C LYS A 17 -2.59 20.17 77.86
N MET A 18 -2.60 21.04 78.86
CA MET A 18 -1.43 21.87 79.18
C MET A 18 -0.28 21.03 79.69
N ILE A 19 -0.57 20.01 80.51
CA ILE A 19 0.48 19.11 80.99
C ILE A 19 1.08 18.32 79.84
N ASP A 20 0.22 17.79 78.95
CA ASP A 20 0.68 16.93 77.87
C ASP A 20 1.57 17.69 76.89
N ARG A 21 1.21 18.93 76.58
CA ARG A 21 2.04 19.72 75.66
C ARG A 21 3.43 19.93 76.22
N ASN A 22 3.52 20.29 77.51
CA ASN A 22 4.83 20.48 78.13
C ASN A 22 5.63 19.18 78.17
N LEU A 23 4.95 18.06 78.45
CA LEU A 23 5.64 16.77 78.46
C LEU A 23 6.21 16.43 77.09
N ARG A 24 5.46 16.71 76.03
CA ARG A 24 5.93 16.29 74.68
C ARG A 24 7.20 17.05 74.30
N GLU A 25 7.17 18.38 74.38
CA GLU A 25 8.31 19.22 73.92
C GLU A 25 9.59 18.90 74.71
N ASP A 26 9.48 18.72 76.03
CA ASP A 26 10.66 18.44 76.87
C ASP A 26 11.26 17.10 76.43
N GLY A 27 10.40 16.11 76.18
CA GLY A 27 10.88 14.80 75.71
C GLY A 27 11.59 14.93 74.39
N GLU A 28 11.04 15.72 73.47
CA GLU A 28 11.69 15.92 72.14
C GLU A 28 13.07 16.56 72.36
N LYS A 29 13.15 17.55 73.24
CA LYS A 29 14.44 18.25 73.49
C LYS A 29 15.46 17.25 74.05
N ALA A 30 15.04 16.41 74.99
CA ALA A 30 15.96 15.43 75.61
C ALA A 30 16.43 14.44 74.54
N ALA A 31 15.53 14.04 73.64
CA ALA A 31 15.87 13.04 72.61
C ALA A 31 17.07 13.50 71.79
N LYS A 32 17.45 14.77 71.89
CA LYS A 32 18.56 15.19 71.04
C LYS A 32 19.90 15.22 71.77
N GLU A 33 20.07 14.41 72.80
CA GLU A 33 21.30 14.39 73.58
C GLU A 33 21.96 13.02 73.51
N VAL A 34 23.28 13.01 73.72
CA VAL A 34 24.08 11.78 73.72
C VAL A 34 24.48 11.49 75.16
N LYS A 35 24.28 10.25 75.59
CA LYS A 35 24.53 9.84 76.96
C LYS A 35 25.73 8.90 77.00
N LEU A 36 26.67 9.18 77.90
CA LEU A 36 27.89 8.40 78.04
C LEU A 36 28.07 8.02 79.51
N LEU A 37 28.49 6.78 79.75
CA LEU A 37 28.78 6.29 81.10
C LEU A 37 30.29 6.20 81.27
N LEU A 38 30.80 6.81 82.34
CA LEU A 38 32.24 6.89 82.59
C LEU A 38 32.58 5.94 83.73
N LEU A 39 33.17 4.79 83.39
CA LEU A 39 33.62 3.81 84.37
C LEU A 39 35.11 3.98 84.64
N GLY A 40 35.60 3.19 85.60
CA GLY A 40 37.04 3.23 85.90
C GLY A 40 37.34 3.04 87.36
N ALA A 41 38.33 2.20 87.70
CA ALA A 41 38.75 2.07 89.11
C ALA A 41 39.44 3.37 89.51
N GLY A 42 39.42 3.73 90.80
CA GLY A 42 39.97 5.02 91.23
C GLY A 42 41.46 5.17 90.98
N GLU A 43 41.90 6.36 90.56
CA GLU A 43 43.34 6.64 90.25
C GLU A 43 43.68 6.06 88.87
N SER A 44 42.68 5.93 88.00
CA SER A 44 42.93 5.43 86.63
C SER A 44 43.00 6.61 85.66
N GLY A 45 43.00 7.84 86.19
CA GLY A 45 43.12 9.03 85.34
C GLY A 45 41.77 9.55 84.90
N LYS A 46 40.67 9.01 85.43
CA LYS A 46 39.33 9.56 85.12
C LYS A 46 39.40 11.08 85.25
N ASN A 47 40.05 11.56 86.32
CA ASN A 47 40.15 13.01 86.58
C ASN A 47 40.71 13.75 85.37
N THR A 48 41.76 13.23 84.73
CA THR A 48 42.40 13.97 83.61
C THR A 48 41.38 14.11 82.47
N ILE A 49 40.67 13.03 82.15
CA ILE A 49 39.71 13.07 81.01
C ILE A 49 38.63 14.08 81.38
N VAL A 50 38.18 14.07 82.63
CA VAL A 50 37.08 14.99 83.03
C VAL A 50 37.57 16.44 82.88
N LYS A 51 38.82 16.71 83.30
CA LYS A 51 39.39 18.09 83.21
C LYS A 51 39.47 18.50 81.73
N GLN A 52 39.91 17.58 80.86
CA GLN A 52 40.04 17.89 79.42
C GLN A 52 38.65 18.18 78.82
N MET A 53 37.62 17.42 79.21
CA MET A 53 36.27 17.60 78.63
C MET A 53 35.69 18.94 79.10
N LYS A 54 36.27 19.50 80.17
CA LYS A 54 35.78 20.78 80.73
C LYS A 54 34.28 20.65 80.98
N LYS A 180 28.82 18.76 97.39
CA LYS A 180 27.89 18.57 98.51
C LYS A 180 27.32 17.15 98.50
N THR A 181 26.49 16.86 97.50
CA THR A 181 25.86 15.55 97.40
C THR A 181 26.85 14.53 96.83
N THR A 182 26.63 13.27 97.19
CA THR A 182 27.41 12.16 96.67
C THR A 182 26.60 11.46 95.58
N GLY A 183 27.12 10.34 95.06
CA GLY A 183 26.42 9.58 94.05
C GLY A 183 26.85 9.94 92.64
N ILE A 184 25.88 9.91 91.74
CA ILE A 184 26.17 10.18 90.33
C ILE A 184 26.45 11.66 90.14
N VAL A 185 27.54 11.95 89.42
CA VAL A 185 27.94 13.31 89.10
C VAL A 185 27.81 13.51 87.59
N GLU A 186 27.19 14.62 87.21
CA GLU A 186 26.88 14.88 85.81
C GLU A 186 27.71 16.06 85.31
N THR A 187 28.36 15.87 84.17
CA THR A 187 29.12 16.92 83.51
C THR A 187 28.56 17.12 82.10
N HIS A 188 28.45 18.38 81.69
CA HIS A 188 27.81 18.72 80.42
C HIS A 188 28.73 19.61 79.60
N PHE A 189 28.79 19.34 78.30
CA PHE A 189 29.57 20.17 77.38
C PHE A 189 29.05 19.96 75.98
N THR A 190 29.36 20.92 75.10
CA THR A 190 28.95 20.88 73.70
C THR A 190 30.19 20.94 72.83
N PHE A 191 30.31 19.97 71.91
CA PHE A 191 31.42 19.91 70.98
C PHE A 191 30.87 19.74 69.57
N LYS A 192 31.10 20.74 68.70
CA LYS A 192 30.65 20.69 67.31
C LYS A 192 29.16 20.40 67.20
N ASP A 193 28.36 21.15 67.96
CA ASP A 193 26.90 21.08 67.95
C ASP A 193 26.38 19.72 68.40
N LEU A 194 27.09 19.02 69.28
CA LEU A 194 26.63 17.78 69.88
C LEU A 194 26.63 17.93 71.39
N TYR A 195 25.50 17.64 72.02
CA TYR A 195 25.34 17.78 73.47
C TYR A 195 25.66 16.45 74.12
N PHE A 196 26.67 16.43 74.98
CA PHE A 196 27.10 15.21 75.64
C PHE A 196 26.74 15.24 77.13
N LYS A 197 26.39 14.07 77.67
CA LYS A 197 26.10 13.90 79.08
C LYS A 197 26.94 12.75 79.61
N MET A 198 27.63 12.98 80.72
CA MET A 198 28.52 11.98 81.32
C MET A 198 28.12 11.79 82.77
N PHE A 199 27.92 10.52 83.16
CA PHE A 199 27.56 10.16 84.53
C PHE A 199 28.69 9.38 85.15
N ASP A 200 29.18 9.85 86.30
CA ASP A 200 30.23 9.16 87.06
C ASP A 200 29.56 8.40 88.21
N VAL A 201 29.75 7.08 88.23
CA VAL A 201 29.07 6.22 89.19
C VAL A 201 30.05 5.62 90.19
N GLY A 202 31.26 6.19 90.30
CA GLY A 202 32.28 5.61 91.17
C GLY A 202 32.02 5.82 92.65
N ALA A 203 31.07 6.67 93.00
CA ALA A 203 30.79 6.98 94.40
C ALA A 203 29.65 6.15 94.99
N GLN A 204 29.07 5.23 94.23
CA GLN A 204 27.92 4.49 94.72
C GLN A 204 28.30 3.56 95.86
N ARG A 205 29.35 2.75 95.67
CA ARG A 205 29.83 1.81 96.69
C ARG A 205 28.71 0.89 97.18
N SER A 206 28.17 0.11 96.24
CA SER A 206 27.11 -0.84 96.54
C SER A 206 27.16 -1.96 95.51
N GLU A 207 26.15 -2.83 95.56
CA GLU A 207 26.07 -3.93 94.59
C GLU A 207 25.84 -3.37 93.19
N ARG A 208 26.66 -3.80 92.25
CA ARG A 208 26.61 -3.25 90.90
C ARG A 208 25.37 -3.70 90.16
N LYS A 209 24.90 -4.92 90.43
CA LYS A 209 23.80 -5.50 89.66
C LYS A 209 22.51 -4.71 89.82
N LYS A 210 22.26 -4.20 91.02
CA LYS A 210 20.98 -3.54 91.29
C LYS A 210 20.82 -2.27 90.46
N TRP A 211 21.88 -1.47 90.34
CA TRP A 211 21.79 -0.25 89.56
C TRP A 211 22.37 -0.38 88.16
N ILE A 212 22.83 -1.57 87.76
CA ILE A 212 23.41 -1.74 86.43
C ILE A 212 22.37 -1.88 85.33
N HIS A 213 21.12 -2.18 85.69
CA HIS A 213 20.06 -2.26 84.69
C HIS A 213 19.37 -0.92 84.46
N CYS A 214 19.71 0.11 85.24
CA CYS A 214 19.17 1.45 85.05
C CYS A 214 19.86 2.20 83.93
N PHE A 215 21.10 1.82 83.60
CA PHE A 215 21.88 2.54 82.60
C PHE A 215 21.75 1.95 81.20
N GLU A 216 20.86 0.98 81.00
CA GLU A 216 20.63 0.43 79.67
C GLU A 216 20.08 1.52 78.75
N GLY A 217 20.58 1.56 77.52
CA GLY A 217 20.18 2.55 76.55
C GLY A 217 21.20 3.64 76.29
N VAL A 218 22.37 3.58 76.93
CA VAL A 218 23.40 4.57 76.64
C VAL A 218 24.03 4.28 75.28
N THR A 219 24.64 5.31 74.69
CA THR A 219 25.23 5.17 73.37
C THR A 219 26.58 4.46 73.43
N ALA A 220 27.46 4.92 74.33
CA ALA A 220 28.79 4.35 74.46
C ALA A 220 29.20 4.32 75.93
N ILE A 221 30.17 3.47 76.24
CA ILE A 221 30.71 3.34 77.59
C ILE A 221 32.17 3.74 77.55
N ILE A 222 32.53 4.78 78.29
CA ILE A 222 33.92 5.22 78.34
C ILE A 222 34.65 4.48 79.47
N PHE A 223 35.76 3.85 79.13
CA PHE A 223 36.52 3.01 80.06
C PHE A 223 37.95 3.49 80.12
N CYS A 224 38.51 3.56 81.33
CA CYS A 224 39.84 4.11 81.55
C CYS A 224 40.72 3.07 82.24
N VAL A 225 41.95 2.92 81.76
CA VAL A 225 42.94 2.00 82.32
C VAL A 225 44.29 2.70 82.33
N ALA A 226 45.02 2.52 83.43
CA ALA A 226 46.35 3.11 83.60
C ALA A 226 47.40 2.04 83.33
N LEU A 227 48.34 2.34 82.42
CA LEU A 227 49.39 1.38 82.11
C LEU A 227 50.43 1.30 83.22
N SER A 228 50.55 2.36 84.02
CA SER A 228 51.60 2.42 85.04
C SER A 228 51.37 1.45 86.19
N ASP A 229 50.19 0.83 86.26
CA ASP A 229 49.89 -0.10 87.34
C ASP A 229 50.49 -1.49 87.12
N TYR A 230 51.16 -1.70 85.99
CA TYR A 230 51.76 -3.03 85.71
C TYR A 230 52.73 -3.37 86.84
N ASP A 231 53.62 -2.43 87.20
CA ASP A 231 54.64 -2.68 88.24
C ASP A 231 54.24 -1.95 89.53
N LEU A 232 52.95 -1.71 89.73
CA LEU A 232 52.51 -1.13 91.02
C LEU A 232 51.49 -2.09 91.65
N VAL A 233 51.73 -2.51 92.89
CA VAL A 233 50.72 -3.36 93.60
C VAL A 233 49.72 -2.38 94.23
N LEU A 234 48.92 -1.72 93.39
CA LEU A 234 47.94 -0.74 93.91
C LEU A 234 47.01 -1.44 94.88
N ALA A 235 46.52 -2.63 94.53
CA ALA A 235 45.53 -3.32 95.39
C ALA A 235 46.08 -3.48 96.81
N GLU A 236 47.38 -3.74 96.95
CA GLU A 236 48.02 -3.96 98.28
C GLU A 236 47.77 -5.41 98.71
N ASP A 237 47.19 -6.22 97.83
CA ASP A 237 47.00 -7.67 98.12
C ASP A 237 47.94 -8.42 97.17
N GLU A 238 48.73 -9.36 97.69
CA GLU A 238 49.74 -10.03 96.82
C GLU A 238 49.02 -10.75 95.68
N GLU A 239 47.88 -11.38 95.98
CA GLU A 239 47.13 -12.16 94.96
C GLU A 239 46.64 -11.24 93.84
N MET A 240 46.19 -10.02 94.17
CA MET A 240 45.58 -9.17 93.13
C MET A 240 46.53 -8.07 92.66
N ASN A 241 46.87 -8.06 91.37
CA ASN A 241 47.70 -6.96 90.81
C ASN A 241 46.71 -6.03 90.11
N ARG A 242 46.90 -4.71 90.16
CA ARG A 242 45.94 -3.77 89.62
C ARG A 242 45.58 -4.08 88.17
N MET A 243 46.54 -4.53 87.36
CA MET A 243 46.25 -4.85 85.97
C MET A 243 45.27 -6.01 85.86
N HIS A 244 45.45 -7.05 86.68
CA HIS A 244 44.52 -8.18 86.65
C HIS A 244 43.13 -7.75 87.11
N ALA A 245 43.06 -6.90 88.13
CA ALA A 245 41.77 -6.41 88.60
C ALA A 245 41.07 -5.59 87.53
N SER A 246 41.83 -4.74 86.82
CA SER A 246 41.24 -3.96 85.73
C SER A 246 40.75 -4.86 84.61
N MET A 247 41.53 -5.90 84.28
CA MET A 247 41.10 -6.85 83.26
C MET A 247 39.82 -7.56 83.67
N LYS A 248 39.73 -7.97 84.94
CA LYS A 248 38.53 -8.65 85.42
C LYS A 248 37.32 -7.73 85.38
N LEU A 249 37.48 -6.47 85.80
CA LEU A 249 36.37 -5.53 85.75
C LEU A 249 35.94 -5.27 84.31
N PHE A 250 36.89 -5.13 83.39
CA PHE A 250 36.54 -4.93 81.99
C PHE A 250 35.81 -6.13 81.43
N ASP A 251 36.25 -7.35 81.79
CA ASP A 251 35.55 -8.55 81.35
C ASP A 251 34.13 -8.61 81.90
N SER A 252 33.95 -8.25 83.17
CA SER A 252 32.62 -8.28 83.76
C SER A 252 31.71 -7.25 83.11
N ILE A 253 32.22 -6.05 82.86
CA ILE A 253 31.39 -4.99 82.30
C ILE A 253 31.04 -5.28 80.84
N CYS A 254 32.01 -5.77 80.07
CA CYS A 254 31.81 -5.94 78.64
C CYS A 254 30.74 -6.97 78.32
N ASN A 255 30.70 -8.07 79.06
CA ASN A 255 29.82 -9.19 78.74
C ASN A 255 28.56 -9.22 79.61
N ASN A 256 28.06 -8.06 80.03
CA ASN A 256 26.78 -8.01 80.71
C ASN A 256 25.65 -8.31 79.73
N LYS A 257 24.56 -8.87 80.25
CA LYS A 257 23.41 -9.18 79.41
C LYS A 257 22.77 -7.91 78.87
N TRP A 258 22.74 -6.84 79.68
CA TRP A 258 22.09 -5.61 79.25
C TRP A 258 22.89 -4.90 78.16
N PHE A 259 24.21 -4.79 78.35
CA PHE A 259 25.06 -4.03 77.44
C PHE A 259 25.58 -4.92 76.31
N THR A 260 24.65 -5.49 75.56
CA THR A 260 25.02 -6.36 74.45
C THR A 260 25.46 -5.54 73.24
N GLU A 261 24.86 -4.39 73.02
CA GLU A 261 25.06 -3.61 71.78
C GLU A 261 25.62 -2.22 72.04
N THR A 262 26.33 -2.01 73.15
CA THR A 262 26.95 -0.73 73.46
C THR A 262 28.46 -0.85 73.29
N SER A 263 29.05 0.07 72.53
CA SER A 263 30.47 0.05 72.28
C SER A 263 31.25 0.60 73.47
N ILE A 264 32.54 0.29 73.50
CA ILE A 264 33.43 0.70 74.59
C ILE A 264 34.55 1.56 74.02
N ILE A 265 34.77 2.72 74.62
CA ILE A 265 35.86 3.62 74.23
C ILE A 265 36.94 3.43 75.28
N LEU A 266 37.96 2.65 74.93
CA LEU A 266 39.01 2.31 75.89
C LEU A 266 40.12 3.36 75.85
N PHE A 267 40.46 3.89 77.03
CA PHE A 267 41.49 4.92 77.19
C PHE A 267 42.63 4.36 78.04
N LEU A 268 43.71 3.95 77.38
CA LEU A 268 44.93 3.63 78.09
C LEU A 268 45.68 4.92 78.44
N ASN A 269 45.94 5.11 79.74
CA ASN A 269 46.35 6.41 80.26
C ASN A 269 47.73 6.29 80.88
N LYS A 270 48.34 7.47 81.13
CA LYS A 270 49.68 7.54 81.78
C LYS A 270 50.71 6.75 80.99
N LYS A 271 51.02 7.20 79.77
CA LYS A 271 52.03 6.53 78.97
C LYS A 271 53.44 7.09 79.18
N ASP A 272 53.59 8.12 80.01
CA ASP A 272 54.91 8.70 80.24
C ASP A 272 55.66 7.94 81.35
N LEU A 273 55.04 7.83 82.53
CA LEU A 273 55.67 7.11 83.63
C LEU A 273 55.89 5.65 83.27
N PHE A 274 54.93 5.05 82.56
CA PHE A 274 55.07 3.66 82.15
C PHE A 274 56.28 3.48 81.25
N GLU A 275 56.46 4.38 80.27
CA GLU A 275 57.62 4.32 79.40
C GLU A 275 58.90 4.55 80.17
N GLU A 276 58.84 5.41 81.20
CA GLU A 276 60.02 5.63 82.03
C GLU A 276 60.43 4.38 82.77
N LYS A 277 59.44 3.67 83.36
CA LYS A 277 59.78 2.51 84.25
C LYS A 277 59.96 1.18 83.49
N ILE A 278 59.68 1.13 82.19
CA ILE A 278 59.77 -0.17 81.47
C ILE A 278 61.22 -0.66 81.54
N LYS A 279 62.19 0.23 81.34
CA LYS A 279 63.60 -0.23 81.29
C LYS A 279 64.12 -0.52 82.70
N ARG A 280 63.52 0.10 83.73
CA ARG A 280 63.95 -0.24 85.12
C ARG A 280 63.36 -1.58 85.51
N SER A 281 62.06 -1.77 85.28
CA SER A 281 61.42 -3.09 85.53
C SER A 281 60.60 -3.43 84.28
N PRO A 282 60.93 -4.49 83.52
CA PRO A 282 60.21 -4.76 82.27
C PRO A 282 58.78 -5.23 82.50
N LEU A 283 57.96 -5.30 81.43
CA LEU A 283 56.55 -5.66 81.56
C LEU A 283 56.34 -7.11 81.96
N THR A 284 57.39 -7.93 82.01
CA THR A 284 57.24 -9.35 82.28
C THR A 284 56.73 -9.63 83.70
N ILE A 285 56.72 -8.63 84.58
CA ILE A 285 56.27 -8.84 85.95
C ILE A 285 54.79 -9.20 85.98
N CYS A 286 53.97 -8.51 85.18
CA CYS A 286 52.53 -8.72 85.23
C CYS A 286 52.12 -10.05 84.63
N TYR A 287 52.66 -10.39 83.46
CA TYR A 287 52.27 -11.60 82.77
C TYR A 287 53.42 -12.59 82.71
N PRO A 288 53.17 -13.87 82.96
CA PRO A 288 54.23 -14.88 82.77
C PRO A 288 54.75 -14.94 81.34
N GLU A 289 53.89 -14.68 80.37
CA GLU A 289 54.34 -14.59 78.98
C GLU A 289 55.17 -13.32 78.77
N TYR A 290 56.17 -13.41 77.90
CA TYR A 290 57.09 -12.27 77.64
C TYR A 290 56.45 -11.28 76.67
N THR A 291 56.42 -9.99 77.02
CA THR A 291 55.94 -8.96 76.07
C THR A 291 56.91 -8.78 74.90
N GLY A 292 58.20 -8.71 75.19
CA GLY A 292 59.22 -8.62 74.13
C GLY A 292 59.75 -7.22 73.88
N SER A 293 61.08 -7.02 74.00
CA SER A 293 61.75 -5.74 73.64
C SER A 293 61.78 -4.68 74.75
N ASN A 294 60.98 -4.84 75.81
CA ASN A 294 61.07 -3.90 76.96
C ASN A 294 61.04 -2.45 76.45
N THR A 295 60.10 -2.10 75.56
CA THR A 295 59.96 -0.71 75.04
C THR A 295 58.48 -0.40 74.86
N TYR A 296 58.17 0.89 74.87
CA TYR A 296 56.77 1.35 74.82
C TYR A 296 55.97 0.77 73.67
N GLU A 297 56.41 0.84 72.41
CA GLU A 297 55.48 0.36 71.35
C GLU A 297 55.09 -1.11 71.59
N GLU A 298 56.08 -1.99 71.81
CA GLU A 298 55.80 -3.43 71.96
C GLU A 298 54.96 -3.67 73.23
N ALA A 299 55.31 -2.99 74.31
CA ALA A 299 54.60 -3.22 75.59
C ALA A 299 53.15 -2.80 75.43
N ALA A 300 52.92 -1.67 74.78
CA ALA A 300 51.57 -1.14 74.63
C ALA A 300 50.80 -2.15 73.80
N ALA A 301 51.43 -2.66 72.74
CA ALA A 301 50.69 -3.59 71.89
C ALA A 301 50.29 -4.80 72.73
N TYR A 302 51.22 -5.35 73.51
CA TYR A 302 50.84 -6.58 74.26
C TYR A 302 49.73 -6.26 75.26
N ILE A 303 49.81 -5.14 75.98
CA ILE A 303 48.76 -4.89 77.01
C ILE A 303 47.41 -4.69 76.30
N GLN A 304 47.40 -4.00 75.17
CA GLN A 304 46.15 -3.68 74.47
C GLN A 304 45.53 -4.96 73.94
N CYS A 305 46.27 -5.67 73.08
CA CYS A 305 45.74 -6.92 72.55
C CYS A 305 45.14 -7.78 73.65
N GLN A 306 45.80 -7.85 74.81
CA GLN A 306 45.28 -8.65 75.91
C GLN A 306 43.99 -8.09 76.47
N PHE A 307 43.80 -6.76 76.45
CA PHE A 307 42.54 -6.19 76.88
C PHE A 307 41.43 -6.35 75.84
N GLU A 308 41.77 -6.22 74.55
CA GLU A 308 40.74 -6.28 73.52
C GLU A 308 40.27 -7.71 73.27
N ASP A 309 41.08 -8.69 73.65
CA ASP A 309 40.68 -10.08 73.44
C ASP A 309 39.68 -10.56 74.49
N LEU A 310 39.46 -9.76 75.54
CA LEU A 310 38.52 -10.17 76.58
C LEU A 310 37.09 -10.25 76.09
N ASN A 311 36.71 -9.43 75.11
CA ASN A 311 35.35 -9.42 74.60
C ASN A 311 35.08 -10.66 73.76
N ARG A 312 33.80 -11.03 73.68
CA ARG A 312 33.37 -12.17 72.87
C ARG A 312 32.17 -11.88 71.99
N ARG A 313 31.48 -10.76 72.18
CA ARG A 313 30.39 -10.35 71.30
C ARG A 313 30.91 -9.49 70.15
N LYS A 314 31.89 -10.00 69.42
CA LYS A 314 32.53 -9.21 68.37
C LYS A 314 31.55 -8.84 67.26
N ASP A 315 30.44 -9.58 67.13
CA ASP A 315 29.50 -9.33 66.04
C ASP A 315 28.77 -8.00 66.23
N THR A 316 28.45 -7.66 67.48
CA THR A 316 27.60 -6.49 67.75
C THR A 316 28.35 -5.30 68.32
N LYS A 317 29.44 -5.50 69.05
CA LYS A 317 30.12 -4.41 69.74
C LYS A 317 31.59 -4.37 69.33
N GLU A 318 32.17 -3.18 69.41
CA GLU A 318 33.55 -2.94 69.05
C GLU A 318 34.19 -1.98 70.05
N ILE A 319 35.52 -1.99 70.10
CA ILE A 319 36.29 -1.21 71.06
C ILE A 319 37.18 -0.24 70.31
N TYR A 320 37.22 1.00 70.77
CA TYR A 320 38.12 2.03 70.23
C TYR A 320 39.18 2.34 71.28
N THR A 321 40.44 2.42 70.87
CA THR A 321 41.55 2.64 71.83
C THR A 321 42.35 3.89 71.46
N HIS A 322 42.55 4.83 72.40
CA HIS A 322 43.37 6.03 72.14
C HIS A 322 44.34 6.22 73.29
N PHE A 323 45.60 6.48 72.99
CA PHE A 323 46.59 6.76 74.07
C PHE A 323 46.47 8.23 74.41
N THR A 324 46.28 8.57 75.68
CA THR A 324 45.97 9.95 76.03
C THR A 324 47.10 10.90 75.64
N CYS A 325 46.72 12.04 75.07
CA CYS A 325 47.63 13.13 74.76
C CYS A 325 47.16 14.35 75.54
N SER A 326 47.98 14.81 76.49
CA SER A 326 47.54 15.85 77.42
C SER A 326 47.49 17.22 76.74
N THR A 327 48.51 17.55 75.96
CA THR A 327 48.67 18.93 75.50
C THR A 327 47.54 19.35 74.55
N ASP A 328 47.28 18.54 73.52
CA ASP A 328 46.31 18.91 72.51
C ASP A 328 44.93 18.39 72.88
N THR A 329 43.97 18.60 71.98
CA THR A 329 42.58 18.21 72.20
C THR A 329 42.23 16.92 71.46
N LYS A 330 43.17 15.99 71.36
CA LYS A 330 42.88 14.70 70.73
C LYS A 330 41.86 13.91 71.54
N ASN A 331 41.75 14.19 72.84
CA ASN A 331 40.86 13.42 73.70
C ASN A 331 39.40 13.64 73.34
N VAL A 332 39.00 14.91 73.14
CA VAL A 332 37.60 15.20 72.84
C VAL A 332 37.27 14.77 71.41
N GLN A 333 38.19 14.99 70.47
CA GLN A 333 37.94 14.67 69.07
C GLN A 333 37.74 13.17 68.87
N PHE A 334 38.54 12.35 69.55
CA PHE A 334 38.39 10.91 69.42
C PHE A 334 37.02 10.45 69.92
N VAL A 335 36.58 10.99 71.05
CA VAL A 335 35.26 10.64 71.58
C VAL A 335 34.17 11.07 70.61
N PHE A 336 34.29 12.28 70.06
CA PHE A 336 33.28 12.76 69.12
C PHE A 336 33.20 11.88 67.88
N ASP A 337 34.36 11.52 67.31
CA ASP A 337 34.37 10.68 66.12
C ASP A 337 33.84 9.29 66.41
N ALA A 338 34.20 8.72 67.56
CA ALA A 338 33.70 7.41 67.93
C ALA A 338 32.18 7.43 68.08
N VAL A 339 31.65 8.46 68.74
CA VAL A 339 30.20 8.56 68.90
C VAL A 339 29.51 8.70 67.55
N THR A 340 30.09 9.51 66.65
CA THR A 340 29.50 9.64 65.32
C THR A 340 29.49 8.32 64.57
N ASP A 341 30.59 7.57 64.65
CA ASP A 341 30.64 6.27 63.99
C ASP A 341 29.60 5.30 64.58
N VAL A 342 29.47 5.31 65.91
CA VAL A 342 28.49 4.43 66.55
C VAL A 342 27.08 4.78 66.10
N ILE A 343 26.77 6.09 66.03
CA ILE A 343 25.43 6.50 65.60
C ILE A 343 25.17 6.08 64.17
N ILE A 344 26.15 6.28 63.28
CA ILE A 344 25.97 5.90 61.88
C ILE A 344 25.74 4.40 61.75
N LYS A 345 26.53 3.60 62.47
CA LYS A 345 26.40 2.15 62.38
C LYS A 345 25.08 1.69 62.99
N ASN A 346 24.63 2.35 64.05
CA ASN A 346 23.33 2.01 64.63
C ASN A 346 22.20 2.29 63.65
N ASN A 347 22.26 3.41 62.92
CA ASN A 347 21.13 3.75 62.01
C ASN A 347 21.11 2.75 60.85
N LEU A 348 22.29 2.45 60.32
CA LEU A 348 22.36 1.51 59.17
C LEU A 348 21.79 0.16 59.59
N LYS A 349 22.12 -0.32 60.78
CA LYS A 349 21.65 -1.66 61.25
C LYS A 349 20.14 -1.66 61.35
N GLU A 350 19.56 -0.59 61.88
CA GLU A 350 18.09 -0.47 62.02
C GLU A 350 17.45 -0.48 60.64
N CYS A 351 18.02 0.24 59.67
CA CYS A 351 17.43 0.14 58.32
C CYS A 351 17.54 -1.31 57.83
N GLY A 352 18.41 -2.12 58.45
CA GLY A 352 18.58 -3.46 57.94
C GLY A 352 19.68 -3.60 56.92
N LEU A 353 20.28 -2.49 56.47
CA LEU A 353 21.36 -2.55 55.49
C LEU A 353 22.58 -3.25 56.05
N TYR A 354 22.94 -2.96 57.30
CA TYR A 354 24.16 -3.45 57.91
C TYR A 354 23.90 -4.65 58.81
N GLU B 6 38.79 -16.09 122.53
CA GLU B 6 37.40 -16.15 123.04
C GLU B 6 36.43 -16.07 121.86
N LEU B 7 36.93 -15.67 120.68
CA LEU B 7 36.06 -15.51 119.49
C LEU B 7 35.45 -16.86 119.12
N ASP B 8 36.26 -17.92 119.17
CA ASP B 8 35.76 -19.28 118.82
C ASP B 8 34.66 -19.68 119.81
N GLN B 9 34.87 -19.38 121.10
CA GLN B 9 33.85 -19.71 122.14
C GLN B 9 32.57 -18.94 121.86
N LEU B 10 32.69 -17.67 121.48
CA LEU B 10 31.49 -16.83 121.19
C LEU B 10 30.76 -17.45 120.00
N ARG B 11 31.49 -17.90 118.98
CA ARG B 11 30.87 -18.50 117.78
C ARG B 11 30.15 -19.81 118.15
N GLN B 12 30.76 -20.61 119.03
CA GLN B 12 30.11 -21.87 119.49
C GLN B 12 28.82 -21.51 120.23
N GLU B 13 28.86 -20.46 121.05
CA GLU B 13 27.66 -20.04 121.82
C GLU B 13 26.57 -19.63 120.83
N ALA B 14 26.95 -18.89 119.78
CA ALA B 14 25.96 -18.44 118.78
C ALA B 14 25.34 -19.66 118.11
N GLU B 15 26.17 -20.65 117.77
CA GLU B 15 25.63 -21.86 117.08
C GLU B 15 24.65 -22.57 118.01
N GLN B 16 24.99 -22.68 119.31
CA GLN B 16 24.09 -23.37 120.28
C GLN B 16 22.76 -22.60 120.40
N LEU B 17 22.82 -21.26 120.42
CA LEU B 17 21.58 -20.44 120.52
C LEU B 17 20.72 -20.70 119.28
N LYS B 18 21.36 -20.75 118.10
CA LYS B 18 20.60 -20.99 116.84
C LYS B 18 19.94 -22.37 116.94
N ASN B 19 20.67 -23.35 117.44
CA ASN B 19 20.12 -24.73 117.53
C ASN B 19 18.91 -24.72 118.47
N GLN B 20 19.00 -24.02 119.60
CA GLN B 20 17.88 -23.96 120.57
C GLN B 20 16.66 -23.31 119.89
N ILE B 21 16.86 -22.22 119.16
CA ILE B 21 15.71 -21.52 118.51
C ILE B 21 15.08 -22.47 117.50
N ARG B 22 15.92 -23.17 116.74
CA ARG B 22 15.38 -24.09 115.70
C ARG B 22 14.57 -25.18 116.38
N ASP B 23 15.06 -25.70 117.50
CA ASP B 23 14.35 -26.78 118.22
C ASP B 23 12.99 -26.28 118.72
N ALA B 24 12.94 -25.06 119.26
CA ALA B 24 11.64 -24.50 119.69
C ALA B 24 10.67 -24.38 118.51
N ARG B 25 11.17 -23.88 117.37
CA ARG B 25 10.29 -23.72 116.19
C ARG B 25 9.80 -25.11 115.76
N LYS B 26 10.66 -26.12 115.78
CA LYS B 26 10.31 -27.49 115.35
C LYS B 26 9.22 -28.05 116.28
N ALA B 27 9.36 -27.82 117.58
CA ALA B 27 8.33 -28.28 118.54
C ALA B 27 7.00 -27.60 118.23
N CYS B 28 7.03 -26.29 117.92
CA CYS B 28 5.72 -25.61 117.72
C CYS B 28 5.05 -26.06 116.42
N ALA B 29 5.73 -26.88 115.60
CA ALA B 29 5.21 -27.29 114.30
C ALA B 29 4.46 -28.60 114.47
N ASP B 30 3.16 -28.50 114.71
CA ASP B 30 2.31 -29.67 114.91
C ASP B 30 1.44 -29.99 113.71
N ALA B 31 0.90 -28.97 113.04
CA ALA B 31 0.02 -29.17 111.89
C ALA B 31 0.54 -28.31 110.74
N THR B 32 -0.21 -28.31 109.64
CA THR B 32 0.16 -27.58 108.44
C THR B 32 -1.03 -26.76 107.97
N LEU B 33 -0.75 -25.62 107.34
CA LEU B 33 -1.82 -24.74 106.87
C LEU B 33 -2.73 -25.45 105.88
N SER B 34 -2.19 -26.37 105.08
CA SER B 34 -3.02 -27.12 104.14
C SER B 34 -3.97 -28.05 104.86
N GLN B 35 -3.57 -28.60 106.01
CA GLN B 35 -4.44 -29.51 106.75
C GLN B 35 -5.70 -28.80 107.23
N ILE B 36 -5.56 -27.56 107.71
CA ILE B 36 -6.72 -26.80 108.13
C ILE B 36 -7.53 -26.30 106.94
N THR B 37 -6.92 -26.26 105.75
CA THR B 37 -7.59 -25.81 104.54
C THR B 37 -8.00 -26.99 103.64
N ASN B 38 -7.99 -28.21 104.18
CA ASN B 38 -8.32 -29.37 103.38
C ASN B 38 -9.76 -29.31 102.86
N ASN B 39 -10.70 -28.91 103.71
CA ASN B 39 -12.13 -29.00 103.38
C ASN B 39 -12.73 -27.71 102.85
N ILE B 40 -11.94 -26.64 102.72
CA ILE B 40 -12.50 -25.37 102.26
C ILE B 40 -12.68 -25.41 100.74
N ASP B 41 -13.79 -24.86 100.27
CA ASP B 41 -14.10 -24.86 98.85
C ASP B 41 -13.14 -23.94 98.09
N PRO B 42 -12.80 -24.30 96.85
CA PRO B 42 -11.88 -23.45 96.08
C PRO B 42 -12.54 -22.16 95.62
N VAL B 43 -11.70 -21.14 95.43
CA VAL B 43 -12.20 -19.86 94.92
C VAL B 43 -12.60 -19.99 93.46
N GLY B 44 -11.90 -20.83 92.70
CA GLY B 44 -12.18 -20.98 91.29
C GLY B 44 -11.47 -19.95 90.45
N ARG B 45 -11.66 -20.06 89.14
CA ARG B 45 -11.05 -19.13 88.20
C ARG B 45 -11.74 -17.77 88.27
N ILE B 46 -10.94 -16.71 88.35
CA ILE B 46 -11.43 -15.34 88.41
C ILE B 46 -10.85 -14.59 87.22
N GLN B 47 -11.71 -13.96 86.42
CA GLN B 47 -11.30 -13.26 85.22
C GLN B 47 -11.53 -11.76 85.40
N MET B 48 -10.48 -10.98 85.17
CA MET B 48 -10.55 -9.53 85.30
C MET B 48 -10.15 -8.88 83.98
N ARG B 49 -10.76 -7.72 83.71
CA ARG B 49 -10.57 -7.02 82.45
C ARG B 49 -10.07 -5.61 82.71
N THR B 50 -9.26 -5.10 81.77
CA THR B 50 -8.81 -3.72 81.86
C THR B 50 -9.97 -2.78 81.61
N ARG B 51 -10.19 -1.85 82.53
CA ARG B 51 -11.23 -0.84 82.38
C ARG B 51 -10.70 0.52 81.95
N ARG B 52 -9.55 0.95 82.48
CA ARG B 52 -8.96 2.23 82.12
C ARG B 52 -7.46 2.03 81.91
N THR B 53 -6.95 2.59 80.82
CA THR B 53 -5.53 2.57 80.51
C THR B 53 -5.02 4.00 80.43
N LEU B 54 -3.83 4.24 80.98
CA LEU B 54 -3.30 5.58 81.13
C LEU B 54 -1.99 5.72 80.36
N ARG B 55 -1.84 6.85 79.67
CA ARG B 55 -0.67 7.11 78.85
C ARG B 55 -0.12 8.49 79.15
N GLY B 56 1.15 8.70 78.80
CA GLY B 56 1.78 9.98 79.00
C GLY B 56 3.25 9.92 79.39
N HIS B 57 3.70 8.77 79.89
CA HIS B 57 5.10 8.60 80.20
C HIS B 57 5.92 8.34 78.94
N LEU B 58 7.24 8.43 79.08
CA LEU B 58 8.14 8.23 77.95
C LEU B 58 9.33 7.33 78.27
N ALA B 59 9.38 6.72 79.45
CA ALA B 59 10.51 5.87 79.82
C ALA B 59 9.99 4.75 80.70
N LYS B 60 10.92 3.96 81.24
CA LYS B 60 10.55 2.84 82.10
C LYS B 60 9.95 3.34 83.40
N ILE B 61 8.94 2.64 83.89
CA ILE B 61 8.23 2.98 85.12
C ILE B 61 8.76 2.10 86.23
N TYR B 62 9.15 2.73 87.35
CA TYR B 62 9.83 2.01 88.43
C TYR B 62 9.05 1.95 89.73
N ALA B 63 7.97 2.71 89.89
CA ALA B 63 7.27 2.74 91.16
C ALA B 63 5.82 3.17 90.96
N MET B 64 5.01 2.90 91.97
CA MET B 64 3.59 3.24 91.98
C MET B 64 3.09 3.11 93.42
N HIS B 65 2.11 3.94 93.77
CA HIS B 65 1.52 3.89 95.10
C HIS B 65 0.12 4.48 95.05
N TRP B 66 -0.87 3.68 95.44
CA TRP B 66 -2.25 4.13 95.42
C TRP B 66 -2.51 5.16 96.51
N GLY B 67 -3.50 6.01 96.27
CA GLY B 67 -3.88 7.01 97.25
C GLY B 67 -4.76 6.44 98.35
N THR B 68 -4.95 7.26 99.38
CA THR B 68 -5.80 6.85 100.51
C THR B 68 -7.28 6.96 100.19
N ASP B 69 -7.66 7.70 99.16
CA ASP B 69 -9.05 7.79 98.72
C ASP B 69 -9.36 6.84 97.58
N SER B 70 -8.39 6.02 97.15
CA SER B 70 -8.56 5.04 96.10
C SER B 70 -9.02 5.66 94.78
N ARG B 71 -8.61 6.89 94.50
CA ARG B 71 -8.93 7.53 93.23
C ARG B 71 -7.73 8.20 92.57
N LEU B 72 -6.69 8.55 93.33
CA LEU B 72 -5.50 9.18 92.77
C LEU B 72 -4.29 8.31 93.08
N LEU B 73 -3.42 8.14 92.08
CA LEU B 73 -2.21 7.33 92.23
C LEU B 73 -1.03 8.08 91.65
N VAL B 74 0.16 7.83 92.23
CA VAL B 74 1.39 8.49 91.84
C VAL B 74 2.34 7.47 91.24
N SER B 75 2.97 7.84 90.13
CA SER B 75 3.91 6.98 89.42
C SER B 75 5.15 7.78 89.04
N ALA B 76 6.28 7.09 88.97
CA ALA B 76 7.56 7.72 88.66
C ALA B 76 8.28 6.91 87.58
N SER B 77 9.03 7.60 86.73
CA SER B 77 9.79 6.99 85.65
C SER B 77 11.25 7.45 85.71
N GLN B 78 12.07 6.83 84.85
CA GLN B 78 13.48 7.23 84.79
C GLN B 78 13.63 8.67 84.32
N ASP B 79 12.79 9.08 83.38
CA ASP B 79 12.80 10.51 82.97
C ASP B 79 12.40 11.31 84.20
N GLY B 80 12.76 12.59 84.27
CA GLY B 80 12.48 13.32 85.52
C GLY B 80 11.04 13.79 85.59
N LYS B 81 10.10 12.85 85.78
CA LYS B 81 8.67 13.20 85.84
C LYS B 81 7.99 12.48 87.01
N LEU B 82 7.01 13.11 87.65
CA LEU B 82 6.24 12.48 88.75
C LEU B 82 4.79 12.88 88.52
N ILE B 83 4.01 12.06 87.81
CA ILE B 83 2.65 12.38 87.39
C ILE B 83 1.67 11.85 88.43
N ILE B 84 0.70 12.69 88.80
CA ILE B 84 -0.41 12.28 89.65
C ILE B 84 -1.60 12.03 88.76
N TRP B 85 -2.11 10.80 88.77
CA TRP B 85 -3.14 10.38 87.84
C TRP B 85 -4.53 10.54 88.47
N ASP B 86 -5.53 10.03 87.77
CA ASP B 86 -6.91 10.02 88.27
C ASP B 86 -7.60 8.83 87.61
N SER B 87 -7.86 7.80 88.41
CA SER B 87 -8.32 6.52 87.85
C SER B 87 -9.74 6.58 87.32
N TYR B 88 -10.61 7.41 87.89
CA TYR B 88 -11.99 7.47 87.44
C TYR B 88 -12.08 8.05 86.03
N THR B 89 -11.42 9.17 85.80
CA THR B 89 -11.32 9.79 84.48
C THR B 89 -9.86 10.12 84.24
N THR B 90 -9.34 9.73 83.07
CA THR B 90 -7.91 9.84 82.79
C THR B 90 -7.54 11.31 82.54
N ASN B 91 -7.30 12.03 83.63
CA ASN B 91 -6.86 13.41 83.57
C ASN B 91 -5.70 13.59 84.54
N LYS B 92 -4.55 14.00 84.01
CA LYS B 92 -3.41 14.29 84.85
C LYS B 92 -3.63 15.59 85.62
N VAL B 93 -3.12 15.63 86.86
CA VAL B 93 -3.28 16.76 87.75
C VAL B 93 -1.97 17.53 87.92
N HIS B 94 -0.88 16.81 88.23
CA HIS B 94 0.42 17.42 88.46
C HIS B 94 1.48 16.65 87.70
N ALA B 95 2.56 17.36 87.36
CA ALA B 95 3.75 16.74 86.77
C ALA B 95 4.95 17.52 87.26
N ILE B 96 5.67 16.98 88.23
CA ILE B 96 6.72 17.68 88.96
C ILE B 96 8.06 17.33 88.33
N PRO B 97 8.77 18.28 87.74
CA PRO B 97 10.13 18.01 87.27
C PRO B 97 11.05 17.65 88.43
N LEU B 98 12.02 16.80 88.15
CA LEU B 98 12.94 16.28 89.14
C LEU B 98 14.36 16.66 88.80
N ARG B 99 15.14 17.02 89.83
CA ARG B 99 16.52 17.44 89.61
C ARG B 99 17.36 16.29 89.07
N SER B 100 17.20 15.10 89.64
CA SER B 100 17.96 13.91 89.23
C SER B 100 17.00 12.91 88.60
N SER B 101 17.33 12.47 87.39
CA SER B 101 16.47 11.55 86.64
C SER B 101 16.87 10.10 86.86
N TRP B 102 16.97 9.68 88.12
CA TRP B 102 17.27 8.31 88.47
C TRP B 102 16.36 7.84 89.60
N VAL B 103 15.07 8.09 89.45
CA VAL B 103 14.09 7.74 90.47
C VAL B 103 13.94 6.23 90.54
N MET B 104 13.82 5.71 91.76
CA MET B 104 13.62 4.29 92.00
C MET B 104 12.36 3.96 92.78
N THR B 105 11.86 4.88 93.61
CA THR B 105 10.67 4.64 94.41
C THR B 105 9.84 5.91 94.50
N CYS B 106 8.57 5.73 94.88
CA CYS B 106 7.67 6.84 95.13
C CYS B 106 6.70 6.42 96.22
N ALA B 107 6.10 7.42 96.86
CA ALA B 107 5.13 7.17 97.92
C ALA B 107 4.11 8.29 97.92
N TYR B 108 2.95 8.02 98.51
CA TYR B 108 1.85 8.97 98.55
C TYR B 108 1.40 9.12 100.00
N ALA B 109 1.19 10.37 100.42
CA ALA B 109 0.91 10.64 101.82
C ALA B 109 -0.45 10.09 102.23
N PRO B 110 -0.56 9.53 103.43
CA PRO B 110 -1.88 9.14 103.94
C PRO B 110 -2.83 10.33 104.07
N SER B 111 -2.30 11.50 104.43
CA SER B 111 -3.13 12.69 104.50
C SER B 111 -3.47 13.21 103.12
N GLY B 112 -2.60 12.96 102.14
CA GLY B 112 -2.83 13.38 100.78
C GLY B 112 -2.17 14.68 100.39
N ASN B 113 -1.24 15.19 101.20
CA ASN B 113 -0.63 16.49 100.95
C ASN B 113 0.83 16.41 100.51
N TYR B 114 1.41 15.22 100.42
CA TYR B 114 2.82 15.11 100.09
C TYR B 114 3.06 13.85 99.25
N VAL B 115 4.19 13.85 98.55
CA VAL B 115 4.70 12.69 97.82
C VAL B 115 6.20 12.59 98.09
N ALA B 116 6.82 11.54 97.59
CA ALA B 116 8.24 11.29 97.83
C ALA B 116 8.89 10.76 96.57
N CYS B 117 10.22 10.71 96.59
CA CYS B 117 11.02 10.20 95.48
C CYS B 117 12.28 9.56 96.06
N GLY B 118 13.25 9.31 95.21
CA GLY B 118 14.51 8.75 95.65
C GLY B 118 15.13 7.88 94.58
N GLY B 119 16.43 7.63 94.74
CA GLY B 119 17.14 6.83 93.74
C GLY B 119 18.63 6.83 94.02
N LEU B 120 19.40 6.71 92.94
CA LEU B 120 20.86 6.61 93.04
C LEU B 120 21.49 7.87 93.60
N ASP B 121 20.77 9.00 93.60
CA ASP B 121 21.29 10.23 94.16
C ASP B 121 21.47 10.17 95.67
N ASN B 122 20.92 9.14 96.33
CA ASN B 122 21.08 8.92 97.77
C ASN B 122 20.49 10.05 98.59
N ILE B 123 19.43 10.67 98.07
CA ILE B 123 18.69 11.70 98.79
C ILE B 123 17.20 11.46 98.61
N CYS B 124 16.47 11.51 99.72
CA CYS B 124 15.01 11.44 99.70
C CYS B 124 14.44 12.85 99.68
N SER B 125 13.53 13.09 98.74
CA SER B 125 12.95 14.42 98.56
C SER B 125 11.46 14.37 98.80
N ILE B 126 10.95 15.39 99.49
CA ILE B 126 9.53 15.51 99.80
C ILE B 126 8.98 16.72 99.06
N TYR B 127 7.90 16.52 98.32
CA TYR B 127 7.31 17.56 97.47
C TYR B 127 6.00 18.04 98.06
N ASN B 128 5.78 19.35 98.01
CA ASN B 128 4.57 19.98 98.52
C ASN B 128 3.45 19.79 97.51
N LEU B 129 2.80 18.62 97.58
CA LEU B 129 1.69 18.34 96.67
C LEU B 129 0.53 19.29 96.93
N LYS B 130 0.28 19.62 98.19
CA LYS B 130 -0.78 20.57 98.52
C LYS B 130 -0.45 21.94 97.92
N THR B 131 -1.51 22.70 97.61
CA THR B 131 -1.33 24.00 96.99
C THR B 131 -0.50 24.92 97.86
N ARG B 132 0.71 25.23 97.41
CA ARG B 132 1.62 26.15 98.09
C ARG B 132 1.90 27.29 97.10
N GLU B 133 1.05 28.32 97.15
CA GLU B 133 1.09 29.47 96.25
C GLU B 133 0.89 29.06 94.79
N GLY B 134 0.24 27.92 94.54
CA GLY B 134 -0.02 27.47 93.20
C GLY B 134 1.11 26.75 92.51
N ASN B 135 2.22 26.51 93.21
CA ASN B 135 3.38 25.85 92.62
C ASN B 135 3.90 24.80 93.57
N VAL B 136 4.62 23.83 93.01
CA VAL B 136 5.20 22.72 93.77
C VAL B 136 6.70 22.93 93.85
N ARG B 137 7.24 22.81 95.06
CA ARG B 137 8.67 22.98 95.30
C ARG B 137 9.15 21.91 96.26
N VAL B 138 10.46 21.64 96.24
CA VAL B 138 11.05 20.64 97.11
C VAL B 138 11.02 21.17 98.54
N SER B 139 10.20 20.54 99.40
CA SER B 139 10.08 21.00 100.78
C SER B 139 11.38 20.79 101.54
N ARG B 140 11.93 19.59 101.48
CA ARG B 140 13.16 19.27 102.19
C ARG B 140 13.84 18.08 101.52
N GLU B 141 15.17 18.12 101.51
CA GLU B 141 15.99 17.03 101.00
C GLU B 141 16.71 16.39 102.17
N LEU B 142 16.48 15.10 102.38
CA LEU B 142 17.06 14.37 103.51
C LEU B 142 18.31 13.63 103.02
N ALA B 143 19.47 14.02 103.55
CA ALA B 143 20.74 13.44 103.15
C ALA B 143 21.42 12.81 104.36
N GLY B 144 22.27 11.83 104.08
CA GLY B 144 22.98 11.12 105.12
C GLY B 144 23.16 9.65 104.81
N HIS B 145 22.33 9.11 103.93
CA HIS B 145 22.53 7.74 103.47
C HIS B 145 23.75 7.67 102.54
N THR B 146 24.42 6.52 102.59
CA THR B 146 25.61 6.31 101.75
C THR B 146 25.24 5.76 100.38
N GLY B 147 24.53 4.63 100.35
CA GLY B 147 24.13 4.01 99.10
C GLY B 147 22.82 4.55 98.57
N TYR B 148 22.33 3.90 97.53
CA TYR B 148 21.08 4.30 96.90
C TYR B 148 19.90 4.02 97.82
N LEU B 149 18.87 4.86 97.71
CA LEU B 149 17.62 4.69 98.44
C LEU B 149 16.70 3.82 97.62
N SER B 150 16.29 2.68 98.18
CA SER B 150 15.56 1.67 97.41
C SER B 150 14.11 1.50 97.86
N CYS B 151 13.67 2.24 98.88
CA CYS B 151 12.28 2.20 99.31
C CYS B 151 12.05 3.31 100.32
N CYS B 152 10.79 3.72 100.44
CA CYS B 152 10.39 4.73 101.41
C CYS B 152 8.88 4.67 101.59
N ARG B 153 8.43 4.89 102.82
CA ARG B 153 7.00 4.88 103.15
C ARG B 153 6.75 5.92 104.22
N PHE B 154 5.65 6.66 104.07
CA PHE B 154 5.32 7.73 105.02
C PHE B 154 4.58 7.17 106.22
N LEU B 155 5.04 7.45 107.44
CA LEU B 155 4.31 7.07 108.65
C LEU B 155 3.28 8.11 109.02
N ASP B 156 3.63 9.39 108.88
CA ASP B 156 2.74 10.50 109.19
C ASP B 156 3.16 11.70 108.34
N ASP B 157 2.64 12.87 108.68
CA ASP B 157 3.00 14.10 107.98
C ASP B 157 4.34 14.67 108.44
N ASN B 158 4.96 14.08 109.47
CA ASN B 158 6.24 14.55 109.98
C ASN B 158 7.29 13.47 110.12
N GLN B 159 6.94 12.19 109.98
CA GLN B 159 7.87 11.08 110.14
C GLN B 159 7.89 10.25 108.88
N ILE B 160 9.08 9.87 108.43
CA ILE B 160 9.26 9.10 107.21
C ILE B 160 10.29 8.00 107.45
N VAL B 161 10.02 6.82 106.92
CA VAL B 161 10.91 5.67 107.04
C VAL B 161 11.46 5.35 105.66
N THR B 162 12.78 5.28 105.56
CA THR B 162 13.46 4.98 104.30
C THR B 162 14.43 3.84 104.49
N SER B 163 14.61 3.05 103.43
CA SER B 163 15.58 1.98 103.39
C SER B 163 16.53 2.20 102.22
N SER B 164 17.80 1.90 102.43
CA SER B 164 18.82 2.23 101.46
C SER B 164 19.73 1.03 101.23
N GLY B 165 20.63 1.18 100.27
CA GLY B 165 21.62 0.17 99.93
C GLY B 165 22.83 0.14 100.83
N ASP B 166 22.85 0.96 101.87
CA ASP B 166 23.92 0.94 102.87
C ASP B 166 23.69 -0.12 103.93
N THR B 167 22.84 -1.11 103.67
CA THR B 167 22.46 -2.13 104.64
C THR B 167 21.94 -1.50 105.92
N THR B 168 21.08 -0.50 105.78
CA THR B 168 20.62 0.27 106.93
C THR B 168 19.29 0.94 106.60
N CYS B 169 18.33 0.81 107.51
CA CYS B 169 17.08 1.56 107.47
C CYS B 169 17.16 2.71 108.48
N ALA B 170 16.29 3.69 108.31
CA ALA B 170 16.34 4.87 109.17
C ALA B 170 14.95 5.48 109.30
N LEU B 171 14.77 6.25 110.36
CA LEU B 171 13.57 7.03 110.61
C LEU B 171 13.97 8.50 110.69
N TRP B 172 13.40 9.32 109.81
CA TRP B 172 13.80 10.71 109.69
C TRP B 172 12.81 11.63 110.40
N ASP B 173 13.15 12.92 110.39
CA ASP B 173 12.30 13.98 110.92
C ASP B 173 12.22 15.07 109.85
N ILE B 174 11.05 15.20 109.22
CA ILE B 174 10.89 16.15 108.12
C ILE B 174 11.03 17.58 108.59
N GLU B 175 10.57 17.91 109.79
CA GLU B 175 10.66 19.28 110.29
C GLU B 175 12.10 19.72 110.49
N THR B 176 12.97 18.83 110.97
CA THR B 176 14.35 19.16 111.26
C THR B 176 15.33 18.71 110.20
N GLY B 177 15.17 17.50 109.65
CA GLY B 177 16.04 17.02 108.61
C GLY B 177 17.15 16.09 109.05
N GLN B 178 17.17 15.68 110.31
CA GLN B 178 18.18 14.76 110.82
C GLN B 178 17.49 13.51 111.34
N GLN B 179 18.04 12.35 111.00
CA GLN B 179 17.47 11.08 111.43
C GLN B 179 17.60 10.92 112.94
N THR B 180 16.52 10.44 113.57
CA THR B 180 16.49 10.27 115.01
C THR B 180 16.80 8.85 115.46
N THR B 181 16.51 7.85 114.62
CA THR B 181 16.78 6.46 114.95
C THR B 181 17.36 5.77 113.73
N THR B 182 18.32 4.88 113.96
CA THR B 182 18.96 4.12 112.89
C THR B 182 18.83 2.64 113.17
N PHE B 183 18.35 1.89 112.18
CA PHE B 183 18.17 0.44 112.30
C PHE B 183 19.35 -0.24 111.61
N THR B 184 20.10 -1.03 112.37
CA THR B 184 21.24 -1.77 111.87
C THR B 184 21.06 -3.25 112.16
N GLY B 185 21.76 -4.08 111.39
CA GLY B 185 21.71 -5.50 111.57
C GLY B 185 21.70 -6.30 110.28
N HIS B 186 21.21 -5.67 109.20
CA HIS B 186 21.21 -6.35 107.91
C HIS B 186 22.62 -6.43 107.34
N THR B 187 22.94 -7.58 106.76
CA THR B 187 24.24 -7.81 106.13
C THR B 187 24.21 -7.65 104.62
N GLY B 188 23.07 -7.25 104.05
CA GLY B 188 22.96 -7.07 102.62
C GLY B 188 22.17 -5.81 102.29
N ASP B 189 22.10 -5.52 101.00
CA ASP B 189 21.41 -4.32 100.55
C ASP B 189 19.90 -4.49 100.72
N VAL B 190 19.30 -3.64 101.55
CA VAL B 190 17.86 -3.73 101.80
C VAL B 190 17.11 -3.29 100.56
N MET B 191 16.14 -4.09 100.14
CA MET B 191 15.44 -3.89 98.88
C MET B 191 13.98 -3.52 99.01
N SER B 192 13.31 -3.93 100.08
CA SER B 192 11.88 -3.70 100.22
C SER B 192 11.57 -3.28 101.66
N LEU B 193 10.39 -2.67 101.83
CA LEU B 193 9.97 -2.17 103.13
C LEU B 193 8.45 -1.96 103.15
N SER B 194 7.79 -2.48 104.18
CA SER B 194 6.35 -2.29 104.34
C SER B 194 6.05 -2.03 105.81
N LEU B 195 4.96 -1.31 106.06
CA LEU B 195 4.56 -0.91 107.40
C LEU B 195 3.34 -1.70 107.87
N ALA B 196 3.22 -1.82 109.18
CA ALA B 196 2.04 -2.42 109.77
C ALA B 196 0.90 -1.41 109.85
N PRO B 197 -0.35 -1.88 109.88
CA PRO B 197 -1.48 -0.94 109.96
C PRO B 197 -1.45 -0.06 111.21
N ASP B 198 -0.96 -0.59 112.33
CA ASP B 198 -0.92 0.19 113.57
C ASP B 198 0.20 1.22 113.57
N THR B 199 1.10 1.20 112.59
CA THR B 199 2.22 2.14 112.49
C THR B 199 3.09 2.10 113.74
N ARG B 200 3.42 0.90 114.20
CA ARG B 200 4.33 0.73 115.33
C ARG B 200 5.44 -0.25 114.98
N LEU B 201 5.20 -1.09 113.96
CA LEU B 201 6.17 -2.07 113.51
C LEU B 201 6.24 -2.05 111.99
N PHE B 202 7.39 -2.49 111.47
CA PHE B 202 7.57 -2.60 110.03
C PHE B 202 8.58 -3.70 109.74
N VAL B 203 8.53 -4.21 108.51
CA VAL B 203 9.39 -5.30 108.09
C VAL B 203 10.19 -4.86 106.87
N SER B 204 11.31 -5.56 106.64
CA SER B 204 12.18 -5.24 105.52
C SER B 204 12.91 -6.50 105.08
N GLY B 205 13.40 -6.48 103.84
CA GLY B 205 14.17 -7.58 103.30
C GLY B 205 15.39 -7.10 102.55
N ALA B 206 16.47 -7.87 102.56
CA ALA B 206 17.73 -7.47 101.96
C ALA B 206 18.27 -8.58 101.07
N CYS B 207 19.38 -8.29 100.41
CA CYS B 207 19.96 -9.21 99.43
C CYS B 207 20.40 -10.51 100.10
N ASP B 208 20.74 -10.46 101.38
CA ASP B 208 20.95 -11.67 102.16
C ASP B 208 19.58 -12.22 102.54
N ALA B 209 19.42 -13.54 102.44
CA ALA B 209 18.11 -14.14 102.63
C ALA B 209 17.73 -14.01 104.10
N SER B 210 16.92 -12.99 104.40
CA SER B 210 16.52 -12.69 105.77
C SER B 210 15.43 -11.63 105.72
N ALA B 211 14.53 -11.70 106.69
CA ALA B 211 13.51 -10.67 106.89
C ALA B 211 13.41 -10.39 108.38
N LYS B 212 13.34 -9.11 108.73
CA LYS B 212 13.38 -8.69 110.12
C LYS B 212 12.12 -7.94 110.49
N LEU B 213 11.79 -7.97 111.77
CA LEU B 213 10.62 -7.27 112.32
C LEU B 213 11.12 -6.26 113.34
N TRP B 214 11.21 -5.00 112.94
CA TRP B 214 11.69 -3.94 113.80
C TRP B 214 10.52 -3.26 114.52
N ASP B 215 10.86 -2.39 115.46
CA ASP B 215 9.90 -1.50 116.10
C ASP B 215 10.39 -0.07 116.01
N VAL B 216 9.46 0.85 115.71
CA VAL B 216 9.84 2.22 115.45
C VAL B 216 10.12 3.00 116.74
N ARG B 217 9.73 2.47 117.90
CA ARG B 217 9.95 3.18 119.15
C ARG B 217 11.30 2.83 119.78
N GLU B 218 11.52 1.54 120.08
CA GLU B 218 12.78 1.11 120.66
C GLU B 218 13.90 1.03 119.64
N GLY B 219 13.58 0.82 118.37
CA GLY B 219 14.60 0.72 117.34
C GLY B 219 15.50 -0.49 117.47
N MET B 220 14.93 -1.66 117.75
CA MET B 220 15.70 -2.88 117.92
C MET B 220 14.99 -4.04 117.23
N CYS B 221 15.77 -4.86 116.53
CA CYS B 221 15.24 -6.07 115.94
C CYS B 221 14.86 -7.08 117.02
N ARG B 222 13.81 -7.85 116.75
CA ARG B 222 13.34 -8.81 117.74
C ARG B 222 13.14 -10.21 117.13
N GLN B 223 12.85 -10.27 115.83
CA GLN B 223 12.63 -11.55 115.17
C GLN B 223 13.30 -11.54 113.80
N THR B 224 13.69 -12.73 113.35
CA THR B 224 14.32 -12.91 112.05
C THR B 224 13.73 -14.13 111.36
N PHE B 225 13.30 -13.96 110.12
CA PHE B 225 12.72 -15.05 109.33
C PHE B 225 13.64 -15.36 108.15
N THR B 226 13.97 -16.64 107.99
CA THR B 226 14.75 -17.11 106.86
C THR B 226 13.91 -18.13 106.07
N GLY B 227 14.54 -18.73 105.06
CA GLY B 227 13.87 -19.72 104.25
C GLY B 227 14.11 -19.55 102.76
N HIS B 228 14.26 -18.30 102.32
CA HIS B 228 14.59 -18.03 100.93
C HIS B 228 16.05 -18.42 100.66
N GLU B 229 16.36 -18.58 99.37
CA GLU B 229 17.72 -18.94 98.95
C GLU B 229 18.29 -17.94 97.96
N SER B 230 17.69 -16.77 97.80
CA SER B 230 18.18 -15.75 96.88
C SER B 230 17.72 -14.38 97.37
N ASP B 231 17.90 -13.38 96.52
CA ASP B 231 17.54 -12.01 96.87
C ASP B 231 16.03 -11.87 97.04
N ILE B 232 15.63 -10.98 97.94
CA ILE B 232 14.23 -10.67 98.17
C ILE B 232 13.96 -9.28 97.63
N ASN B 233 12.84 -9.11 96.92
CA ASN B 233 12.54 -7.87 96.21
C ASN B 233 11.32 -7.14 96.73
N ALA B 234 10.28 -7.87 97.15
CA ALA B 234 9.03 -7.23 97.57
C ALA B 234 8.53 -7.88 98.86
N ILE B 235 7.73 -7.10 99.60
CA ILE B 235 7.16 -7.56 100.86
C ILE B 235 5.91 -6.73 101.16
N CYS B 236 4.97 -7.33 101.89
CA CYS B 236 3.76 -6.64 102.31
C CYS B 236 3.09 -7.41 103.44
N PHE B 237 2.35 -6.69 104.28
CA PHE B 237 1.68 -7.30 105.41
C PHE B 237 0.34 -7.89 105.03
N PHE B 238 -0.13 -8.82 105.86
CA PHE B 238 -1.50 -9.33 105.82
C PHE B 238 -2.45 -8.27 106.37
N PRO B 239 -3.70 -8.26 105.90
CA PRO B 239 -4.65 -7.24 106.40
C PRO B 239 -4.80 -7.19 107.91
N ASN B 240 -4.77 -8.34 108.59
CA ASN B 240 -4.93 -8.34 110.05
C ASN B 240 -3.68 -7.86 110.77
N GLY B 241 -2.54 -7.75 110.08
CA GLY B 241 -1.31 -7.31 110.69
C GLY B 241 -0.52 -8.37 111.41
N ASN B 242 -0.92 -9.64 111.31
CA ASN B 242 -0.24 -10.73 112.00
C ASN B 242 0.49 -11.67 111.04
N ALA B 243 0.66 -11.28 109.78
CA ALA B 243 1.38 -12.11 108.82
C ALA B 243 1.87 -11.22 107.69
N PHE B 244 2.80 -11.76 106.91
CA PHE B 244 3.29 -11.06 105.73
C PHE B 244 3.75 -12.08 104.70
N ALA B 245 3.77 -11.64 103.44
CA ALA B 245 4.17 -12.48 102.32
C ALA B 245 5.38 -11.87 101.63
N THR B 246 6.27 -12.73 101.14
CA THR B 246 7.53 -12.31 100.55
C THR B 246 7.60 -12.73 99.09
N GLY B 247 8.48 -12.07 98.36
CA GLY B 247 8.73 -12.40 96.97
C GLY B 247 10.20 -12.29 96.63
N SER B 248 10.77 -13.35 96.08
CA SER B 248 12.21 -13.45 95.86
C SER B 248 12.50 -13.68 94.38
N ASP B 249 13.78 -13.92 94.08
CA ASP B 249 14.21 -14.24 92.72
C ASP B 249 14.22 -15.74 92.46
N ASP B 250 13.78 -16.55 93.42
CA ASP B 250 13.72 -17.99 93.27
C ASP B 250 12.39 -18.45 92.66
N ALA B 251 11.61 -17.53 92.10
CA ALA B 251 10.30 -17.83 91.53
C ALA B 251 9.34 -18.40 92.58
N THR B 252 9.52 -18.01 93.84
CA THR B 252 8.71 -18.52 94.93
C THR B 252 8.24 -17.38 95.81
N CYS B 253 7.03 -17.52 96.33
CA CYS B 253 6.46 -16.61 97.33
C CYS B 253 6.08 -17.43 98.56
N ARG B 254 6.36 -16.88 99.74
CA ARG B 254 6.13 -17.60 100.99
C ARG B 254 5.32 -16.73 101.94
N LEU B 255 4.68 -17.39 102.90
CA LEU B 255 3.85 -16.73 103.89
C LEU B 255 4.40 -17.02 105.28
N PHE B 256 4.73 -15.96 106.02
CA PHE B 256 5.20 -16.07 107.39
C PHE B 256 4.19 -15.46 108.34
N ASP B 257 4.18 -15.95 109.58
CA ASP B 257 3.31 -15.44 110.63
C ASP B 257 4.16 -15.03 111.82
N LEU B 258 3.86 -13.86 112.39
CA LEU B 258 4.69 -13.31 113.45
C LEU B 258 4.52 -14.09 114.74
N ARG B 259 3.29 -14.44 115.10
CA ARG B 259 3.04 -15.10 116.38
C ARG B 259 3.69 -16.49 116.43
N ALA B 260 3.56 -17.27 115.37
CA ALA B 260 4.09 -18.63 115.38
C ALA B 260 5.55 -18.69 114.96
N ASP B 261 6.09 -17.60 114.41
CA ASP B 261 7.53 -17.50 114.02
C ASP B 261 7.91 -18.70 113.14
N GLN B 262 7.35 -18.78 111.92
CA GLN B 262 7.60 -19.97 111.07
C GLN B 262 7.20 -19.72 109.63
N GLU B 263 7.06 -20.79 108.83
CA GLU B 263 6.76 -20.66 107.42
C GLU B 263 5.63 -21.63 107.06
N LEU B 264 4.65 -21.13 106.31
CA LEU B 264 3.43 -21.88 106.04
C LEU B 264 3.36 -22.46 104.64
N MET B 265 3.48 -21.62 103.60
CA MET B 265 3.27 -22.06 102.23
C MET B 265 4.42 -21.60 101.35
N THR B 266 4.53 -22.24 100.18
CA THR B 266 5.51 -21.89 99.15
C THR B 266 4.77 -21.80 97.83
N TYR B 267 4.26 -20.62 97.49
CA TYR B 267 3.50 -20.43 96.26
C TYR B 267 4.45 -20.47 95.07
N SER B 268 4.38 -21.55 94.29
CA SER B 268 5.24 -21.70 93.12
C SER B 268 4.59 -22.69 92.16
N HIS B 269 5.19 -22.79 90.97
CA HIS B 269 4.73 -23.73 89.96
C HIS B 269 5.90 -24.10 89.06
N ASP B 270 5.75 -25.22 88.36
CA ASP B 270 6.81 -25.68 87.46
C ASP B 270 6.99 -24.73 86.29
N ASN B 271 5.90 -24.08 85.84
CA ASN B 271 5.94 -23.27 84.64
C ASN B 271 6.57 -21.90 84.86
N ILE B 272 6.75 -21.46 86.10
CA ILE B 272 7.29 -20.13 86.40
C ILE B 272 8.73 -20.29 86.86
N ILE B 273 9.63 -19.56 86.20
CA ILE B 273 11.05 -19.58 86.56
C ILE B 273 11.59 -18.21 86.92
N CYS B 274 11.02 -17.12 86.41
CA CYS B 274 11.55 -15.80 86.67
C CYS B 274 11.23 -15.34 88.09
N GLY B 275 11.91 -14.28 88.53
CA GLY B 275 11.73 -13.78 89.87
C GLY B 275 10.49 -12.93 90.03
N ILE B 276 10.26 -12.52 91.28
CA ILE B 276 9.10 -11.70 91.64
C ILE B 276 9.57 -10.29 91.94
N THR B 277 8.87 -9.30 91.37
CA THR B 277 9.22 -7.91 91.57
C THR B 277 8.24 -7.15 92.45
N SER B 278 7.00 -7.63 92.60
CA SER B 278 6.02 -6.92 93.41
C SER B 278 5.01 -7.91 93.97
N VAL B 279 4.61 -7.69 95.21
CA VAL B 279 3.66 -8.55 95.91
C VAL B 279 2.64 -7.66 96.61
N SER B 280 1.36 -8.04 96.52
CA SER B 280 0.30 -7.27 97.17
C SER B 280 -0.82 -8.22 97.59
N PHE B 281 -1.44 -7.90 98.71
CA PHE B 281 -2.58 -8.65 99.22
C PHE B 281 -3.89 -8.00 98.84
N SER B 282 -4.91 -8.82 98.62
CA SER B 282 -6.26 -8.32 98.46
C SER B 282 -6.93 -8.16 99.82
N LYS B 283 -8.10 -7.54 99.83
CA LYS B 283 -8.85 -7.38 101.07
C LYS B 283 -9.26 -8.75 101.61
N SER B 284 -9.23 -8.87 102.94
CA SER B 284 -9.54 -10.10 103.66
C SER B 284 -8.48 -11.18 103.43
N GLY B 285 -7.50 -10.89 102.59
CA GLY B 285 -6.35 -11.76 102.44
C GLY B 285 -6.59 -13.03 101.66
N ARG B 286 -7.74 -13.19 101.02
CA ARG B 286 -7.99 -14.41 100.27
C ARG B 286 -7.18 -14.48 98.99
N LEU B 287 -7.03 -13.36 98.28
CA LEU B 287 -6.32 -13.32 97.00
C LEU B 287 -4.97 -12.64 97.19
N LEU B 288 -3.93 -13.26 96.65
CA LEU B 288 -2.58 -12.71 96.67
C LEU B 288 -2.14 -12.42 95.23
N LEU B 289 -1.68 -11.20 95.00
CA LEU B 289 -1.25 -10.76 93.68
C LEU B 289 0.27 -10.67 93.63
N ALA B 290 0.85 -11.20 92.56
CA ALA B 290 2.30 -11.21 92.40
C ALA B 290 2.67 -10.72 91.01
N GLY B 291 3.81 -10.05 90.91
CA GLY B 291 4.33 -9.57 89.64
C GLY B 291 5.59 -10.33 89.27
N TYR B 292 5.63 -10.78 88.02
CA TYR B 292 6.73 -11.60 87.53
C TYR B 292 7.46 -10.88 86.40
N ASP B 293 8.64 -11.40 86.07
CA ASP B 293 9.45 -10.82 85.01
C ASP B 293 8.95 -11.20 83.62
N ASP B 294 8.30 -12.35 83.49
CA ASP B 294 7.87 -12.81 82.17
C ASP B 294 6.55 -12.16 81.73
N PHE B 295 6.49 -10.84 81.81
CA PHE B 295 5.41 -10.01 81.28
C PHE B 295 4.04 -10.34 81.87
N ASN B 296 3.97 -11.11 82.95
CA ASN B 296 2.70 -11.62 83.45
C ASN B 296 2.51 -11.27 84.92
N CYS B 297 1.24 -11.18 85.32
CA CYS B 297 0.85 -11.00 86.71
C CYS B 297 -0.05 -12.15 87.10
N ASN B 298 0.17 -12.70 88.29
CA ASN B 298 -0.48 -13.93 88.73
C ASN B 298 -1.37 -13.66 89.94
N VAL B 299 -2.46 -14.41 90.02
CA VAL B 299 -3.38 -14.37 91.14
C VAL B 299 -3.33 -15.72 91.84
N TRP B 300 -3.09 -15.69 93.15
CA TRP B 300 -2.93 -16.90 93.94
C TRP B 300 -4.07 -17.05 94.93
N ASP B 301 -4.08 -18.20 95.61
CA ASP B 301 -4.97 -18.45 96.74
C ASP B 301 -4.11 -18.57 97.99
N ALA B 302 -4.38 -17.72 98.98
CA ALA B 302 -3.59 -17.75 100.19
C ALA B 302 -3.77 -19.05 100.95
N LEU B 303 -4.99 -19.58 101.00
CA LEU B 303 -5.27 -20.75 101.81
C LEU B 303 -4.79 -22.05 101.18
N LYS B 304 -4.93 -22.20 99.86
CA LYS B 304 -4.66 -23.47 99.20
C LYS B 304 -3.56 -23.42 98.14
N ALA B 305 -3.13 -22.23 97.73
CA ALA B 305 -2.03 -22.06 96.77
C ALA B 305 -2.33 -22.74 95.43
N ASP B 306 -3.39 -22.25 94.78
CA ASP B 306 -3.69 -22.61 93.41
C ASP B 306 -4.04 -21.35 92.63
N ARG B 307 -3.79 -21.39 91.32
CA ARG B 307 -4.01 -20.19 90.49
C ARG B 307 -5.50 -19.93 90.28
N ALA B 308 -5.91 -18.68 90.44
CA ALA B 308 -7.27 -18.25 90.23
C ALA B 308 -7.45 -17.36 89.01
N GLY B 309 -6.36 -16.91 88.39
CA GLY B 309 -6.45 -16.10 87.19
C GLY B 309 -5.07 -15.65 86.77
N VAL B 310 -5.00 -15.17 85.53
CA VAL B 310 -3.76 -14.67 84.96
C VAL B 310 -4.04 -13.33 84.29
N LEU B 311 -3.15 -12.36 84.51
CA LEU B 311 -3.28 -11.02 83.96
C LEU B 311 -2.16 -10.78 82.97
N ALA B 312 -2.53 -10.44 81.73
CA ALA B 312 -1.55 -10.26 80.65
C ALA B 312 -2.00 -9.10 79.77
N GLY B 313 -1.36 -7.95 79.95
CA GLY B 313 -1.63 -6.80 79.11
C GLY B 313 -0.37 -6.00 78.81
N HIS B 314 0.77 -6.47 79.32
CA HIS B 314 2.03 -5.76 79.22
C HIS B 314 2.99 -6.51 78.31
N ASP B 315 3.68 -5.78 77.44
CA ASP B 315 4.68 -6.35 76.56
C ASP B 315 6.09 -6.28 77.14
N ASN B 316 6.25 -5.74 78.35
CA ASN B 316 7.55 -5.63 78.99
C ASN B 316 7.43 -6.07 80.43
N ARG B 317 8.55 -6.07 81.15
CA ARG B 317 8.58 -6.58 82.50
C ARG B 317 7.71 -5.76 83.43
N VAL B 318 6.94 -6.45 84.27
CA VAL B 318 6.10 -5.81 85.28
C VAL B 318 6.95 -5.57 86.52
N SER B 319 6.96 -4.33 87.01
CA SER B 319 7.82 -3.95 88.11
C SER B 319 7.08 -3.42 89.33
N CYS B 320 5.80 -3.08 89.22
CA CYS B 320 5.09 -2.54 90.36
C CYS B 320 3.59 -2.78 90.20
N LEU B 321 2.92 -3.01 91.32
CA LEU B 321 1.47 -3.16 91.33
C LEU B 321 0.97 -2.90 92.74
N GLY B 322 -0.35 -2.69 92.85
CA GLY B 322 -0.96 -2.40 94.14
C GLY B 322 -2.45 -2.54 94.08
N VAL B 323 -3.07 -2.58 95.26
CA VAL B 323 -4.50 -2.74 95.42
C VAL B 323 -5.04 -1.58 96.24
N THR B 324 -6.21 -1.07 95.87
CA THR B 324 -6.80 0.05 96.56
C THR B 324 -7.17 -0.31 98.00
N ASP B 325 -7.50 0.71 98.77
CA ASP B 325 -7.86 0.50 100.18
C ASP B 325 -9.13 -0.34 100.30
N ASP B 326 -10.12 -0.08 99.46
CA ASP B 326 -11.38 -0.81 99.49
C ASP B 326 -11.34 -2.10 98.70
N GLY B 327 -10.21 -2.41 98.06
CA GLY B 327 -10.11 -3.64 97.28
C GLY B 327 -11.02 -3.66 96.08
N MET B 328 -11.15 -2.54 95.38
CA MET B 328 -12.04 -2.44 94.23
C MET B 328 -11.33 -2.60 92.89
N ALA B 329 -10.02 -2.34 92.83
CA ALA B 329 -9.30 -2.43 91.57
C ALA B 329 -7.84 -2.75 91.83
N VAL B 330 -7.16 -3.23 90.79
CA VAL B 330 -5.74 -3.55 90.84
C VAL B 330 -5.04 -2.80 89.73
N ALA B 331 -3.98 -2.08 90.07
CA ALA B 331 -3.20 -1.32 89.09
C ALA B 331 -1.84 -1.95 88.91
N THR B 332 -1.36 -1.98 87.67
CA THR B 332 -0.11 -2.64 87.33
C THR B 332 0.76 -1.70 86.51
N GLY B 333 2.06 -1.69 86.81
CA GLY B 333 3.02 -0.89 86.07
C GLY B 333 4.10 -1.79 85.47
N SER B 334 4.55 -1.42 84.27
CA SER B 334 5.51 -2.22 83.54
C SER B 334 6.65 -1.33 83.04
N TRP B 335 7.64 -1.97 82.42
CA TRP B 335 8.82 -1.25 81.95
C TRP B 335 8.54 -0.41 80.71
N ASP B 336 7.37 -0.55 80.09
CA ASP B 336 6.94 0.39 79.07
C ASP B 336 6.38 1.63 79.76
N SER B 337 5.72 2.51 79.01
CA SER B 337 5.22 3.76 79.55
C SER B 337 3.71 3.74 79.76
N PHE B 338 3.16 2.61 80.20
CA PHE B 338 1.73 2.43 80.33
C PHE B 338 1.36 1.91 81.72
N LEU B 339 0.20 2.34 82.20
CA LEU B 339 -0.40 1.83 83.42
C LEU B 339 -1.81 1.32 83.11
N LYS B 340 -2.21 0.29 83.85
CA LYS B 340 -3.49 -0.36 83.59
C LYS B 340 -4.20 -0.65 84.91
N ILE B 341 -5.53 -0.71 84.83
CA ILE B 341 -6.38 -0.98 85.98
C ILE B 341 -7.25 -2.19 85.64
N TRP B 342 -7.17 -3.22 86.47
CA TRP B 342 -7.91 -4.46 86.27
C TRP B 342 -9.03 -4.57 87.29
N ASN B 343 -10.22 -4.89 86.81
CA ASN B 343 -11.38 -5.05 87.68
C ASN B 343 -12.21 -6.25 87.24
N ALA C 7 38.82 -6.23 117.56
CA ALA C 7 38.38 -6.06 116.19
C ALA C 7 36.94 -6.54 116.01
N SER C 8 36.77 -7.83 115.75
CA SER C 8 35.46 -8.43 115.58
C SER C 8 34.87 -8.95 116.88
N ILE C 9 35.56 -8.75 118.01
CA ILE C 9 35.05 -9.22 119.30
C ILE C 9 33.74 -8.52 119.65
N ALA C 10 33.70 -7.19 119.45
CA ALA C 10 32.49 -6.44 119.73
C ALA C 10 31.33 -6.88 118.85
N GLN C 11 31.60 -7.11 117.56
CA GLN C 11 30.56 -7.58 116.66
C GLN C 11 30.05 -8.96 117.08
N ALA C 12 30.96 -9.85 117.47
CA ALA C 12 30.54 -11.18 117.92
C ALA C 12 29.69 -11.09 119.18
N ARG C 13 30.09 -10.24 120.12
CA ARG C 13 29.29 -10.06 121.34
C ARG C 13 27.91 -9.50 121.02
N LYS C 14 27.86 -8.56 120.08
CA LYS C 14 26.55 -7.98 119.70
C LYS C 14 25.70 -9.10 119.12
N LEU C 15 26.25 -9.85 118.18
CA LEU C 15 25.49 -10.91 117.54
C LEU C 15 24.98 -11.92 118.57
N VAL C 16 25.81 -12.28 119.54
CA VAL C 16 25.39 -13.22 120.58
C VAL C 16 24.26 -12.63 121.40
N GLU C 17 24.37 -11.35 121.75
CA GLU C 17 23.32 -10.68 122.53
C GLU C 17 22.00 -10.64 121.75
N GLN C 18 22.08 -10.33 120.45
CA GLN C 18 20.87 -10.29 119.63
C GLN C 18 20.24 -11.67 119.52
N LEU C 19 21.06 -12.71 119.34
CA LEU C 19 20.52 -14.07 119.28
C LEU C 19 19.86 -14.46 120.59
N LYS C 20 20.48 -14.13 121.72
CA LYS C 20 19.89 -14.42 123.01
C LYS C 20 18.56 -13.68 123.20
N MET C 21 18.50 -12.42 122.74
CA MET C 21 17.26 -11.68 122.80
C MET C 21 16.18 -12.33 121.95
N GLU C 22 16.54 -12.81 120.76
CA GLU C 22 15.58 -13.48 119.89
C GLU C 22 15.14 -14.81 120.49
N ALA C 23 15.98 -15.41 121.35
CA ALA C 23 15.68 -16.73 121.89
C ALA C 23 14.41 -16.72 122.74
N ASN C 24 14.24 -15.71 123.57
CA ASN C 24 13.12 -15.67 124.51
C ASN C 24 11.89 -15.09 123.83
N ILE C 25 11.09 -15.97 123.23
CA ILE C 25 9.84 -15.56 122.58
C ILE C 25 8.78 -16.61 122.89
N ASP C 26 7.57 -16.17 123.19
CA ASP C 26 6.43 -17.05 123.41
C ASP C 26 5.80 -17.36 122.05
N ARG C 27 5.66 -18.65 121.75
CA ARG C 27 5.22 -19.11 120.43
C ARG C 27 3.95 -19.92 120.57
N ILE C 28 2.94 -19.59 119.76
CA ILE C 28 1.71 -20.36 119.71
C ILE C 28 1.85 -21.47 118.69
N LYS C 29 0.93 -22.43 118.74
CA LYS C 29 0.96 -23.54 117.80
C LYS C 29 0.51 -23.08 116.42
N VAL C 30 0.93 -23.85 115.40
CA VAL C 30 0.60 -23.50 114.02
C VAL C 30 -0.89 -23.64 113.76
N SER C 31 -1.52 -24.66 114.37
CA SER C 31 -2.94 -24.92 114.12
C SER C 31 -3.83 -23.80 114.63
N LYS C 32 -3.36 -23.00 115.58
CA LYS C 32 -4.14 -21.87 116.07
C LYS C 32 -4.00 -20.65 115.18
N ALA C 33 -2.79 -20.35 114.73
CA ALA C 33 -2.60 -19.24 113.79
C ALA C 33 -3.31 -19.52 112.47
N ALA C 34 -3.22 -20.76 111.98
CA ALA C 34 -3.94 -21.11 110.75
C ALA C 34 -5.45 -20.98 110.93
N ALA C 35 -5.97 -21.40 112.08
CA ALA C 35 -7.40 -21.26 112.35
C ALA C 35 -7.80 -19.80 112.39
N ASP C 36 -6.98 -18.96 113.02
CA ASP C 36 -7.29 -17.53 113.07
C ASP C 36 -7.29 -16.91 111.68
N LEU C 37 -6.31 -17.29 110.85
CA LEU C 37 -6.25 -16.77 109.49
C LEU C 37 -7.48 -17.20 108.68
N MET C 38 -7.87 -18.47 108.81
CA MET C 38 -9.05 -18.94 108.10
C MET C 38 -10.30 -18.22 108.58
N ALA C 39 -10.41 -18.00 109.90
CA ALA C 39 -11.58 -17.31 110.44
C ALA C 39 -11.65 -15.88 109.91
N TYR C 40 -10.51 -15.18 109.87
CA TYR C 40 -10.52 -13.82 109.34
C TYR C 40 -10.86 -13.81 107.86
N CYS C 41 -10.33 -14.77 107.10
CA CYS C 41 -10.64 -14.82 105.67
C CYS C 41 -12.12 -15.08 105.43
N GLU C 42 -12.72 -15.97 106.22
CA GLU C 42 -14.13 -16.28 106.04
C GLU C 42 -15.03 -15.13 106.51
N ALA C 43 -14.63 -14.45 107.58
CA ALA C 43 -15.48 -13.40 108.14
C ALA C 43 -15.66 -12.23 107.18
N HIS C 44 -14.59 -11.81 106.51
CA HIS C 44 -14.62 -10.66 105.62
C HIS C 44 -14.73 -11.06 104.15
N ALA C 45 -15.08 -12.31 103.86
CA ALA C 45 -15.15 -12.75 102.47
C ALA C 45 -16.29 -12.09 101.70
N LYS C 46 -17.38 -11.73 102.37
CA LYS C 46 -18.52 -11.15 101.68
C LYS C 46 -18.32 -9.67 101.33
N GLU C 47 -17.38 -9.00 101.98
CA GLU C 47 -17.13 -7.58 101.75
C GLU C 47 -15.99 -7.32 100.77
N ASP C 48 -15.45 -8.36 100.14
CA ASP C 48 -14.33 -8.19 99.22
C ASP C 48 -14.87 -8.03 97.81
N PRO C 49 -14.70 -6.87 97.17
CA PRO C 49 -15.24 -6.70 95.81
C PRO C 49 -14.64 -7.65 94.78
N LEU C 50 -13.36 -7.96 94.89
CA LEU C 50 -12.77 -8.79 93.81
C LEU C 50 -13.25 -10.24 93.92
N LEU C 51 -13.33 -10.78 95.14
CA LEU C 51 -13.73 -12.21 95.34
C LEU C 51 -15.15 -12.41 94.83
N THR C 52 -16.09 -11.61 95.31
CA THR C 52 -17.51 -11.67 94.83
C THR C 52 -17.61 -10.73 93.64
N PRO C 53 -17.95 -11.18 92.41
CA PRO C 53 -17.91 -10.29 91.24
C PRO C 53 -18.71 -9.02 91.54
N VAL C 54 -18.16 -7.85 91.20
CA VAL C 54 -18.80 -6.55 91.56
C VAL C 54 -20.14 -6.37 90.85
N PRO C 55 -21.19 -5.85 91.52
CA PRO C 55 -22.45 -5.52 90.85
C PRO C 55 -22.19 -4.28 89.98
N ALA C 56 -22.89 -4.14 88.85
CA ALA C 56 -22.58 -3.05 87.88
C ALA C 56 -22.80 -1.64 88.42
N SER C 57 -23.92 -1.38 89.10
CA SER C 57 -24.21 0.02 89.51
C SER C 57 -23.17 0.54 90.50
N GLU C 58 -22.83 -0.29 91.50
CA GLU C 58 -21.85 0.15 92.53
C GLU C 58 -20.50 0.37 91.86
N ASN C 59 -20.13 -0.53 90.93
CA ASN C 59 -18.82 -0.44 90.24
C ASN C 59 -18.55 1.02 89.82
N PRO C 60 -17.53 1.73 90.33
CA PRO C 60 -17.27 3.06 89.82
C PRO C 60 -16.45 3.03 88.52
N PHE C 61 -15.96 1.86 88.14
CA PHE C 61 -15.07 1.80 86.96
C PHE C 61 -15.87 1.42 85.70
N ARG C 62 -17.20 1.35 85.80
CA ARG C 62 -18.05 0.90 84.66
C ARG C 62 -18.08 1.94 83.54
N GLU C 63 -17.89 1.51 82.27
CA GLU C 63 -17.99 2.42 81.15
C GLU C 63 -18.95 1.87 80.08
N TYR D 12 -29.93 -11.70 -97.86
CA TYR D 12 -29.96 -10.59 -96.92
C TYR D 12 -29.15 -10.92 -95.67
N GLY D 13 -28.10 -10.14 -95.43
CA GLY D 13 -27.24 -10.34 -94.28
C GLY D 13 -25.79 -10.51 -94.68
N PRO D 14 -24.99 -11.06 -93.77
CA PRO D 14 -23.58 -11.30 -94.08
C PRO D 14 -23.41 -12.34 -95.17
N ASP D 15 -22.17 -12.52 -95.63
CA ASP D 15 -21.93 -13.43 -96.79
C ASP D 15 -21.79 -14.88 -96.33
N GLN D 16 -20.81 -15.16 -95.49
CA GLN D 16 -20.56 -16.53 -95.10
C GLN D 16 -21.51 -16.96 -93.98
N ARG D 17 -22.11 -18.14 -94.15
CA ARG D 17 -23.14 -18.61 -93.24
C ARG D 17 -23.33 -20.10 -93.47
N ALA D 18 -24.01 -20.75 -92.52
CA ALA D 18 -24.47 -22.12 -92.65
C ALA D 18 -25.99 -22.09 -92.70
N GLN D 19 -26.58 -22.73 -93.70
CA GLN D 19 -28.00 -22.56 -93.98
C GLN D 19 -28.61 -23.87 -94.46
N LYS D 20 -29.86 -24.10 -94.07
CA LYS D 20 -30.64 -25.25 -94.52
C LYS D 20 -32.10 -24.88 -94.59
N LYS D 21 -32.85 -25.62 -95.40
CA LYS D 21 -34.28 -25.39 -95.59
C LYS D 21 -35.08 -26.36 -94.74
N GLY D 22 -36.20 -25.87 -94.21
CA GLY D 22 -37.07 -26.71 -93.40
C GLY D 22 -38.36 -25.99 -93.08
N ASP D 23 -39.24 -26.71 -92.38
CA ASP D 23 -40.52 -26.13 -92.01
C ASP D 23 -40.38 -25.07 -90.92
N ILE D 24 -39.37 -25.20 -90.07
CA ILE D 24 -39.12 -24.26 -88.98
C ILE D 24 -37.64 -23.88 -89.00
N ILE D 25 -37.36 -22.60 -88.83
CA ILE D 25 -36.01 -22.06 -88.92
C ILE D 25 -35.54 -21.60 -87.55
N LEU D 26 -34.32 -21.99 -87.19
CA LEU D 26 -33.66 -21.57 -85.97
C LEU D 26 -32.47 -20.68 -86.32
N GLY D 27 -32.04 -19.87 -85.37
CA GLY D 27 -30.89 -19.00 -85.54
C GLY D 27 -29.76 -19.41 -84.62
N GLY D 28 -28.57 -18.90 -84.90
CA GLY D 28 -27.41 -19.19 -84.07
C GLY D 28 -26.39 -18.09 -84.18
N LEU D 29 -25.62 -17.90 -83.11
CA LEU D 29 -24.55 -16.90 -83.05
C LEU D 29 -23.36 -17.51 -82.33
N PHE D 30 -22.26 -17.70 -83.05
CA PHE D 30 -21.06 -18.29 -82.46
C PHE D 30 -19.85 -17.44 -82.82
N PRO D 31 -18.88 -17.34 -81.91
CA PRO D 31 -17.63 -16.59 -82.19
C PRO D 31 -16.57 -17.41 -82.91
N ILE D 32 -16.74 -17.55 -84.23
CA ILE D 32 -15.77 -18.26 -85.05
C ILE D 32 -14.42 -17.56 -85.06
N HIS D 33 -14.40 -16.25 -84.79
CA HIS D 33 -13.17 -15.48 -84.71
C HIS D 33 -13.06 -14.85 -83.32
N PHE D 34 -11.82 -14.64 -82.87
CA PHE D 34 -11.59 -14.07 -81.56
C PHE D 34 -11.83 -12.56 -81.50
N GLY D 35 -11.73 -11.87 -82.62
CA GLY D 35 -11.95 -10.43 -82.62
C GLY D 35 -11.74 -9.85 -84.01
N VAL D 36 -11.86 -8.53 -84.08
CA VAL D 36 -11.71 -7.81 -85.33
C VAL D 36 -10.37 -7.11 -85.35
N ALA D 37 -10.02 -6.53 -86.53
CA ALA D 37 -8.70 -5.87 -86.70
C ALA D 37 -8.68 -4.45 -86.12
N ALA D 38 -7.62 -4.11 -85.39
CA ALA D 38 -7.54 -2.77 -84.74
C ALA D 38 -6.94 -1.73 -85.70
N LYS D 39 -7.68 -1.32 -86.73
CA LYS D 39 -7.20 -0.25 -87.63
C LYS D 39 -8.02 1.01 -87.32
N ASP D 40 -7.37 2.11 -86.96
CA ASP D 40 -8.11 3.37 -86.72
C ASP D 40 -8.73 3.81 -88.04
N GLN D 41 -9.96 4.32 -88.00
CA GLN D 41 -10.65 4.68 -89.27
C GLN D 41 -10.57 6.19 -89.47
N ASP D 42 -10.09 6.63 -90.63
CA ASP D 42 -10.08 8.06 -90.97
C ASP D 42 -11.30 8.23 -91.89
N LEU D 43 -11.91 9.40 -91.94
CA LEU D 43 -13.15 9.49 -92.73
C LEU D 43 -12.87 10.12 -94.10
N LYS D 44 -11.60 10.10 -94.51
CA LYS D 44 -11.23 10.64 -95.85
C LYS D 44 -11.93 9.86 -96.97
N SER D 45 -12.29 8.59 -96.73
CA SER D 45 -13.03 7.86 -97.75
C SER D 45 -14.25 7.21 -97.11
N ARG D 46 -15.10 6.63 -97.95
CA ARG D 46 -16.28 5.95 -97.46
C ARG D 46 -15.87 4.74 -96.62
N PRO D 47 -16.41 4.59 -95.40
CA PRO D 47 -16.03 3.45 -94.57
C PRO D 47 -16.49 2.14 -95.19
N GLU D 48 -15.69 1.10 -94.96
CA GLU D 48 -15.97 -0.24 -95.48
C GLU D 48 -16.03 -1.22 -94.31
N SER D 49 -16.38 -2.46 -94.63
CA SER D 49 -16.54 -3.48 -93.61
C SER D 49 -15.19 -3.82 -92.97
N VAL D 50 -15.22 -4.12 -91.67
CA VAL D 50 -14.01 -4.50 -90.95
C VAL D 50 -13.83 -6.01 -91.04
N GLU D 51 -12.61 -6.47 -90.80
CA GLU D 51 -12.26 -7.88 -90.97
C GLU D 51 -11.83 -8.49 -89.64
N CYS D 52 -12.20 -9.75 -89.45
CA CYS D 52 -11.81 -10.51 -88.27
C CYS D 52 -10.48 -11.22 -88.52
N ILE D 53 -9.66 -11.32 -87.49
CA ILE D 53 -8.25 -11.68 -87.64
C ILE D 53 -7.94 -13.09 -87.14
N ARG D 54 -8.31 -13.41 -85.91
CA ARG D 54 -7.86 -14.63 -85.25
C ARG D 54 -8.93 -15.71 -85.33
N TYR D 55 -8.52 -16.93 -85.67
CA TYR D 55 -9.46 -18.03 -85.79
C TYR D 55 -9.68 -18.72 -84.45
N ASN D 56 -10.91 -19.19 -84.24
CA ASN D 56 -11.34 -19.82 -82.99
C ASN D 56 -11.77 -21.25 -83.29
N PHE D 57 -10.90 -22.21 -83.00
CA PHE D 57 -11.23 -23.61 -83.27
C PHE D 57 -12.23 -24.16 -82.28
N ARG D 58 -12.22 -23.63 -81.05
CA ARG D 58 -13.19 -24.07 -80.05
C ARG D 58 -14.60 -23.62 -80.40
N GLY D 59 -14.74 -22.42 -80.97
CA GLY D 59 -16.04 -21.91 -81.36
C GLY D 59 -16.65 -22.63 -82.55
N PHE D 60 -15.83 -23.26 -83.37
CA PHE D 60 -16.37 -24.09 -84.46
C PHE D 60 -16.89 -25.43 -83.94
N ARG D 61 -16.35 -25.92 -82.82
CA ARG D 61 -16.86 -27.15 -82.23
C ARG D 61 -18.25 -26.95 -81.64
N TRP D 62 -18.52 -25.78 -81.07
CA TRP D 62 -19.85 -25.50 -80.55
C TRP D 62 -20.87 -25.42 -81.68
N LEU D 63 -20.46 -24.88 -82.83
CA LEU D 63 -21.37 -24.78 -83.98
C LEU D 63 -21.83 -26.15 -84.46
N GLN D 64 -20.95 -27.16 -84.36
CA GLN D 64 -21.29 -28.49 -84.84
C GLN D 64 -22.25 -29.19 -83.91
N ALA D 65 -22.27 -28.81 -82.63
CA ALA D 65 -23.21 -29.44 -81.69
C ALA D 65 -24.66 -29.13 -82.07
N MET D 66 -24.94 -27.89 -82.47
CA MET D 66 -26.28 -27.51 -82.87
C MET D 66 -26.73 -28.30 -84.10
N ILE D 67 -25.85 -28.41 -85.09
CA ILE D 67 -26.17 -29.16 -86.31
C ILE D 67 -26.40 -30.63 -85.98
N PHE D 68 -25.54 -31.20 -85.13
CA PHE D 68 -25.70 -32.60 -84.75
C PHE D 68 -27.03 -32.82 -84.04
N ALA D 69 -27.40 -31.92 -83.13
CA ALA D 69 -28.68 -32.05 -82.43
C ALA D 69 -29.84 -31.97 -83.38
N ILE D 70 -29.81 -31.02 -84.32
CA ILE D 70 -30.91 -30.87 -85.26
C ILE D 70 -31.04 -32.11 -86.15
N GLU D 71 -29.91 -32.62 -86.64
CA GLU D 71 -29.94 -33.82 -87.47
C GLU D 71 -30.41 -35.04 -86.70
N GLU D 72 -30.03 -35.14 -85.42
CA GLU D 72 -30.53 -36.24 -84.59
C GLU D 72 -32.02 -36.14 -84.38
N ILE D 73 -32.54 -34.93 -84.16
CA ILE D 73 -33.98 -34.75 -83.99
C ILE D 73 -34.73 -35.12 -85.26
N ASN D 74 -34.22 -34.69 -86.41
CA ASN D 74 -34.92 -34.94 -87.66
C ASN D 74 -35.05 -36.44 -87.97
N SER D 75 -34.16 -37.26 -87.44
CA SER D 75 -34.19 -38.70 -87.66
C SER D 75 -34.88 -39.47 -86.55
N SER D 76 -35.42 -38.78 -85.55
CA SER D 76 -36.09 -39.43 -84.43
C SER D 76 -37.59 -39.32 -84.60
N PRO D 77 -38.30 -40.41 -84.87
CA PRO D 77 -39.76 -40.32 -85.01
C PRO D 77 -40.48 -40.02 -83.70
N ALA D 78 -39.85 -40.24 -82.56
CA ALA D 78 -40.50 -40.03 -81.27
C ALA D 78 -40.58 -38.56 -80.89
N LEU D 79 -39.85 -37.68 -81.59
CA LEU D 79 -39.81 -36.25 -81.28
C LEU D 79 -40.11 -35.48 -82.56
N LEU D 80 -41.27 -34.84 -82.61
CA LEU D 80 -41.72 -34.03 -83.74
C LEU D 80 -41.67 -34.81 -85.04
N PRO D 81 -42.50 -35.84 -85.22
CA PRO D 81 -42.53 -36.55 -86.50
C PRO D 81 -43.27 -35.75 -87.56
N ASN D 82 -42.93 -36.05 -88.82
CA ASN D 82 -43.50 -35.40 -90.00
C ASN D 82 -43.17 -33.91 -90.07
N LEU D 83 -42.12 -33.47 -89.38
CA LEU D 83 -41.67 -32.09 -89.41
C LEU D 83 -40.16 -32.04 -89.63
N THR D 84 -39.71 -30.94 -90.22
CA THR D 84 -38.31 -30.76 -90.56
C THR D 84 -37.83 -29.43 -89.99
N LEU D 85 -36.57 -29.40 -89.57
CA LEU D 85 -35.97 -28.22 -88.94
C LEU D 85 -34.84 -27.68 -89.80
N GLY D 86 -34.78 -26.35 -89.94
CA GLY D 86 -33.70 -25.67 -90.61
C GLY D 86 -33.00 -24.70 -89.67
N TYR D 87 -31.98 -24.03 -90.23
CA TYR D 87 -31.21 -23.10 -89.42
C TYR D 87 -30.57 -22.03 -90.30
N ARG D 88 -30.16 -20.93 -89.67
CA ARG D 88 -29.27 -19.94 -90.27
C ARG D 88 -28.31 -19.52 -89.17
N ILE D 89 -27.02 -19.82 -89.34
CA ILE D 89 -26.01 -19.58 -88.33
C ILE D 89 -25.01 -18.55 -88.86
N PHE D 90 -24.71 -17.54 -88.04
CA PHE D 90 -23.82 -16.46 -88.42
C PHE D 90 -22.64 -16.39 -87.44
N ASP D 91 -21.66 -15.56 -87.79
CA ASP D 91 -20.47 -15.36 -87.00
C ASP D 91 -20.47 -13.94 -86.43
N THR D 92 -20.11 -13.82 -85.15
CA THR D 92 -20.13 -12.53 -84.47
C THR D 92 -18.76 -11.90 -84.29
N CYS D 93 -17.69 -12.70 -84.28
CA CYS D 93 -16.35 -12.22 -83.96
C CYS D 93 -16.34 -11.51 -82.61
N ASN D 94 -17.15 -12.02 -81.68
CA ASN D 94 -17.42 -11.48 -80.34
C ASN D 94 -17.46 -9.96 -80.33
N THR D 95 -18.10 -9.37 -81.33
CA THR D 95 -18.28 -7.93 -81.45
C THR D 95 -19.76 -7.62 -81.60
N VAL D 96 -20.16 -6.46 -81.07
CA VAL D 96 -21.59 -6.13 -81.01
C VAL D 96 -22.16 -5.86 -82.40
N SER D 97 -21.40 -5.16 -83.25
CA SER D 97 -21.94 -4.73 -84.53
C SER D 97 -22.26 -5.90 -85.45
N LYS D 98 -21.37 -6.90 -85.50
CA LYS D 98 -21.63 -8.06 -86.36
C LYS D 98 -22.86 -8.82 -85.89
N ALA D 99 -22.99 -9.01 -84.58
CA ALA D 99 -24.17 -9.68 -84.04
C ALA D 99 -25.43 -8.87 -84.30
N LEU D 100 -25.33 -7.55 -84.27
CA LEU D 100 -26.48 -6.71 -84.58
C LEU D 100 -26.90 -6.84 -86.03
N GLU D 101 -25.93 -6.94 -86.94
CA GLU D 101 -26.26 -7.19 -88.34
C GLU D 101 -26.95 -8.53 -88.51
N ALA D 102 -26.44 -9.57 -87.84
CA ALA D 102 -27.09 -10.88 -87.91
C ALA D 102 -28.52 -10.83 -87.35
N THR D 103 -28.71 -10.12 -86.24
CA THR D 103 -30.04 -10.00 -85.64
C THR D 103 -30.98 -9.24 -86.55
N LEU D 104 -30.49 -8.17 -87.20
CA LEU D 104 -31.32 -7.47 -88.19
C LEU D 104 -31.71 -8.39 -89.32
N SER D 105 -30.83 -9.33 -89.69
CA SER D 105 -31.21 -10.37 -90.64
C SER D 105 -32.31 -11.26 -90.08
N PHE D 106 -32.24 -11.60 -88.78
CA PHE D 106 -33.17 -12.55 -88.20
C PHE D 106 -34.60 -12.01 -88.15
N VAL D 107 -34.78 -10.73 -87.87
CA VAL D 107 -36.14 -10.16 -87.62
C VAL D 107 -36.75 -9.51 -88.85
N ALA D 108 -36.17 -9.68 -90.02
CA ALA D 108 -36.63 -8.88 -91.19
C ALA D 108 -38.07 -9.11 -91.59
N GLN D 109 -38.54 -10.34 -91.74
CA GLN D 109 -39.98 -10.46 -92.10
C GLN D 109 -40.80 -10.82 -90.84
N ASN D 110 -40.13 -11.03 -89.71
CA ASN D 110 -40.85 -11.31 -88.44
C ASN D 110 -41.65 -10.03 -88.19
N LYS D 111 -41.28 -8.94 -88.85
CA LYS D 111 -42.06 -7.68 -88.82
C LYS D 111 -43.19 -7.81 -89.85
N HIS D 126 -40.05 -11.57 -98.68
CA HIS D 126 -39.85 -12.99 -99.00
C HIS D 126 -38.69 -13.51 -98.17
N ILE D 127 -38.99 -13.95 -96.95
CA ILE D 127 -37.96 -14.44 -96.03
C ILE D 127 -38.62 -15.34 -94.99
N PRO D 128 -38.13 -16.56 -94.79
CA PRO D 128 -38.68 -17.42 -93.72
C PRO D 128 -38.41 -16.82 -92.35
N SER D 129 -39.33 -17.08 -91.43
CA SER D 129 -39.28 -16.50 -90.09
C SER D 129 -38.50 -17.38 -89.14
N THR D 130 -37.83 -16.75 -88.19
CA THR D 130 -37.10 -17.44 -87.14
C THR D 130 -37.92 -17.39 -85.85
N ILE D 131 -38.15 -18.56 -85.25
CA ILE D 131 -39.00 -18.62 -84.06
C ILE D 131 -38.16 -18.72 -82.81
N ALA D 132 -36.87 -19.04 -82.95
CA ALA D 132 -36.01 -19.17 -81.78
C ALA D 132 -34.56 -18.99 -82.22
N VAL D 133 -33.77 -18.41 -81.32
CA VAL D 133 -32.36 -18.11 -81.57
C VAL D 133 -31.55 -18.67 -80.42
N VAL D 134 -30.49 -19.41 -80.73
CA VAL D 134 -29.53 -19.85 -79.73
C VAL D 134 -28.56 -18.71 -79.48
N GLY D 135 -28.53 -18.21 -78.24
CA GLY D 135 -27.94 -16.92 -77.93
C GLY D 135 -26.43 -16.89 -78.12
N ALA D 136 -25.86 -15.76 -77.72
CA ALA D 136 -24.45 -15.46 -77.94
C ALA D 136 -23.62 -15.95 -76.75
N THR D 137 -22.32 -15.64 -76.80
CA THR D 137 -21.37 -16.05 -75.76
C THR D 137 -21.10 -14.96 -74.74
N GLY D 138 -20.68 -13.78 -75.19
CA GLY D 138 -20.40 -12.69 -74.27
C GLY D 138 -21.68 -12.06 -73.74
N SER D 139 -21.57 -11.46 -72.55
CA SER D 139 -22.73 -10.86 -71.92
C SER D 139 -23.13 -9.54 -72.58
N GLY D 140 -22.15 -8.75 -73.04
CA GLY D 140 -22.47 -7.53 -73.75
C GLY D 140 -23.15 -7.80 -75.08
N VAL D 141 -22.62 -8.77 -75.84
CA VAL D 141 -23.23 -9.16 -77.11
C VAL D 141 -24.63 -9.71 -76.88
N SER D 142 -24.79 -10.56 -75.85
CA SER D 142 -26.10 -11.11 -75.54
C SER D 142 -27.08 -10.02 -75.17
N THR D 143 -26.64 -9.03 -74.38
CA THR D 143 -27.52 -7.92 -74.02
C THR D 143 -27.94 -7.14 -75.24
N ALA D 144 -26.99 -6.83 -76.12
CA ALA D 144 -27.32 -6.05 -77.32
C ALA D 144 -28.26 -6.82 -78.24
N VAL D 145 -28.10 -8.13 -78.33
CA VAL D 145 -29.00 -8.94 -79.16
C VAL D 145 -30.39 -9.00 -78.52
N ALA D 146 -30.44 -9.19 -77.20
CA ALA D 146 -31.73 -9.34 -76.53
C ALA D 146 -32.54 -8.06 -76.57
N ASN D 147 -31.87 -6.91 -76.50
CA ASN D 147 -32.58 -5.63 -76.57
C ASN D 147 -33.43 -5.54 -77.83
N LEU D 148 -32.94 -6.06 -78.95
CA LEU D 148 -33.67 -6.03 -80.21
C LEU D 148 -34.57 -7.24 -80.39
N LEU D 149 -34.21 -8.39 -79.82
CA LEU D 149 -35.03 -9.58 -79.99
C LEU D 149 -36.29 -9.55 -79.13
N GLY D 150 -36.24 -8.85 -78.00
CA GLY D 150 -37.42 -8.76 -77.15
C GLY D 150 -38.51 -7.85 -77.70
N LEU D 151 -38.22 -7.09 -78.76
CA LEU D 151 -39.23 -6.28 -79.40
C LEU D 151 -40.32 -7.15 -80.02
N PHE D 152 -39.94 -8.26 -80.65
CA PHE D 152 -40.87 -9.13 -81.36
C PHE D 152 -41.21 -10.39 -80.59
N TYR D 153 -40.77 -10.50 -79.34
CA TYR D 153 -41.07 -11.66 -78.49
C TYR D 153 -40.57 -12.96 -79.09
N ILE D 154 -39.32 -12.93 -79.54
CA ILE D 154 -38.65 -14.11 -80.10
C ILE D 154 -37.77 -14.70 -79.00
N PRO D 155 -38.00 -15.94 -78.58
CA PRO D 155 -37.17 -16.52 -77.51
C PRO D 155 -35.71 -16.63 -77.90
N GLN D 156 -34.84 -16.46 -76.90
CA GLN D 156 -33.40 -16.53 -77.11
C GLN D 156 -32.79 -17.36 -75.98
N VAL D 157 -32.22 -18.50 -76.34
CA VAL D 157 -31.62 -19.42 -75.38
C VAL D 157 -30.11 -19.29 -75.47
N SER D 158 -29.48 -18.87 -74.39
CA SER D 158 -28.04 -18.70 -74.33
C SER D 158 -27.38 -19.90 -73.67
N TYR D 159 -26.14 -20.17 -74.05
CA TYR D 159 -25.39 -21.30 -73.53
C TYR D 159 -24.17 -20.90 -72.71
N ALA D 160 -23.74 -19.64 -72.78
CA ALA D 160 -22.53 -19.23 -72.07
C ALA D 160 -22.65 -17.91 -71.31
N SER D 161 -23.67 -17.10 -71.53
CA SER D 161 -23.80 -15.83 -70.83
C SER D 161 -24.24 -16.08 -69.40
N SER D 162 -23.50 -15.54 -68.44
CA SER D 162 -23.76 -15.80 -67.03
C SER D 162 -23.85 -14.52 -66.20
N SER D 163 -24.03 -13.37 -66.85
CA SER D 163 -24.17 -12.12 -66.11
C SER D 163 -25.49 -12.09 -65.37
N ARG D 164 -25.48 -11.48 -64.18
CA ARG D 164 -26.70 -11.36 -63.39
C ARG D 164 -27.59 -10.24 -63.85
N LEU D 165 -27.10 -9.34 -64.71
CA LEU D 165 -27.93 -8.27 -65.23
C LEU D 165 -28.97 -8.76 -66.23
N LEU D 166 -28.81 -10.00 -66.71
CA LEU D 166 -29.75 -10.58 -67.66
C LEU D 166 -30.93 -11.27 -66.99
N SER D 167 -30.98 -11.28 -65.66
CA SER D 167 -32.10 -11.83 -64.92
C SER D 167 -33.20 -10.81 -64.66
N ASN D 168 -33.06 -9.59 -65.16
CA ASN D 168 -34.09 -8.56 -65.02
C ASN D 168 -35.15 -8.79 -66.08
N LYS D 169 -36.33 -9.25 -65.65
CA LYS D 169 -37.40 -9.58 -66.58
C LYS D 169 -38.19 -8.36 -67.04
N ASN D 170 -37.93 -7.18 -66.47
CA ASN D 170 -38.54 -5.97 -66.98
C ASN D 170 -37.91 -5.55 -68.30
N GLN D 171 -36.59 -5.67 -68.42
CA GLN D 171 -35.86 -5.24 -69.61
C GLN D 171 -35.64 -6.37 -70.61
N PHE D 172 -35.36 -7.58 -70.14
CA PHE D 172 -35.13 -8.73 -70.99
C PHE D 172 -36.32 -9.67 -70.85
N LYS D 173 -37.26 -9.55 -71.78
CA LYS D 173 -38.55 -10.23 -71.64
C LYS D 173 -38.54 -11.66 -72.18
N SER D 174 -37.65 -11.98 -73.11
CA SER D 174 -37.68 -13.28 -73.77
C SER D 174 -36.30 -13.92 -73.77
N PHE D 175 -35.59 -13.82 -72.64
CA PHE D 175 -34.24 -14.35 -72.52
C PHE D 175 -34.23 -15.57 -71.63
N LEU D 176 -33.64 -16.66 -72.13
CA LEU D 176 -33.42 -17.87 -71.36
C LEU D 176 -31.96 -18.26 -71.48
N ARG D 177 -31.46 -18.99 -70.49
CA ARG D 177 -30.09 -19.49 -70.54
C ARG D 177 -30.01 -20.85 -69.86
N THR D 178 -29.06 -21.66 -70.32
CA THR D 178 -28.81 -22.99 -69.78
C THR D 178 -27.51 -23.05 -68.99
N ILE D 179 -27.11 -21.92 -68.41
CA ILE D 179 -25.92 -21.83 -67.57
C ILE D 179 -26.26 -21.00 -66.33
N PRO D 180 -25.81 -21.37 -65.14
CA PRO D 180 -26.11 -20.57 -63.96
C PRO D 180 -25.40 -19.23 -63.97
N ASN D 181 -25.93 -18.30 -63.19
CA ASN D 181 -25.35 -16.96 -63.11
C ASN D 181 -24.12 -16.98 -62.19
N ASP D 182 -23.56 -15.81 -61.91
CA ASP D 182 -22.23 -15.69 -61.33
C ASP D 182 -22.23 -15.32 -59.86
N GLU D 183 -23.39 -15.39 -59.19
CA GLU D 183 -23.43 -15.08 -57.76
C GLU D 183 -22.65 -16.13 -56.95
N HIS D 184 -22.91 -17.40 -57.23
CA HIS D 184 -22.29 -18.47 -56.47
C HIS D 184 -20.80 -18.54 -56.68
N GLN D 185 -20.29 -18.10 -57.84
CA GLN D 185 -18.84 -18.10 -58.04
C GLN D 185 -18.15 -17.08 -57.13
N ALA D 186 -18.72 -15.89 -57.01
CA ALA D 186 -18.17 -14.91 -56.07
C ALA D 186 -18.24 -15.41 -54.64
N THR D 187 -19.38 -16.01 -54.26
CA THR D 187 -19.50 -16.54 -52.91
C THR D 187 -18.48 -17.67 -52.68
N ALA D 188 -18.25 -18.52 -53.69
CA ALA D 188 -17.31 -19.62 -53.55
C ALA D 188 -15.88 -19.12 -53.44
N MET D 189 -15.53 -18.08 -54.20
CA MET D 189 -14.18 -17.52 -54.09
C MET D 189 -13.95 -16.93 -52.70
N ALA D 190 -14.94 -16.21 -52.17
CA ALA D 190 -14.83 -15.72 -50.80
C ALA D 190 -14.69 -16.87 -49.80
N ASP D 191 -15.46 -17.95 -50.02
CA ASP D 191 -15.38 -19.11 -49.13
C ASP D 191 -13.99 -19.75 -49.19
N ILE D 192 -13.40 -19.86 -50.38
CA ILE D 192 -12.07 -20.44 -50.52
C ILE D 192 -11.04 -19.58 -49.79
N ILE D 193 -11.11 -18.27 -49.97
CA ILE D 193 -10.17 -17.38 -49.31
C ILE D 193 -10.29 -17.50 -47.80
N GLU D 194 -11.53 -17.58 -47.30
CA GLU D 194 -11.73 -17.80 -45.87
C GLU D 194 -11.20 -19.15 -45.41
N TYR D 195 -11.35 -20.18 -46.25
CA TYR D 195 -10.94 -21.53 -45.89
C TYR D 195 -9.43 -21.64 -45.77
N PHE D 196 -8.69 -20.91 -46.60
CA PHE D 196 -7.24 -20.97 -46.54
C PHE D 196 -6.63 -19.90 -45.65
N ARG D 197 -7.46 -19.11 -44.95
CA ARG D 197 -7.02 -18.17 -43.93
C ARG D 197 -6.13 -17.07 -44.51
N TRP D 198 -6.70 -16.31 -45.44
CA TRP D 198 -6.05 -15.15 -46.03
C TRP D 198 -6.89 -13.91 -45.76
N ASN D 199 -6.21 -12.77 -45.59
CA ASN D 199 -6.93 -11.51 -45.40
C ASN D 199 -6.27 -10.34 -46.11
N TRP D 200 -5.61 -10.59 -47.25
CA TRP D 200 -4.90 -9.54 -47.97
C TRP D 200 -4.83 -9.97 -49.44
N VAL D 201 -5.71 -9.39 -50.27
CA VAL D 201 -5.85 -9.79 -51.67
C VAL D 201 -5.95 -8.54 -52.54
N GLY D 202 -5.89 -8.77 -53.85
CA GLY D 202 -6.13 -7.72 -54.82
C GLY D 202 -7.04 -8.25 -55.91
N THR D 203 -7.68 -7.31 -56.61
CA THR D 203 -8.72 -7.64 -57.59
C THR D 203 -8.41 -7.03 -58.95
N ILE D 204 -8.69 -7.79 -60.00
CA ILE D 204 -8.58 -7.33 -61.38
C ILE D 204 -9.81 -7.84 -62.14
N ALA D 205 -10.44 -6.95 -62.91
CA ALA D 205 -11.66 -7.31 -63.63
C ALA D 205 -11.62 -6.75 -65.04
N ALA D 206 -12.41 -7.37 -65.91
CA ALA D 206 -12.57 -6.87 -67.28
C ALA D 206 -13.63 -5.78 -67.32
N ASP D 207 -13.43 -4.80 -68.21
CA ASP D 207 -14.31 -3.64 -68.29
C ASP D 207 -15.48 -3.95 -69.23
N ASP D 208 -16.38 -4.80 -68.75
CA ASP D 208 -17.58 -5.16 -69.49
C ASP D 208 -18.67 -5.54 -68.50
N ASP D 209 -19.75 -6.13 -69.01
CA ASP D 209 -20.89 -6.52 -68.17
C ASP D 209 -20.69 -7.87 -67.51
N TYR D 210 -19.57 -8.55 -67.76
CA TYR D 210 -19.28 -9.82 -67.12
C TYR D 210 -18.37 -9.66 -65.91
N GLY D 211 -17.45 -8.70 -65.94
CA GLY D 211 -16.48 -8.55 -64.87
C GLY D 211 -16.91 -7.65 -63.73
N ARG D 212 -17.50 -6.49 -64.06
CA ARG D 212 -17.83 -5.52 -63.03
C ARG D 212 -18.86 -6.01 -62.01
N PRO D 213 -20.02 -6.55 -62.40
CA PRO D 213 -20.97 -7.03 -61.38
C PRO D 213 -20.42 -8.17 -60.55
N GLY D 214 -19.69 -9.11 -61.18
CA GLY D 214 -19.11 -10.21 -60.42
C GLY D 214 -18.09 -9.74 -59.41
N ILE D 215 -17.24 -8.79 -59.80
CA ILE D 215 -16.21 -8.33 -58.87
C ILE D 215 -16.84 -7.49 -57.77
N GLU D 216 -17.94 -6.78 -58.08
CA GLU D 216 -18.66 -6.06 -57.02
C GLU D 216 -19.27 -7.01 -56.01
N LYS D 217 -19.88 -8.09 -56.49
CA LYS D 217 -20.42 -9.09 -55.57
C LYS D 217 -19.32 -9.72 -54.72
N PHE D 218 -18.17 -10.02 -55.33
CA PHE D 218 -17.06 -10.55 -54.55
C PHE D 218 -16.59 -9.55 -53.49
N ARG D 219 -16.66 -8.26 -53.75
CA ARG D 219 -16.15 -7.32 -52.72
C ARG D 219 -17.05 -7.35 -51.48
N GLU D 220 -18.36 -7.27 -51.65
CA GLU D 220 -19.34 -7.31 -50.54
C GLU D 220 -19.17 -8.56 -49.67
N GLU D 221 -19.11 -9.74 -50.26
CA GLU D 221 -18.99 -11.02 -49.51
C GLU D 221 -17.68 -11.02 -48.72
N ALA D 222 -16.63 -10.43 -49.26
CA ALA D 222 -15.30 -10.38 -48.60
C ALA D 222 -15.35 -9.48 -47.37
N GLU D 223 -15.93 -8.30 -47.50
CA GLU D 223 -15.98 -7.34 -46.37
C GLU D 223 -16.81 -7.95 -45.24
N GLU D 224 -17.88 -8.65 -45.61
CA GLU D 224 -18.70 -9.34 -44.58
C GLU D 224 -17.82 -10.41 -43.96
N ARG D 225 -16.81 -10.88 -44.68
CA ARG D 225 -16.04 -11.92 -44.00
C ARG D 225 -14.74 -11.41 -43.38
N ASP D 226 -14.58 -10.08 -43.29
CA ASP D 226 -13.38 -9.47 -42.72
C ASP D 226 -12.13 -9.81 -43.54
N ILE D 227 -12.19 -9.47 -44.82
CA ILE D 227 -11.05 -9.61 -45.73
C ILE D 227 -10.75 -8.23 -46.30
N CYS D 228 -9.47 -7.85 -46.26
CA CYS D 228 -9.04 -6.54 -46.75
C CYS D 228 -8.54 -6.66 -48.18
N ILE D 229 -8.96 -5.72 -49.02
CA ILE D 229 -8.57 -5.68 -50.43
C ILE D 229 -7.63 -4.51 -50.63
N ASP D 230 -6.50 -4.76 -51.31
CA ASP D 230 -5.48 -3.73 -51.45
C ASP D 230 -5.71 -2.86 -52.67
N PHE D 231 -5.84 -3.46 -53.86
CA PHE D 231 -5.97 -2.69 -55.09
C PHE D 231 -7.08 -3.28 -55.95
N SER D 232 -7.58 -2.44 -56.86
CA SER D 232 -8.63 -2.82 -57.80
C SER D 232 -8.34 -2.16 -59.13
N GLU D 233 -8.30 -2.95 -60.20
CA GLU D 233 -7.93 -2.45 -61.52
C GLU D 233 -8.84 -3.03 -62.58
N LEU D 234 -8.92 -2.34 -63.71
CA LEU D 234 -9.73 -2.75 -64.85
C LEU D 234 -8.85 -2.89 -66.09
N ILE D 235 -9.10 -3.93 -66.88
CA ILE D 235 -8.32 -4.21 -68.08
C ILE D 235 -9.27 -4.44 -69.25
N SER D 236 -8.72 -4.40 -70.45
CA SER D 236 -9.51 -4.56 -71.66
C SER D 236 -8.61 -5.11 -72.76
N GLN D 237 -9.26 -5.66 -73.79
CA GLN D 237 -8.51 -6.21 -74.92
C GLN D 237 -7.83 -5.11 -75.73
N TYR D 238 -8.38 -3.91 -75.73
CA TYR D 238 -7.86 -2.79 -76.51
C TYR D 238 -7.20 -1.73 -75.64
N SER D 239 -6.59 -2.14 -74.53
CA SER D 239 -5.82 -1.21 -73.70
C SER D 239 -4.50 -0.89 -74.37
N ASP D 240 -4.00 0.31 -74.11
CA ASP D 240 -2.75 0.77 -74.68
C ASP D 240 -1.59 0.48 -73.72
N GLU D 241 -0.40 0.96 -74.08
CA GLU D 241 0.79 0.66 -73.28
C GLU D 241 0.72 1.29 -71.90
N GLU D 242 0.23 2.53 -71.81
CA GLU D 242 0.27 3.26 -70.54
C GLU D 242 -0.58 2.57 -69.48
N GLU D 243 -1.79 2.14 -69.85
CA GLU D 243 -2.67 1.50 -68.87
C GLU D 243 -2.09 0.17 -68.39
N ILE D 244 -1.55 -0.63 -69.31
CA ILE D 244 -0.95 -1.90 -68.93
C ILE D 244 0.24 -1.68 -68.01
N GLN D 245 1.08 -0.70 -68.33
CA GLN D 245 2.22 -0.40 -67.48
C GLN D 245 1.79 0.08 -66.10
N HIS D 246 0.73 0.90 -66.03
CA HIS D 246 0.23 1.34 -64.74
C HIS D 246 -0.29 0.17 -63.92
N VAL D 247 -1.03 -0.74 -64.56
CA VAL D 247 -1.53 -1.91 -63.84
C VAL D 247 -0.38 -2.77 -63.34
N VAL D 248 0.64 -2.95 -64.17
CA VAL D 248 1.81 -3.75 -63.76
C VAL D 248 2.52 -3.09 -62.58
N GLU D 249 2.66 -1.76 -62.62
CA GLU D 249 3.30 -1.04 -61.52
C GLU D 249 2.50 -1.17 -60.23
N VAL D 250 1.17 -1.11 -60.32
CA VAL D 250 0.34 -1.26 -59.13
C VAL D 250 0.52 -2.64 -58.52
N ILE D 251 0.60 -3.68 -59.36
CA ILE D 251 0.70 -5.05 -58.86
C ILE D 251 2.02 -5.26 -58.11
N GLN D 252 3.14 -4.82 -58.69
CA GLN D 252 4.44 -5.13 -58.11
C GLN D 252 4.86 -4.15 -57.03
N ASN D 253 4.01 -3.19 -56.67
CA ASN D 253 4.32 -2.30 -55.52
C ASN D 253 3.43 -2.73 -54.37
N SER D 254 3.00 -4.00 -54.35
CA SER D 254 2.04 -4.48 -53.33
C SER D 254 2.55 -5.76 -52.65
N THR D 255 2.17 -5.97 -51.39
CA THR D 255 2.61 -7.18 -50.64
C THR D 255 1.47 -8.19 -50.58
N ALA D 256 0.46 -8.04 -51.45
CA ALA D 256 -0.63 -9.01 -51.50
C ALA D 256 -0.25 -10.10 -52.50
N LYS D 257 -0.40 -11.35 -52.10
CA LYS D 257 0.01 -12.47 -52.95
C LYS D 257 -1.14 -13.09 -53.73
N VAL D 258 -2.37 -12.99 -53.23
CA VAL D 258 -3.52 -13.62 -53.86
C VAL D 258 -4.24 -12.59 -54.70
N ILE D 259 -4.47 -12.90 -55.97
CA ILE D 259 -5.13 -12.02 -56.92
C ILE D 259 -6.35 -12.72 -57.49
N VAL D 260 -7.50 -12.05 -57.46
CA VAL D 260 -8.75 -12.58 -57.99
C VAL D 260 -9.07 -11.88 -59.29
N VAL D 261 -9.32 -12.65 -60.35
CA VAL D 261 -9.53 -12.11 -61.69
C VAL D 261 -10.85 -12.62 -62.24
N PHE D 262 -11.74 -11.69 -62.61
CA PHE D 262 -12.96 -11.97 -63.36
C PHE D 262 -12.78 -11.39 -64.77
N SER D 263 -12.46 -12.26 -65.72
CA SER D 263 -12.17 -11.85 -67.08
C SER D 263 -12.21 -13.06 -67.98
N SER D 264 -11.94 -12.85 -69.26
CA SER D 264 -11.78 -13.90 -70.24
C SER D 264 -10.39 -13.80 -70.86
N GLY D 265 -10.03 -14.82 -71.64
CA GLY D 265 -8.71 -14.93 -72.21
C GLY D 265 -8.32 -13.79 -73.13
N PRO D 266 -9.19 -13.44 -74.09
CA PRO D 266 -8.88 -12.28 -74.95
C PRO D 266 -8.70 -10.98 -74.19
N ASP D 267 -9.42 -10.80 -73.08
CA ASP D 267 -9.31 -9.58 -72.29
C ASP D 267 -8.16 -9.61 -71.30
N LEU D 268 -7.54 -10.78 -71.09
CA LEU D 268 -6.46 -10.92 -70.13
C LEU D 268 -5.10 -11.16 -70.78
N GLU D 269 -5.07 -11.48 -72.07
CA GLU D 269 -3.81 -11.86 -72.70
C GLU D 269 -2.73 -10.77 -72.68
N PRO D 270 -3.00 -9.51 -73.03
CA PRO D 270 -1.90 -8.52 -73.03
C PRO D 270 -1.25 -8.31 -71.67
N LEU D 271 -2.05 -8.26 -70.61
CA LEU D 271 -1.50 -8.09 -69.28
C LEU D 271 -0.63 -9.28 -68.89
N ILE D 272 -1.08 -10.49 -69.22
CA ILE D 272 -0.30 -11.69 -68.93
C ILE D 272 1.02 -11.66 -69.67
N LYS D 273 1.00 -11.25 -70.95
CA LYS D 273 2.23 -11.15 -71.72
C LYS D 273 3.20 -10.15 -71.10
N GLU D 274 2.68 -8.97 -70.71
CA GLU D 274 3.54 -7.95 -70.11
C GLU D 274 4.13 -8.43 -68.80
N ILE D 275 3.34 -9.13 -67.98
CA ILE D 275 3.85 -9.67 -66.72
C ILE D 275 4.91 -10.72 -66.97
N VAL D 276 4.69 -11.59 -67.97
CA VAL D 276 5.67 -12.63 -68.27
C VAL D 276 6.99 -12.03 -68.72
N ARG D 277 6.94 -11.01 -69.59
CA ARG D 277 8.19 -10.45 -70.10
C ARG D 277 9.00 -9.75 -69.02
N ARG D 278 8.37 -9.36 -67.90
CA ARG D 278 9.07 -8.74 -66.79
C ARG D 278 9.52 -9.73 -65.73
N ASN D 279 9.18 -11.02 -65.87
CA ASN D 279 9.59 -12.06 -64.94
C ASN D 279 9.10 -11.77 -63.51
N ILE D 280 7.78 -11.75 -63.36
CA ILE D 280 7.14 -11.53 -62.08
C ILE D 280 6.57 -12.86 -61.60
N THR D 281 7.12 -13.39 -60.52
CA THR D 281 6.72 -14.67 -59.96
C THR D 281 6.22 -14.47 -58.53
N GLY D 282 5.63 -15.54 -57.98
CA GLY D 282 5.21 -15.55 -56.60
C GLY D 282 3.78 -15.14 -56.34
N LYS D 283 2.92 -15.13 -57.37
CA LYS D 283 1.54 -14.73 -57.20
C LYS D 283 0.62 -15.95 -57.26
N ILE D 284 -0.52 -15.83 -56.59
CA ILE D 284 -1.53 -16.88 -56.55
C ILE D 284 -2.78 -16.36 -57.26
N TRP D 285 -3.21 -17.06 -58.29
CA TRP D 285 -4.30 -16.59 -59.15
C TRP D 285 -5.57 -17.40 -58.86
N LEU D 286 -6.67 -16.68 -58.68
CA LEU D 286 -8.00 -17.29 -58.58
C LEU D 286 -8.75 -16.97 -59.86
N ALA D 287 -9.15 -18.02 -60.57
CA ALA D 287 -9.66 -17.90 -61.94
C ALA D 287 -11.15 -18.23 -61.99
N SER D 288 -11.88 -17.45 -62.77
CA SER D 288 -13.28 -17.74 -63.05
C SER D 288 -13.40 -18.67 -64.25
N GLU D 289 -14.63 -19.15 -64.49
CA GLU D 289 -14.85 -20.18 -65.49
C GLU D 289 -14.56 -19.71 -66.91
N ALA D 290 -14.47 -18.40 -67.15
CA ALA D 290 -14.25 -17.91 -68.50
C ALA D 290 -12.82 -18.17 -68.96
N TRP D 291 -11.83 -18.02 -68.07
CA TRP D 291 -10.44 -18.21 -68.44
C TRP D 291 -9.72 -19.29 -67.65
N ALA D 292 -10.41 -20.02 -66.78
CA ALA D 292 -9.76 -21.10 -66.04
C ALA D 292 -9.40 -22.28 -66.92
N SER D 293 -9.90 -22.33 -68.15
CA SER D 293 -9.57 -23.40 -69.09
C SER D 293 -9.23 -22.87 -70.48
N SER D 294 -8.82 -21.61 -70.58
CA SER D 294 -8.57 -21.01 -71.88
C SER D 294 -7.21 -21.42 -72.43
N SER D 295 -7.14 -21.60 -73.74
CA SER D 295 -5.88 -21.92 -74.40
C SER D 295 -5.00 -20.71 -74.66
N LEU D 296 -5.56 -19.50 -74.57
CA LEU D 296 -4.76 -18.30 -74.73
C LEU D 296 -3.88 -18.04 -73.51
N ILE D 297 -4.35 -18.43 -72.33
CA ILE D 297 -3.61 -18.24 -71.09
C ILE D 297 -2.81 -19.47 -70.69
N ALA D 298 -3.36 -20.67 -70.90
CA ALA D 298 -2.70 -21.90 -70.46
C ALA D 298 -1.69 -22.34 -71.52
N MET D 299 -0.55 -21.65 -71.53
CA MET D 299 0.56 -21.96 -72.42
C MET D 299 1.77 -22.44 -71.62
N PRO D 300 2.54 -23.39 -72.14
CA PRO D 300 3.76 -23.82 -71.44
C PRO D 300 4.78 -22.72 -71.26
N GLN D 301 4.74 -21.69 -72.12
CA GLN D 301 5.70 -20.59 -72.02
C GLN D 301 5.39 -19.66 -70.86
N TYR D 302 4.16 -19.66 -70.35
CA TYR D 302 3.75 -18.79 -69.26
C TYR D 302 3.72 -19.51 -67.92
N PHE D 303 4.19 -20.76 -67.86
CA PHE D 303 3.98 -21.58 -66.68
C PHE D 303 4.67 -21.00 -65.44
N HIS D 304 5.81 -20.34 -65.61
CA HIS D 304 6.51 -19.78 -64.47
C HIS D 304 5.82 -18.54 -63.90
N VAL D 305 4.68 -18.14 -64.48
CA VAL D 305 3.91 -17.00 -63.98
C VAL D 305 2.49 -17.42 -63.62
N VAL D 306 1.84 -18.20 -64.49
CA VAL D 306 0.45 -18.59 -64.26
C VAL D 306 0.31 -20.03 -63.78
N GLY D 307 1.40 -20.68 -63.39
CA GLY D 307 1.31 -22.04 -62.88
C GLY D 307 0.72 -22.06 -61.48
N GLY D 308 0.02 -23.15 -61.16
CA GLY D 308 -0.59 -23.30 -59.86
C GLY D 308 -1.92 -22.60 -59.68
N THR D 309 -2.55 -22.16 -60.75
CA THR D 309 -3.83 -21.46 -60.65
C THR D 309 -4.94 -22.40 -60.21
N ILE D 310 -5.88 -21.87 -59.43
CA ILE D 310 -7.06 -22.60 -58.99
C ILE D 310 -8.29 -21.92 -59.58
N GLY D 311 -9.14 -22.69 -60.27
CA GLY D 311 -10.26 -22.14 -60.99
C GLY D 311 -11.51 -22.99 -60.84
N PHE D 312 -12.52 -22.62 -61.62
CA PHE D 312 -13.83 -23.26 -61.58
C PHE D 312 -14.19 -23.83 -62.94
N ALA D 313 -14.94 -24.94 -62.93
CA ALA D 313 -15.41 -25.59 -64.14
C ALA D 313 -16.84 -26.05 -63.95
N LEU D 314 -17.53 -26.27 -65.06
CA LEU D 314 -18.91 -26.73 -65.02
C LEU D 314 -18.97 -28.25 -65.04
N LYS D 315 -20.17 -28.78 -64.82
CA LYS D 315 -20.39 -30.22 -64.94
C LYS D 315 -20.43 -30.63 -66.42
N ALA D 316 -19.88 -31.80 -66.69
CA ALA D 316 -19.76 -32.31 -68.05
C ALA D 316 -20.88 -33.28 -68.37
N GLY D 317 -21.21 -33.37 -69.66
CA GLY D 317 -22.21 -34.29 -70.12
C GLY D 317 -21.63 -35.25 -71.14
N GLN D 318 -22.47 -36.18 -71.59
CA GLN D 318 -22.07 -37.23 -72.53
C GLN D 318 -22.96 -37.19 -73.76
N ILE D 319 -22.33 -37.08 -74.93
CA ILE D 319 -23.03 -37.15 -76.21
C ILE D 319 -22.49 -38.37 -76.95
N PRO D 320 -23.29 -39.41 -77.16
CA PRO D 320 -22.74 -40.70 -77.62
C PRO D 320 -22.01 -40.65 -78.95
N GLY D 321 -22.48 -39.88 -79.92
CA GLY D 321 -21.87 -39.91 -81.24
C GLY D 321 -21.40 -38.56 -81.76
N PHE D 322 -20.92 -37.71 -80.86
CA PHE D 322 -20.48 -36.38 -81.26
C PHE D 322 -19.15 -36.40 -81.99
N ARG D 323 -18.19 -37.19 -81.49
CA ARG D 323 -16.85 -37.18 -82.08
C ARG D 323 -16.85 -37.76 -83.49
N GLU D 324 -17.65 -38.80 -83.73
CA GLU D 324 -17.74 -39.37 -85.07
C GLU D 324 -18.31 -38.35 -86.06
N PHE D 325 -19.31 -37.56 -85.62
CA PHE D 325 -19.83 -36.51 -86.47
C PHE D 325 -18.79 -35.42 -86.71
N LEU D 326 -18.02 -35.08 -85.68
CA LEU D 326 -16.98 -34.07 -85.84
C LEU D 326 -15.92 -34.52 -86.84
N LYS D 327 -15.54 -35.79 -86.81
CA LYS D 327 -14.41 -36.27 -87.59
C LYS D 327 -14.69 -36.37 -89.08
N LYS D 328 -15.94 -36.19 -89.53
CA LYS D 328 -16.29 -36.40 -90.92
C LYS D 328 -16.47 -35.10 -91.69
N VAL D 329 -15.93 -33.99 -91.19
CA VAL D 329 -16.05 -32.71 -91.89
C VAL D 329 -15.18 -32.71 -93.14
N HIS D 330 -15.64 -32.00 -94.17
CA HIS D 330 -14.92 -31.90 -95.43
C HIS D 330 -15.32 -30.61 -96.12
N PRO D 331 -14.39 -29.92 -96.79
CA PRO D 331 -14.76 -28.67 -97.48
C PRO D 331 -15.57 -28.89 -98.75
N ARG D 332 -15.57 -30.09 -99.32
CA ARG D 332 -16.30 -30.37 -100.55
C ARG D 332 -17.57 -31.18 -100.35
N LYS D 333 -17.77 -31.75 -99.16
CA LYS D 333 -18.97 -32.54 -98.86
C LYS D 333 -19.95 -31.84 -97.95
N SER D 334 -19.47 -30.94 -97.08
CA SER D 334 -20.34 -30.16 -96.20
C SER D 334 -20.86 -28.97 -97.00
N VAL D 335 -21.84 -29.25 -97.86
CA VAL D 335 -22.40 -28.23 -98.74
C VAL D 335 -23.08 -27.14 -97.92
N HIS D 336 -23.84 -27.52 -96.90
CA HIS D 336 -24.60 -26.59 -96.09
C HIS D 336 -23.72 -25.79 -95.12
N ASN D 337 -22.46 -26.16 -94.95
CA ASN D 337 -21.56 -25.50 -94.01
C ASN D 337 -20.56 -24.64 -94.76
N GLY D 338 -20.55 -23.35 -94.47
CA GLY D 338 -19.70 -22.42 -95.19
C GLY D 338 -18.43 -22.05 -94.45
N PHE D 339 -18.31 -22.44 -93.19
CA PHE D 339 -17.09 -22.21 -92.42
C PHE D 339 -16.08 -23.33 -92.55
N ALA D 340 -16.48 -24.45 -93.16
CA ALA D 340 -15.58 -25.59 -93.29
C ALA D 340 -14.38 -25.27 -94.17
N LYS D 341 -14.55 -24.41 -95.18
CA LYS D 341 -13.43 -24.07 -96.06
C LYS D 341 -12.32 -23.38 -95.29
N GLU D 342 -12.66 -22.32 -94.55
CA GLU D 342 -11.64 -21.64 -93.75
C GLU D 342 -11.13 -22.52 -92.62
N PHE D 343 -11.99 -23.40 -92.09
CA PHE D 343 -11.51 -24.34 -91.07
C PHE D 343 -10.41 -25.23 -91.65
N TRP D 344 -10.63 -25.76 -92.85
CA TRP D 344 -9.63 -26.61 -93.50
C TRP D 344 -8.36 -25.83 -93.79
N GLU D 345 -8.49 -24.62 -94.32
CA GLU D 345 -7.31 -23.83 -94.67
C GLU D 345 -6.50 -23.45 -93.43
N GLU D 346 -7.17 -23.09 -92.34
CA GLU D 346 -6.45 -22.77 -91.11
C GLU D 346 -5.83 -23.99 -90.48
N THR D 347 -6.50 -25.15 -90.54
CA THR D 347 -5.99 -26.36 -89.91
C THR D 347 -4.76 -26.88 -90.64
N PHE D 348 -4.84 -27.01 -91.96
CA PHE D 348 -3.78 -27.64 -92.73
C PHE D 348 -2.80 -26.65 -93.35
N ASN D 349 -2.98 -25.35 -93.12
CA ASN D 349 -2.08 -24.32 -93.62
C ASN D 349 -1.88 -24.45 -95.14
N CYS D 350 -2.98 -24.72 -95.83
CA CYS D 350 -2.97 -24.85 -97.27
C CYS D 350 -4.05 -23.96 -97.86
N HIS D 351 -3.86 -23.58 -99.12
CA HIS D 351 -4.78 -22.71 -99.83
C HIS D 351 -5.60 -23.54 -100.81
N LEU D 352 -6.92 -23.49 -100.66
CA LEU D 352 -7.82 -24.27 -101.50
C LEU D 352 -8.03 -23.56 -102.83
N GLN D 353 -7.77 -24.26 -103.93
CA GLN D 353 -8.00 -23.70 -105.25
C GLN D 353 -9.49 -23.63 -105.55
N GLU D 354 -9.93 -22.49 -106.07
CA GLU D 354 -11.33 -22.28 -106.39
C GLU D 354 -11.73 -23.08 -107.62
N PHE D 383 4.32 -18.93 -100.60
CA PHE D 383 3.05 -19.36 -101.18
C PHE D 383 2.54 -20.62 -100.52
N ARG D 384 1.29 -20.58 -100.08
CA ARG D 384 0.70 -21.75 -99.43
C ARG D 384 0.48 -22.87 -100.45
N PRO D 385 0.84 -24.10 -100.11
CA PRO D 385 0.61 -25.22 -101.03
C PRO D 385 -0.87 -25.50 -101.23
N LEU D 386 -1.18 -26.08 -102.38
CA LEU D 386 -2.56 -26.47 -102.67
C LEU D 386 -2.96 -27.69 -101.84
N CYS D 387 -4.20 -27.67 -101.34
CA CYS D 387 -4.70 -28.78 -100.54
C CYS D 387 -4.98 -29.98 -101.43
N THR D 388 -4.59 -31.17 -100.96
CA THR D 388 -4.78 -32.37 -101.77
C THR D 388 -6.22 -32.84 -101.76
N GLY D 389 -6.91 -32.70 -100.62
CA GLY D 389 -8.29 -33.11 -100.50
C GLY D 389 -8.51 -34.44 -99.80
N ASP D 390 -7.45 -35.08 -99.32
CA ASP D 390 -7.54 -36.32 -98.57
C ASP D 390 -6.67 -36.26 -97.32
N GLU D 391 -6.77 -35.17 -96.58
CA GLU D 391 -5.92 -34.91 -95.44
C GLU D 391 -6.69 -35.18 -94.15
N ASN D 392 -6.13 -36.03 -93.30
CA ASN D 392 -6.81 -36.41 -92.07
C ASN D 392 -6.71 -35.31 -91.02
N ILE D 393 -7.81 -35.08 -90.31
CA ILE D 393 -7.85 -34.05 -89.27
C ILE D 393 -7.24 -34.53 -87.96
N SER D 394 -6.91 -35.81 -87.85
CA SER D 394 -6.36 -36.34 -86.60
C SER D 394 -4.89 -36.00 -86.42
N SER D 395 -4.19 -35.61 -87.49
CA SER D 395 -2.76 -35.34 -87.39
C SER D 395 -2.49 -34.02 -86.67
N VAL D 396 -3.31 -33.01 -86.93
CA VAL D 396 -3.10 -31.68 -86.37
C VAL D 396 -3.73 -31.60 -84.99
N GLU D 397 -2.96 -31.17 -84.01
CA GLU D 397 -3.46 -30.98 -82.65
C GLU D 397 -4.05 -29.58 -82.53
N THR D 398 -5.37 -29.50 -82.58
CA THR D 398 -6.12 -28.27 -82.43
C THR D 398 -7.27 -28.52 -81.48
N PRO D 399 -7.80 -27.48 -80.82
CA PRO D 399 -8.88 -27.69 -79.86
C PRO D 399 -10.19 -28.19 -80.49
N TYR D 400 -10.18 -28.46 -81.80
CA TYR D 400 -11.38 -29.00 -82.43
C TYR D 400 -11.72 -30.38 -81.90
N ILE D 401 -10.73 -31.25 -81.75
CA ILE D 401 -10.98 -32.60 -81.24
C ILE D 401 -10.03 -32.90 -80.09
N ASP D 402 -9.34 -31.87 -79.58
CA ASP D 402 -8.46 -32.03 -78.43
C ASP D 402 -9.19 -31.53 -77.18
N TYR D 403 -10.09 -32.38 -76.68
CA TYR D 403 -10.87 -32.05 -75.49
C TYR D 403 -10.96 -33.28 -74.62
N THR D 404 -11.25 -33.05 -73.34
CA THR D 404 -11.48 -34.12 -72.38
C THR D 404 -12.92 -34.20 -71.89
N HIS D 405 -13.61 -33.06 -71.78
CA HIS D 405 -14.98 -33.03 -71.30
C HIS D 405 -15.77 -32.04 -72.14
N LEU D 406 -17.09 -32.29 -72.23
CA LEU D 406 -18.02 -31.44 -72.97
C LEU D 406 -18.85 -30.66 -71.97
N ARG D 407 -18.66 -29.35 -71.91
CA ARG D 407 -19.34 -28.49 -70.96
C ARG D 407 -20.22 -27.45 -71.63
N ILE D 408 -19.69 -26.69 -72.58
CA ILE D 408 -20.49 -25.72 -73.31
C ILE D 408 -21.21 -26.37 -74.50
N SER D 409 -20.57 -27.37 -75.12
CA SER D 409 -21.23 -28.10 -76.19
C SER D 409 -22.49 -28.80 -75.67
N TYR D 410 -22.42 -29.35 -74.47
CA TYR D 410 -23.61 -29.90 -73.82
C TYR D 410 -24.67 -28.83 -73.60
N ASN D 411 -24.24 -27.59 -73.30
CA ASN D 411 -25.19 -26.50 -73.16
C ASN D 411 -25.91 -26.23 -74.48
N VAL D 412 -25.17 -26.25 -75.59
CA VAL D 412 -25.81 -26.06 -76.90
C VAL D 412 -26.80 -27.18 -77.18
N TYR D 413 -26.38 -28.43 -76.89
CA TYR D 413 -27.25 -29.59 -77.05
C TYR D 413 -28.56 -29.44 -76.27
N LEU D 414 -28.46 -29.03 -75.00
CA LEU D 414 -29.64 -28.86 -74.18
C LEU D 414 -30.51 -27.70 -74.69
N ALA D 415 -29.87 -26.65 -75.19
CA ALA D 415 -30.60 -25.53 -75.75
C ALA D 415 -31.44 -25.96 -76.94
N VAL D 416 -30.90 -26.84 -77.79
CA VAL D 416 -31.67 -27.31 -78.94
C VAL D 416 -32.81 -28.22 -78.50
N TYR D 417 -32.54 -29.17 -77.59
CA TYR D 417 -33.63 -30.03 -77.16
C TYR D 417 -34.72 -29.29 -76.39
N SER D 418 -34.39 -28.18 -75.72
CA SER D 418 -35.43 -27.41 -75.04
C SER D 418 -36.47 -26.93 -76.04
N ILE D 419 -36.02 -26.36 -77.15
CA ILE D 419 -36.93 -25.87 -78.18
C ILE D 419 -37.68 -27.03 -78.81
N ALA D 420 -36.98 -28.14 -79.06
CA ALA D 420 -37.65 -29.31 -79.64
C ALA D 420 -38.77 -29.81 -78.74
N HIS D 421 -38.54 -29.85 -77.43
CA HIS D 421 -39.56 -30.36 -76.51
C HIS D 421 -40.71 -29.38 -76.34
N ALA D 422 -40.43 -28.07 -76.39
CA ALA D 422 -41.52 -27.10 -76.39
C ALA D 422 -42.40 -27.28 -77.63
N LEU D 423 -41.78 -27.50 -78.79
CA LEU D 423 -42.57 -27.74 -80.00
C LEU D 423 -43.36 -29.03 -79.90
N GLN D 424 -42.77 -30.07 -79.32
CA GLN D 424 -43.50 -31.33 -79.13
C GLN D 424 -44.69 -31.15 -78.20
N ASP D 425 -44.53 -30.36 -77.14
CA ASP D 425 -45.65 -30.05 -76.27
C ASP D 425 -46.74 -29.33 -77.04
N ILE D 426 -46.36 -28.39 -77.91
CA ILE D 426 -47.34 -27.74 -78.77
C ILE D 426 -48.08 -28.76 -79.61
N TYR D 427 -47.35 -29.74 -80.15
CA TYR D 427 -47.93 -30.67 -81.11
C TYR D 427 -48.84 -31.70 -80.46
N THR D 428 -48.53 -32.14 -79.25
CA THR D 428 -49.21 -33.29 -78.63
C THR D 428 -50.12 -32.88 -77.49
N CYS D 429 -50.86 -31.78 -77.63
CA CYS D 429 -51.83 -31.37 -76.63
C CYS D 429 -53.25 -31.69 -77.10
N LEU D 430 -54.19 -31.68 -76.14
CA LEU D 430 -55.59 -31.93 -76.41
C LEU D 430 -56.42 -30.70 -76.08
N PRO D 431 -57.54 -30.49 -76.78
CA PRO D 431 -58.39 -29.31 -76.49
C PRO D 431 -58.91 -29.34 -75.06
N GLY D 432 -59.04 -28.15 -74.47
CA GLY D 432 -59.49 -28.01 -73.10
C GLY D 432 -58.39 -28.08 -72.06
N ARG D 433 -57.16 -28.40 -72.45
CA ARG D 433 -56.05 -28.49 -71.52
C ARG D 433 -54.87 -27.63 -71.95
N GLY D 434 -55.06 -26.74 -72.90
CA GLY D 434 -53.99 -25.87 -73.36
C GLY D 434 -53.65 -24.78 -72.37
N LEU D 435 -52.51 -24.13 -72.61
CA LEU D 435 -52.01 -23.07 -71.75
C LEU D 435 -52.57 -21.70 -72.12
N PHE D 436 -53.43 -21.63 -73.13
CA PHE D 436 -53.92 -20.37 -73.65
C PHE D 436 -55.27 -20.02 -73.02
N THR D 437 -55.97 -19.03 -73.60
CA THR D 437 -57.06 -18.34 -72.91
C THR D 437 -58.14 -19.31 -72.44
N ASN D 438 -58.66 -20.14 -73.34
CA ASN D 438 -59.77 -21.02 -73.03
C ASN D 438 -59.37 -22.49 -73.15
N GLY D 439 -58.10 -22.80 -72.88
CA GLY D 439 -57.61 -24.15 -73.06
C GLY D 439 -57.36 -24.53 -74.49
N SER D 440 -57.45 -23.59 -75.42
CA SER D 440 -57.26 -23.91 -76.83
C SER D 440 -55.79 -24.18 -77.13
N CYS D 441 -55.57 -25.12 -78.05
CA CYS D 441 -54.23 -25.53 -78.44
C CYS D 441 -53.75 -24.71 -79.63
N ALA D 442 -52.45 -24.46 -79.66
CA ALA D 442 -51.84 -23.75 -80.79
C ALA D 442 -51.80 -24.66 -82.01
N ASP D 443 -51.84 -24.03 -83.18
CA ASP D 443 -51.78 -24.76 -84.43
C ASP D 443 -50.32 -24.97 -84.81
N ILE D 444 -49.92 -26.23 -84.99
CA ILE D 444 -48.51 -26.54 -85.25
C ILE D 444 -48.11 -26.05 -86.64
N LYS D 445 -49.05 -26.04 -87.60
CA LYS D 445 -48.72 -25.56 -88.93
C LYS D 445 -48.48 -24.05 -88.96
N LYS D 446 -49.24 -23.29 -88.17
CA LYS D 446 -49.13 -21.84 -88.18
C LYS D 446 -48.60 -21.32 -86.85
N VAL D 447 -47.56 -21.97 -86.32
CA VAL D 447 -47.05 -21.63 -85.00
C VAL D 447 -46.36 -20.27 -85.04
N GLU D 448 -46.31 -19.61 -83.88
CA GLU D 448 -45.71 -18.29 -83.74
C GLU D 448 -44.70 -18.29 -82.59
N ALA D 449 -43.91 -17.22 -82.53
CA ALA D 449 -42.78 -17.19 -81.60
C ALA D 449 -43.24 -17.07 -80.15
N TRP D 450 -44.25 -16.25 -79.88
CA TRP D 450 -44.68 -16.04 -78.50
C TRP D 450 -45.29 -17.31 -77.90
N GLN D 451 -45.93 -18.14 -78.71
CA GLN D 451 -46.42 -19.43 -78.22
C GLN D 451 -45.28 -20.34 -77.81
N VAL D 452 -44.21 -20.36 -78.60
CA VAL D 452 -43.04 -21.15 -78.24
C VAL D 452 -42.40 -20.62 -76.96
N LEU D 453 -42.37 -19.29 -76.80
CA LEU D 453 -41.84 -18.72 -75.57
C LEU D 453 -42.70 -19.09 -74.37
N LYS D 454 -44.02 -19.11 -74.55
CA LYS D 454 -44.91 -19.52 -73.46
C LYS D 454 -44.67 -20.96 -73.05
N HIS D 455 -44.54 -21.88 -74.02
CA HIS D 455 -44.22 -23.26 -73.67
C HIS D 455 -42.81 -23.41 -73.11
N LEU D 456 -41.88 -22.52 -73.48
CA LEU D 456 -40.56 -22.56 -72.87
C LEU D 456 -40.61 -22.13 -71.41
N ARG D 457 -41.49 -21.18 -71.08
CA ARG D 457 -41.60 -20.73 -69.70
C ARG D 457 -42.15 -21.83 -68.78
N HIS D 458 -42.80 -22.85 -69.35
CA HIS D 458 -43.41 -23.93 -68.59
C HIS D 458 -42.79 -25.28 -68.89
N LEU D 459 -41.55 -25.31 -69.36
CA LEU D 459 -40.93 -26.56 -69.80
C LEU D 459 -40.57 -27.45 -68.62
N ASN D 460 -40.73 -28.76 -68.81
CA ASN D 460 -40.29 -29.75 -67.82
C ASN D 460 -40.10 -31.07 -68.57
N PHE D 461 -38.84 -31.48 -68.72
CA PHE D 461 -38.54 -32.71 -69.45
C PHE D 461 -37.26 -33.32 -68.89
N THR D 462 -37.07 -34.61 -69.17
CA THR D 462 -35.88 -35.33 -68.77
C THR D 462 -34.92 -35.45 -69.95
N ASN D 463 -33.62 -35.32 -69.65
CA ASN D 463 -32.60 -35.36 -70.67
C ASN D 463 -32.12 -36.80 -70.87
N ASN D 464 -31.05 -36.97 -71.63
CA ASN D 464 -30.53 -38.31 -71.91
C ASN D 464 -29.71 -38.87 -70.76
N MET D 465 -29.43 -38.07 -69.73
CA MET D 465 -28.65 -38.53 -68.58
C MET D 465 -29.51 -38.80 -67.35
N GLY D 466 -30.83 -38.80 -67.51
CA GLY D 466 -31.73 -39.15 -66.42
C GLY D 466 -32.14 -38.01 -65.51
N GLU D 467 -31.64 -36.80 -65.71
CA GLU D 467 -31.98 -35.66 -64.87
C GLU D 467 -33.13 -34.87 -65.49
N GLN D 468 -33.69 -33.98 -64.67
CA GLN D 468 -34.80 -33.12 -65.09
C GLN D 468 -34.28 -31.74 -65.44
N VAL D 469 -34.94 -31.08 -66.39
CA VAL D 469 -34.57 -29.76 -66.86
C VAL D 469 -35.81 -28.86 -66.79
N THR D 470 -35.80 -27.90 -65.87
CA THR D 470 -36.86 -26.91 -65.76
C THR D 470 -36.23 -25.53 -65.63
N PHE D 471 -36.90 -24.52 -66.16
CA PHE D 471 -36.47 -23.14 -66.04
C PHE D 471 -37.28 -22.43 -64.96
N ASP D 472 -36.60 -21.72 -64.08
CA ASP D 472 -37.24 -21.00 -62.99
C ASP D 472 -37.94 -19.76 -63.54
N GLU D 473 -38.45 -18.92 -62.63
CA GLU D 473 -39.17 -17.72 -63.05
C GLU D 473 -38.27 -16.73 -63.78
N CYS D 474 -36.96 -16.79 -63.60
CA CYS D 474 -36.02 -15.90 -64.26
C CYS D 474 -35.35 -16.52 -65.48
N GLY D 475 -35.78 -17.72 -65.89
CA GLY D 475 -35.14 -18.40 -67.00
C GLY D 475 -33.70 -18.79 -66.70
N ASP D 476 -33.45 -19.37 -65.53
CA ASP D 476 -32.10 -19.70 -65.10
C ASP D 476 -32.04 -21.16 -64.69
N LEU D 477 -30.84 -21.73 -64.79
CA LEU D 477 -30.56 -23.07 -64.28
C LEU D 477 -29.64 -22.99 -63.08
N VAL D 478 -29.68 -24.05 -62.27
CA VAL D 478 -28.78 -24.20 -61.12
C VAL D 478 -27.92 -25.43 -61.36
N GLY D 479 -26.63 -25.32 -61.06
CA GLY D 479 -25.72 -26.41 -61.32
C GLY D 479 -24.56 -26.42 -60.34
N ASN D 480 -23.91 -27.57 -60.28
CA ASN D 480 -22.72 -27.74 -59.45
C ASN D 480 -21.52 -27.05 -60.10
N TYR D 481 -20.45 -26.94 -59.32
CA TYR D 481 -19.18 -26.42 -59.81
C TYR D 481 -18.08 -27.42 -59.50
N SER D 482 -17.03 -27.40 -60.32
CA SER D 482 -15.87 -28.23 -60.11
C SER D 482 -14.64 -27.35 -60.00
N ILE D 483 -13.79 -27.65 -59.02
CA ILE D 483 -12.60 -26.86 -58.73
C ILE D 483 -11.39 -27.59 -59.27
N ILE D 484 -10.59 -26.90 -60.08
CA ILE D 484 -9.47 -27.51 -60.79
C ILE D 484 -8.19 -26.76 -60.44
N ASN D 485 -7.07 -27.37 -60.83
CA ASN D 485 -5.73 -26.88 -60.53
C ASN D 485 -4.83 -27.11 -61.73
N TRP D 486 -3.97 -26.12 -62.02
CA TRP D 486 -3.12 -26.16 -63.21
C TRP D 486 -1.80 -26.84 -62.87
N HIS D 487 -1.52 -27.95 -63.53
CA HIS D 487 -0.29 -28.72 -63.32
C HIS D 487 0.55 -28.71 -64.60
N LEU D 488 1.67 -29.41 -64.54
CA LEU D 488 2.56 -29.59 -65.68
C LEU D 488 2.63 -31.07 -66.02
N SER D 489 2.38 -31.41 -67.27
CA SER D 489 2.38 -32.81 -67.68
C SER D 489 3.80 -33.36 -67.69
N PRO D 490 4.07 -34.46 -66.99
CA PRO D 490 5.44 -34.98 -66.98
C PRO D 490 5.90 -35.54 -68.31
N GLU D 491 4.97 -36.01 -69.14
CA GLU D 491 5.32 -36.62 -70.42
C GLU D 491 5.28 -35.61 -71.56
N ASP D 492 4.12 -35.00 -71.81
CA ASP D 492 3.99 -34.08 -72.93
C ASP D 492 4.67 -32.75 -72.63
N GLY D 493 4.55 -32.25 -71.41
CA GLY D 493 5.08 -30.95 -71.05
C GLY D 493 4.08 -29.82 -71.11
N SER D 494 2.81 -30.10 -71.35
CA SER D 494 1.78 -29.08 -71.44
C SER D 494 1.16 -28.86 -70.05
N ILE D 495 0.07 -28.10 -70.01
CA ILE D 495 -0.63 -27.79 -68.77
C ILE D 495 -1.83 -28.70 -68.65
N VAL D 496 -1.95 -29.36 -67.50
CA VAL D 496 -2.99 -30.35 -67.24
C VAL D 496 -3.87 -29.84 -66.10
N PHE D 497 -5.18 -29.81 -66.32
CA PHE D 497 -6.13 -29.35 -65.32
C PHE D 497 -6.58 -30.56 -64.49
N LYS D 498 -6.39 -30.47 -63.17
CA LYS D 498 -6.69 -31.56 -62.26
C LYS D 498 -7.74 -31.12 -61.25
N GLU D 499 -8.73 -31.99 -61.02
CA GLU D 499 -9.82 -31.68 -60.10
C GLU D 499 -9.41 -31.98 -58.67
N VAL D 500 -9.63 -31.03 -57.77
CA VAL D 500 -9.23 -31.16 -56.37
C VAL D 500 -10.38 -30.88 -55.41
N GLY D 501 -11.59 -30.65 -55.90
CA GLY D 501 -12.70 -30.36 -55.01
C GLY D 501 -13.94 -30.03 -55.81
N TYR D 502 -14.98 -29.61 -55.09
CA TYR D 502 -16.23 -29.24 -55.73
C TYR D 502 -16.98 -28.25 -54.85
N TYR D 503 -17.99 -27.61 -55.45
CA TYR D 503 -18.87 -26.70 -54.75
C TYR D 503 -20.31 -27.17 -54.95
N ASN D 504 -21.02 -27.36 -53.85
CA ASN D 504 -22.39 -27.87 -53.87
C ASN D 504 -23.35 -26.72 -53.62
N VAL D 505 -24.28 -26.50 -54.55
CA VAL D 505 -25.24 -25.42 -54.40
C VAL D 505 -26.54 -25.87 -53.75
N TYR D 506 -26.75 -27.17 -53.60
CA TYR D 506 -27.95 -27.71 -52.97
C TYR D 506 -27.81 -27.91 -51.48
N ALA D 507 -26.61 -27.67 -50.92
CA ALA D 507 -26.41 -27.78 -49.49
C ALA D 507 -26.73 -26.45 -48.82
N LYS D 508 -26.48 -26.36 -47.52
CA LYS D 508 -26.73 -25.15 -46.75
C LYS D 508 -25.49 -24.29 -46.68
N LYS D 509 -25.68 -23.04 -46.26
CA LYS D 509 -24.58 -22.11 -46.14
C LYS D 509 -23.56 -22.62 -45.13
N GLY D 510 -22.28 -22.60 -45.51
CA GLY D 510 -21.20 -23.07 -44.67
C GLY D 510 -20.83 -24.52 -44.88
N GLU D 511 -21.62 -25.28 -45.63
CA GLU D 511 -21.31 -26.67 -45.93
C GLU D 511 -21.42 -26.94 -47.43
N ARG D 512 -20.96 -26.00 -48.25
CA ARG D 512 -21.03 -26.12 -49.69
C ARG D 512 -19.69 -26.45 -50.34
N LEU D 513 -18.58 -26.08 -49.70
CA LEU D 513 -17.26 -26.20 -50.30
C LEU D 513 -16.55 -27.44 -49.77
N PHE D 514 -15.98 -28.22 -50.69
CA PHE D 514 -15.11 -29.35 -50.33
C PHE D 514 -13.82 -29.22 -51.11
N ILE D 515 -12.69 -29.31 -50.40
CA ILE D 515 -11.37 -29.17 -50.99
C ILE D 515 -10.49 -30.29 -50.48
N ASN D 516 -9.71 -30.91 -51.37
CA ASN D 516 -8.72 -31.90 -51.00
C ASN D 516 -7.35 -31.25 -51.14
N GLU D 517 -6.72 -30.94 -50.00
CA GLU D 517 -5.48 -30.19 -50.01
C GLU D 517 -4.28 -31.02 -50.43
N GLU D 518 -4.37 -32.36 -50.33
CA GLU D 518 -3.23 -33.20 -50.67
C GLU D 518 -2.94 -33.25 -52.16
N LYS D 519 -3.85 -32.77 -53.00
CA LYS D 519 -3.70 -32.82 -54.44
C LYS D 519 -3.30 -31.48 -55.04
N ILE D 520 -3.01 -30.48 -54.22
CA ILE D 520 -2.73 -29.13 -54.70
C ILE D 520 -1.22 -28.92 -54.73
N LEU D 521 -0.72 -28.46 -55.87
CA LEU D 521 0.64 -27.95 -56.01
C LEU D 521 0.55 -26.44 -56.15
N TRP D 522 1.06 -25.72 -55.16
CA TRP D 522 0.73 -24.30 -55.02
C TRP D 522 1.39 -23.42 -56.06
N SER D 523 2.52 -23.86 -56.62
CA SER D 523 3.09 -23.18 -57.79
C SER D 523 3.56 -24.18 -58.83
N GLY D 524 2.98 -25.39 -58.84
CA GLY D 524 3.45 -26.47 -59.66
C GLY D 524 4.49 -27.35 -59.01
N PHE D 525 5.12 -26.87 -57.93
CA PHE D 525 6.17 -27.63 -57.26
C PHE D 525 6.09 -27.62 -55.74
N SER D 526 5.33 -26.73 -55.12
CA SER D 526 5.34 -26.57 -53.68
C SER D 526 4.20 -27.36 -53.03
N ARG D 527 4.36 -27.66 -51.74
CA ARG D 527 3.38 -28.43 -50.99
C ARG D 527 2.94 -27.75 -49.70
N GLU D 528 3.28 -26.48 -49.51
CA GLU D 528 2.93 -25.75 -48.29
C GLU D 528 2.09 -24.52 -48.65
N VAL D 529 1.08 -24.26 -47.83
CA VAL D 529 0.15 -23.15 -48.08
C VAL D 529 0.91 -21.83 -47.98
N PRO D 530 0.74 -20.91 -48.94
CA PRO D 530 1.44 -19.62 -48.86
C PRO D 530 0.84 -18.72 -47.78
N PHE D 531 1.59 -17.68 -47.45
CA PHE D 531 1.20 -16.70 -46.44
C PHE D 531 0.79 -15.41 -47.13
N SER D 532 -0.42 -14.94 -46.86
CA SER D 532 -0.95 -13.76 -47.53
C SER D 532 -1.68 -12.85 -46.54
N ASN D 533 -1.05 -12.60 -45.40
CA ASN D 533 -1.56 -11.64 -44.43
C ASN D 533 -0.72 -10.36 -44.46
N CYS D 534 -1.37 -9.24 -44.13
CA CYS D 534 -0.66 -7.97 -44.11
C CYS D 534 0.44 -7.94 -43.06
N SER D 535 0.14 -8.42 -41.86
CA SER D 535 1.06 -8.31 -40.75
C SER D 535 1.09 -9.62 -39.97
N ARG D 536 2.21 -9.86 -39.30
CA ARG D 536 2.39 -11.07 -38.52
C ARG D 536 1.53 -11.02 -37.26
N ASP D 537 1.18 -12.20 -36.76
CA ASP D 537 0.36 -12.29 -35.56
C ASP D 537 1.16 -11.90 -34.33
N CYS D 538 0.53 -11.14 -33.44
CA CYS D 538 1.16 -10.75 -32.19
C CYS D 538 1.38 -11.97 -31.30
N LEU D 539 2.39 -11.90 -30.44
CA LEU D 539 2.67 -12.99 -29.52
C LEU D 539 1.79 -12.89 -28.28
N ALA D 540 2.03 -13.78 -27.32
CA ALA D 540 1.22 -13.81 -26.10
C ALA D 540 1.48 -12.61 -25.20
N GLY D 541 2.70 -12.07 -25.21
CA GLY D 541 3.05 -10.99 -24.32
C GLY D 541 2.77 -9.59 -24.83
N THR D 542 2.15 -9.46 -26.00
CA THR D 542 1.96 -8.14 -26.61
C THR D 542 0.51 -7.90 -27.00
N ARG D 543 0.21 -6.66 -27.38
CA ARG D 543 -1.12 -6.28 -27.85
C ARG D 543 -0.97 -5.56 -29.18
N LYS D 544 -2.10 -5.35 -29.86
CA LYS D 544 -2.08 -4.76 -31.19
C LYS D 544 -1.93 -3.24 -31.11
N GLY D 545 -1.47 -2.66 -32.22
CA GLY D 545 -1.37 -1.23 -32.34
C GLY D 545 -1.96 -0.77 -33.66
N ILE D 546 -2.24 0.53 -33.73
CA ILE D 546 -2.91 1.14 -34.88
C ILE D 546 -1.87 1.85 -35.73
N ILE D 547 -1.90 1.58 -37.03
CA ILE D 547 -1.10 2.31 -38.01
C ILE D 547 -2.02 3.30 -38.71
N GLU D 548 -1.66 4.57 -38.66
CA GLU D 548 -2.50 5.62 -39.24
C GLU D 548 -2.55 5.49 -40.75
N GLY D 549 -3.75 5.64 -41.31
CA GLY D 549 -3.93 5.59 -42.75
C GLY D 549 -3.84 4.21 -43.36
N GLU D 550 -4.01 3.16 -42.58
CA GLU D 550 -3.98 1.79 -43.08
C GLU D 550 -5.21 1.03 -42.58
N PRO D 551 -5.67 0.03 -43.33
CA PRO D 551 -6.84 -0.73 -42.91
C PRO D 551 -6.56 -1.54 -41.65
N THR D 552 -7.64 -2.10 -41.10
CA THR D 552 -7.55 -2.81 -39.82
C THR D 552 -6.77 -4.11 -39.91
N CYS D 553 -6.49 -4.60 -41.12
CA CYS D 553 -5.74 -5.84 -41.27
C CYS D 553 -4.26 -5.68 -40.99
N CYS D 554 -3.76 -4.45 -40.89
CA CYS D 554 -2.34 -4.18 -40.66
C CYS D 554 -2.19 -3.47 -39.32
N PHE D 555 -1.26 -3.96 -38.49
CA PHE D 555 -1.13 -3.48 -37.13
C PHE D 555 0.32 -3.63 -36.68
N GLU D 556 0.56 -3.29 -35.42
CA GLU D 556 1.86 -3.47 -34.76
C GLU D 556 1.65 -4.12 -33.40
N CYS D 557 2.70 -4.76 -32.90
CA CYS D 557 2.67 -5.44 -31.61
C CYS D 557 3.37 -4.57 -30.57
N VAL D 558 2.66 -4.29 -29.47
CA VAL D 558 3.16 -3.43 -28.40
C VAL D 558 3.06 -4.17 -27.09
N GLU D 559 4.07 -4.01 -26.23
CA GLU D 559 4.16 -4.75 -24.99
C GLU D 559 3.10 -4.27 -23.99
N CYS D 560 2.63 -5.22 -23.16
CA CYS D 560 1.70 -4.82 -22.11
C CYS D 560 2.47 -4.16 -20.96
N PRO D 561 1.84 -3.21 -20.27
CA PRO D 561 2.51 -2.55 -19.15
C PRO D 561 2.60 -3.47 -17.94
N ASP D 562 3.39 -3.02 -16.96
CA ASP D 562 3.46 -3.72 -15.68
C ASP D 562 2.12 -3.66 -14.97
N GLY D 563 1.75 -4.75 -14.32
CA GLY D 563 0.44 -4.87 -13.71
C GLY D 563 -0.66 -5.34 -14.63
N GLU D 564 -0.33 -5.73 -15.87
CA GLU D 564 -1.29 -6.23 -16.82
C GLU D 564 -0.68 -7.42 -17.55
N TYR D 565 -1.53 -8.20 -18.20
CA TYR D 565 -1.09 -9.44 -18.83
C TYR D 565 -1.99 -9.75 -20.03
N SER D 566 -1.49 -10.63 -20.89
CA SER D 566 -2.26 -11.18 -21.98
C SER D 566 -1.75 -12.58 -22.27
N ASP D 567 -2.67 -13.47 -22.66
CA ASP D 567 -2.31 -14.86 -22.97
C ASP D 567 -3.08 -15.33 -24.21
N GLU D 568 -3.13 -14.48 -25.23
CA GLU D 568 -3.90 -14.78 -26.43
C GLU D 568 -3.01 -14.68 -27.65
N THR D 569 -3.38 -15.45 -28.69
CA THR D 569 -2.68 -15.36 -29.96
C THR D 569 -2.89 -13.99 -30.60
N ASP D 570 -4.08 -13.42 -30.46
CA ASP D 570 -4.36 -12.07 -30.88
C ASP D 570 -5.18 -11.37 -29.80
N ALA D 571 -4.76 -10.15 -29.46
CA ALA D 571 -5.40 -9.42 -28.38
C ALA D 571 -5.61 -7.98 -28.78
N SER D 572 -6.80 -7.46 -28.49
CA SER D 572 -7.09 -6.05 -28.77
C SER D 572 -6.73 -5.16 -27.59
N ALA D 573 -6.69 -5.72 -26.38
CA ALA D 573 -6.35 -4.96 -25.19
C ALA D 573 -5.59 -5.86 -24.21
N CYS D 574 -4.81 -5.22 -23.35
CA CYS D 574 -4.11 -5.92 -22.29
C CYS D 574 -5.01 -6.00 -21.06
N ASN D 575 -5.39 -7.21 -20.69
CA ASN D 575 -6.33 -7.40 -19.58
C ASN D 575 -5.65 -7.09 -18.24
N LYS D 576 -6.40 -6.44 -17.35
CA LYS D 576 -5.84 -6.02 -16.03
C LYS D 576 -5.76 -7.18 -15.06
N CYS D 577 -4.77 -7.14 -14.20
CA CYS D 577 -4.41 -8.18 -13.26
C CYS D 577 -5.28 -8.08 -12.01
N PRO D 578 -5.80 -9.21 -11.53
CA PRO D 578 -6.71 -9.18 -10.36
C PRO D 578 -6.01 -8.63 -9.13
N ASP D 579 -6.82 -8.24 -8.16
CA ASP D 579 -6.31 -7.66 -6.93
C ASP D 579 -5.46 -8.68 -6.16
N ASP D 580 -4.44 -8.16 -5.48
CA ASP D 580 -3.45 -8.96 -4.75
C ASP D 580 -2.66 -9.88 -5.67
N PHE D 581 -2.65 -9.59 -6.97
CA PHE D 581 -1.89 -10.35 -7.95
C PHE D 581 -1.08 -9.38 -8.80
N TRP D 582 0.08 -9.84 -9.27
CA TRP D 582 0.98 -9.02 -10.05
C TRP D 582 1.44 -9.78 -11.27
N SER D 583 1.66 -9.05 -12.37
CA SER D 583 2.03 -9.69 -13.62
C SER D 583 3.43 -10.30 -13.54
N ASN D 584 3.65 -11.32 -14.36
CA ASN D 584 4.97 -11.93 -14.46
C ASN D 584 5.92 -10.99 -15.20
N GLU D 585 7.17 -11.44 -15.35
CA GLU D 585 8.17 -10.65 -16.06
C GLU D 585 7.83 -10.54 -17.54
N ASN D 586 7.36 -11.62 -18.15
CA ASN D 586 7.00 -11.61 -19.56
C ASN D 586 5.56 -11.19 -19.82
N HIS D 587 4.80 -10.89 -18.77
CA HIS D 587 3.39 -10.51 -18.85
C HIS D 587 2.53 -11.60 -19.47
N THR D 588 2.98 -12.86 -19.43
CA THR D 588 2.19 -13.94 -19.99
C THR D 588 0.99 -14.29 -19.11
N SER D 589 1.19 -14.30 -17.80
CA SER D 589 0.11 -14.61 -16.87
C SER D 589 0.41 -13.98 -15.51
N CYS D 590 -0.65 -13.72 -14.76
CA CYS D 590 -0.52 -13.12 -13.44
C CYS D 590 -0.09 -14.14 -12.40
N ILE D 591 0.59 -13.64 -11.36
CA ILE D 591 0.98 -14.46 -10.22
C ILE D 591 0.64 -13.70 -8.93
N ALA D 592 0.53 -14.44 -7.84
CA ALA D 592 0.18 -13.85 -6.56
C ALA D 592 1.35 -13.06 -5.98
N LYS D 593 1.03 -12.08 -5.12
CA LYS D 593 2.09 -11.22 -4.54
C LYS D 593 2.78 -11.95 -3.39
N GLU D 594 3.62 -11.26 -2.62
CA GLU D 594 4.39 -11.93 -1.54
C GLU D 594 4.17 -11.21 -0.19
N ILE D 595 4.11 -11.97 0.90
CA ILE D 595 3.86 -11.39 2.26
C ILE D 595 5.20 -11.17 2.98
N GLU D 596 5.47 -9.94 3.45
CA GLU D 596 6.72 -9.59 4.11
C GLU D 596 6.46 -9.36 5.59
N PHE D 597 7.15 -10.12 6.44
CA PHE D 597 7.07 -9.95 7.88
C PHE D 597 8.21 -10.73 8.52
N LEU D 598 8.53 -10.38 9.76
CA LEU D 598 9.60 -11.04 10.51
C LEU D 598 9.08 -12.37 11.03
N SER D 599 9.37 -13.45 10.30
CA SER D 599 8.83 -14.75 10.63
C SER D 599 9.65 -15.43 11.72
N TRP D 600 9.00 -16.36 12.42
CA TRP D 600 9.68 -17.13 13.46
C TRP D 600 10.70 -18.08 12.87
N THR D 601 10.40 -18.67 11.72
CA THR D 601 11.28 -19.62 11.06
C THR D 601 12.37 -18.96 10.23
N GLU D 602 12.36 -17.63 10.13
CA GLU D 602 13.41 -16.93 9.42
C GLU D 602 14.74 -17.11 10.15
N PRO D 603 15.86 -17.12 9.42
CA PRO D 603 17.17 -17.32 10.07
C PRO D 603 17.55 -16.21 11.03
N PHE D 604 16.90 -15.04 10.95
CA PHE D 604 17.30 -13.92 11.79
C PHE D 604 16.55 -13.88 13.13
N GLY D 605 15.27 -14.26 13.13
CA GLY D 605 14.50 -14.23 14.37
C GLY D 605 14.93 -15.29 15.37
N ILE D 606 15.51 -16.39 14.88
CA ILE D 606 15.98 -17.44 15.77
C ILE D 606 17.09 -16.91 16.67
N ALA D 607 18.00 -16.11 16.12
CA ALA D 607 19.08 -15.55 16.91
C ALA D 607 18.54 -14.64 18.02
N LEU D 608 17.55 -13.80 17.68
CA LEU D 608 16.97 -12.93 18.69
C LEU D 608 16.27 -13.73 19.78
N THR D 609 15.54 -14.79 19.40
CA THR D 609 14.87 -15.62 20.40
C THR D 609 15.89 -16.30 21.31
N LEU D 610 16.98 -16.82 20.74
CA LEU D 610 18.01 -17.47 21.56
C LEU D 610 18.66 -16.47 22.51
N PHE D 611 18.92 -15.25 22.02
CA PHE D 611 19.52 -14.23 22.88
C PHE D 611 18.57 -13.84 24.02
N ALA D 612 17.27 -13.74 23.73
CA ALA D 612 16.31 -13.43 24.79
C ALA D 612 16.27 -14.55 25.83
N VAL D 613 16.31 -15.81 25.38
CA VAL D 613 16.32 -16.93 26.31
C VAL D 613 17.56 -16.89 27.18
N LEU D 614 18.71 -16.59 26.57
CA LEU D 614 19.95 -16.50 27.34
C LEU D 614 19.89 -15.38 28.36
N GLY D 615 19.31 -14.23 27.99
CA GLY D 615 19.14 -13.15 28.94
C GLY D 615 18.26 -13.53 30.10
N ILE D 616 17.17 -14.26 29.83
CA ILE D 616 16.30 -14.73 30.90
C ILE D 616 17.06 -15.66 31.83
N PHE D 617 17.85 -16.58 31.25
CA PHE D 617 18.62 -17.53 32.09
C PHE D 617 19.57 -16.75 32.99
N LEU D 618 20.35 -15.81 32.44
CA LEU D 618 21.30 -15.07 33.27
C LEU D 618 20.60 -14.22 34.31
N THR D 619 19.41 -13.70 33.98
CA THR D 619 18.66 -12.96 34.99
C THR D 619 18.23 -13.86 36.13
N ALA D 620 17.80 -15.08 35.81
CA ALA D 620 17.41 -16.03 36.86
C ALA D 620 18.61 -16.44 37.71
N PHE D 621 19.78 -16.58 37.10
CA PHE D 621 20.96 -17.02 37.83
C PHE D 621 21.35 -16.03 38.92
N VAL D 622 21.30 -14.73 38.62
CA VAL D 622 21.67 -13.71 39.60
C VAL D 622 20.72 -13.74 40.79
N LEU D 623 19.43 -13.88 40.51
CA LEU D 623 18.44 -13.97 41.59
C LEU D 623 18.68 -15.19 42.45
N GLY D 624 19.01 -16.33 41.82
CA GLY D 624 19.33 -17.52 42.59
C GLY D 624 20.54 -17.31 43.49
N VAL D 625 21.58 -16.62 43.01
CA VAL D 625 22.74 -16.35 43.91
C VAL D 625 22.33 -15.47 45.09
N PHE D 626 21.61 -14.38 44.85
CA PHE D 626 21.22 -13.46 45.94
C PHE D 626 20.45 -14.22 47.02
N ILE D 627 19.52 -15.10 46.64
CA ILE D 627 18.71 -15.90 47.62
C ILE D 627 19.63 -16.86 48.40
N LYS D 628 20.63 -17.44 47.76
CA LYS D 628 21.42 -18.44 48.50
C LYS D 628 22.27 -17.70 49.53
N PHE D 629 22.71 -16.47 49.22
CA PHE D 629 23.65 -15.78 50.15
C PHE D 629 22.99 -14.53 50.77
N ARG D 630 21.74 -14.62 51.22
CA ARG D 630 21.02 -13.43 51.72
C ARG D 630 21.71 -12.88 52.98
N ASN D 631 22.12 -13.75 53.91
CA ASN D 631 22.73 -13.29 55.18
C ASN D 631 24.07 -12.55 54.97
N THR D 632 24.89 -12.99 53.99
CA THR D 632 26.23 -12.39 53.77
C THR D 632 26.22 -10.86 53.78
N PRO D 633 27.17 -10.15 54.45
CA PRO D 633 27.15 -8.69 54.57
C PRO D 633 27.15 -7.97 53.23
N ILE D 634 27.82 -8.50 52.21
CA ILE D 634 27.86 -7.82 50.91
C ILE D 634 26.46 -7.76 50.30
N VAL D 635 25.73 -8.87 50.34
CA VAL D 635 24.40 -8.95 49.75
C VAL D 635 23.45 -8.07 50.54
N LYS D 636 23.65 -8.03 51.85
CA LYS D 636 22.73 -7.25 52.73
C LYS D 636 23.02 -5.76 52.62
N ALA D 637 24.25 -5.36 52.25
CA ALA D 637 24.53 -3.95 52.08
C ALA D 637 23.68 -3.36 50.96
N THR D 638 23.53 -4.09 49.87
CA THR D 638 22.58 -3.71 48.83
C THR D 638 21.17 -4.07 49.28
N ASN D 639 20.21 -3.19 48.97
CA ASN D 639 18.83 -3.45 49.34
C ASN D 639 18.33 -4.74 48.70
N ARG D 640 18.13 -5.75 49.54
CA ARG D 640 17.76 -7.09 49.04
C ARG D 640 16.36 -7.09 48.39
N GLU D 641 15.35 -6.50 49.03
CA GLU D 641 14.00 -6.52 48.50
C GLU D 641 13.92 -5.76 47.18
N LEU D 642 14.53 -4.57 47.13
CA LEU D 642 14.56 -3.81 45.89
C LEU D 642 15.35 -4.55 44.83
N SER D 643 16.36 -5.32 45.24
CA SER D 643 17.10 -6.13 44.28
C SER D 643 16.21 -7.20 43.66
N TYR D 644 15.39 -7.88 44.46
CA TYR D 644 14.47 -8.87 43.93
C TYR D 644 13.47 -8.22 42.97
N LEU D 645 12.92 -7.06 43.37
CA LEU D 645 11.96 -6.38 42.50
C LEU D 645 12.61 -5.95 41.19
N LEU D 646 13.85 -5.44 41.26
CA LEU D 646 14.57 -5.05 40.06
C LEU D 646 14.83 -6.25 39.16
N LEU D 647 15.17 -7.40 39.75
CA LEU D 647 15.42 -8.59 38.95
C LEU D 647 14.15 -9.07 38.28
N PHE D 648 13.01 -9.03 38.98
CA PHE D 648 11.75 -9.42 38.37
C PHE D 648 11.37 -8.48 37.23
N SER D 649 11.55 -7.17 37.44
CA SER D 649 11.30 -6.21 36.38
C SER D 649 12.22 -6.42 35.20
N LEU D 650 13.47 -6.83 35.46
CA LEU D 650 14.40 -7.11 34.37
C LEU D 650 13.99 -8.34 33.58
N LEU D 651 13.48 -9.37 34.28
CA LEU D 651 12.94 -10.52 33.58
C LEU D 651 11.77 -10.12 32.69
N CYS D 652 10.87 -9.27 33.20
CA CYS D 652 9.76 -8.79 32.38
C CYS D 652 10.27 -7.99 31.19
N CYS D 653 11.29 -7.15 31.40
CA CYS D 653 11.83 -6.35 30.30
C CYS D 653 12.44 -7.23 29.22
N PHE D 654 13.17 -8.26 29.62
CA PHE D 654 13.73 -9.19 28.63
C PHE D 654 12.64 -9.96 27.91
N SER D 655 11.59 -10.38 28.61
CA SER D 655 10.53 -11.16 27.97
C SER D 655 9.62 -10.30 27.09
N SER D 656 9.61 -8.98 27.30
CA SER D 656 8.74 -8.11 26.51
C SER D 656 9.18 -7.96 25.06
N SER D 657 10.38 -8.42 24.70
CA SER D 657 10.88 -8.28 23.33
C SER D 657 10.36 -9.37 22.41
N LEU D 658 9.63 -10.35 22.92
CA LEU D 658 9.09 -11.42 22.09
C LEU D 658 7.79 -11.03 21.40
N PHE D 659 7.21 -9.88 21.73
CA PHE D 659 6.01 -9.42 21.05
C PHE D 659 6.30 -8.78 19.71
N PHE D 660 7.58 -8.54 19.38
CA PHE D 660 7.97 -7.90 18.13
C PHE D 660 8.31 -8.91 17.03
N ILE D 661 8.20 -10.21 17.31
CA ILE D 661 8.53 -11.25 16.36
C ILE D 661 7.27 -12.04 16.03
N GLY D 662 7.00 -12.22 14.74
CA GLY D 662 5.84 -12.95 14.28
C GLY D 662 4.87 -12.06 13.53
N GLU D 663 3.77 -12.68 13.12
CA GLU D 663 2.74 -11.94 12.39
C GLU D 663 2.07 -10.92 13.31
N PRO D 664 2.02 -9.65 12.92
CA PRO D 664 1.48 -8.62 13.82
C PRO D 664 -0.04 -8.62 13.89
N GLN D 665 -0.61 -9.48 14.74
CA GLN D 665 -2.05 -9.45 14.98
C GLN D 665 -2.42 -8.21 15.81
N ASP D 666 -3.72 -7.94 15.86
CA ASP D 666 -4.20 -6.76 16.57
C ASP D 666 -3.93 -6.83 18.07
N TRP D 667 -3.90 -8.03 18.64
CA TRP D 667 -3.70 -8.15 20.09
C TRP D 667 -2.24 -7.96 20.48
N THR D 668 -1.35 -7.87 19.49
CA THR D 668 0.06 -7.64 19.79
C THR D 668 0.46 -6.19 19.61
N CYS D 669 -0.17 -5.47 18.68
CA CYS D 669 0.17 -4.07 18.43
C CYS D 669 -0.15 -3.17 19.61
N ARG D 670 -1.00 -3.63 20.53
CA ARG D 670 -1.36 -2.86 21.70
C ARG D 670 -0.43 -3.12 22.88
N LEU D 671 0.22 -4.28 22.92
CA LEU D 671 1.12 -4.64 23.99
C LEU D 671 2.60 -4.55 23.58
N ARG D 672 2.93 -4.10 22.38
CA ARG D 672 4.37 -4.08 22.01
C ARG D 672 5.14 -3.03 22.82
N GLN D 673 4.66 -1.79 22.93
CA GLN D 673 5.41 -0.73 23.60
C GLN D 673 5.17 -0.61 25.11
N PRO D 674 3.91 -0.58 25.58
CA PRO D 674 3.70 -0.30 27.02
C PRO D 674 4.38 -1.28 27.95
N ALA D 675 4.49 -2.55 27.55
CA ALA D 675 5.18 -3.53 28.39
C ALA D 675 6.63 -3.11 28.65
N PHE D 676 7.36 -2.79 27.58
CA PHE D 676 8.74 -2.36 27.74
C PHE D 676 8.84 -1.06 28.50
N GLY D 677 7.93 -0.12 28.23
CA GLY D 677 7.98 1.15 28.93
C GLY D 677 7.82 0.99 30.44
N ILE D 678 6.82 0.22 30.86
CA ILE D 678 6.60 0.01 32.28
C ILE D 678 7.74 -0.80 32.89
N SER D 679 8.23 -1.81 32.18
CA SER D 679 9.31 -2.63 32.70
C SER D 679 10.58 -1.81 32.93
N PHE D 680 10.92 -0.90 32.02
CA PHE D 680 12.11 -0.08 32.21
C PHE D 680 11.91 1.00 33.27
N VAL D 681 10.71 1.59 33.34
CA VAL D 681 10.43 2.58 34.37
C VAL D 681 10.53 1.95 35.75
N LEU D 682 10.09 0.69 35.90
CA LEU D 682 10.21 0.01 37.18
C LEU D 682 11.66 -0.09 37.63
N CYS D 683 12.54 -0.50 36.72
CA CYS D 683 13.95 -0.63 37.06
C CYS D 683 14.56 0.73 37.42
N ILE D 684 14.24 1.76 36.65
CA ILE D 684 14.78 3.09 36.94
C ILE D 684 14.33 3.56 38.31
N SER D 685 13.05 3.38 38.62
CA SER D 685 12.52 3.82 39.91
C SER D 685 13.15 3.04 41.06
N CYS D 686 13.35 1.73 40.87
CA CYS D 686 14.00 0.93 41.90
C CYS D 686 15.41 1.43 42.18
N ILE D 687 16.17 1.72 41.11
CA ILE D 687 17.54 2.23 41.29
C ILE D 687 17.51 3.57 42.02
N LEU D 688 16.60 4.46 41.62
CA LEU D 688 16.53 5.77 42.25
C LEU D 688 16.23 5.66 43.74
N VAL D 689 15.25 4.85 44.11
CA VAL D 689 14.88 4.74 45.52
C VAL D 689 15.98 4.06 46.31
N LYS D 690 16.63 3.06 45.72
CA LYS D 690 17.72 2.37 46.41
C LYS D 690 18.85 3.33 46.73
N THR D 691 19.15 4.30 45.87
CA THR D 691 20.32 5.20 46.14
C THR D 691 19.94 6.29 47.14
N ASN D 692 18.75 6.88 47.00
CA ASN D 692 18.31 7.98 47.89
C ASN D 692 18.25 7.51 49.35
N ARG D 693 17.76 6.29 49.61
CA ARG D 693 17.69 5.76 51.00
C ARG D 693 19.10 5.62 51.60
N VAL D 694 20.12 5.11 50.89
CA VAL D 694 21.46 4.98 51.54
C VAL D 694 21.98 6.37 51.91
N LEU D 695 21.76 7.35 51.03
CA LEU D 695 22.24 8.73 51.29
C LEU D 695 21.56 9.25 52.55
N LEU D 696 20.26 9.00 52.71
CA LEU D 696 19.52 9.53 53.89
C LEU D 696 20.10 8.92 55.17
N VAL D 697 20.40 7.62 55.13
CA VAL D 697 20.95 6.94 56.35
C VAL D 697 22.29 7.58 56.65
N PHE D 698 23.19 7.74 55.69
CA PHE D 698 24.56 8.22 56.05
C PHE D 698 24.55 9.67 56.54
N GLU D 699 23.76 10.53 55.91
CA GLU D 699 23.77 11.96 56.28
C GLU D 699 23.28 12.14 57.72
N ALA D 700 22.49 11.21 58.25
CA ALA D 700 21.88 11.41 59.59
C ALA D 700 22.88 11.18 60.71
N LYS D 701 23.94 11.97 60.78
CA LYS D 701 24.90 11.83 61.90
C LYS D 701 24.15 12.15 63.18
N ILE D 702 23.19 13.04 63.10
CA ILE D 702 22.47 13.49 64.32
C ILE D 702 21.88 12.30 65.05
N PRO D 703 21.96 12.27 66.40
CA PRO D 703 21.40 11.17 67.18
C PRO D 703 19.92 10.93 66.84
N THR D 704 19.13 12.00 66.76
CA THR D 704 17.67 11.83 66.52
C THR D 704 17.27 12.49 65.21
N SER D 705 16.08 12.15 64.70
CA SER D 705 15.66 12.68 63.38
C SER D 705 14.15 12.54 63.20
N PHE D 706 13.58 13.21 62.21
CA PHE D 706 12.13 13.02 61.92
C PHE D 706 12.06 12.07 60.73
N HIS D 707 13.22 11.72 60.16
CA HIS D 707 13.12 10.92 58.91
C HIS D 707 13.12 9.42 59.24
N ARG D 708 12.81 9.07 60.48
CA ARG D 708 12.73 7.63 60.86
C ARG D 708 11.73 6.92 59.95
N LYS D 709 10.54 7.52 59.77
CA LYS D 709 9.48 6.88 58.94
C LYS D 709 9.84 7.05 57.47
N TRP D 710 10.63 8.07 57.15
CA TRP D 710 11.08 8.32 55.76
C TRP D 710 11.99 7.18 55.24
N TRP D 711 12.79 6.54 56.11
CA TRP D 711 13.57 5.41 55.61
C TRP D 711 12.89 4.06 55.89
N GLY D 712 11.60 4.06 56.23
CA GLY D 712 10.91 2.79 56.58
C GLY D 712 10.85 1.85 55.39
N LEU D 713 10.91 0.53 55.63
CA LEU D 713 10.96 -0.44 54.49
C LEU D 713 9.68 -0.35 53.65
N ASN D 714 8.52 -0.26 54.28
CA ASN D 714 7.23 -0.25 53.51
C ASN D 714 7.15 0.98 52.62
N LEU D 715 7.61 2.14 53.10
CA LEU D 715 7.47 3.39 52.30
C LEU D 715 8.18 3.25 50.96
N GLN D 716 9.25 2.47 50.89
CA GLN D 716 10.05 2.29 49.65
C GLN D 716 9.17 1.75 48.53
N PHE D 717 8.37 0.73 48.82
CA PHE D 717 7.52 0.11 47.78
C PHE D 717 6.49 1.15 47.29
N LEU D 718 5.95 1.94 48.21
CA LEU D 718 4.94 2.96 47.83
C LEU D 718 5.60 3.94 46.86
N LEU D 719 6.84 4.38 47.13
CA LEU D 719 7.55 5.33 46.24
C LEU D 719 7.82 4.69 44.87
N VAL D 720 8.21 3.42 44.84
CA VAL D 720 8.42 2.74 43.54
C VAL D 720 7.09 2.73 42.77
N PHE D 721 5.96 2.45 43.44
CA PHE D 721 4.63 2.45 42.77
C PHE D 721 4.28 3.84 42.25
N LEU D 722 4.56 4.87 43.04
CA LEU D 722 4.23 6.27 42.64
C LEU D 722 5.03 6.58 41.37
N CYS D 723 6.28 6.14 41.29
CA CYS D 723 7.04 6.53 40.08
C CYS D 723 6.57 5.73 38.85
N THR D 724 5.71 4.71 38.96
CA THR D 724 5.28 4.02 37.71
C THR D 724 3.81 4.33 37.39
N PHE D 725 3.13 4.99 38.32
CA PHE D 725 1.69 5.31 38.13
C PHE D 725 1.53 6.19 36.89
N MET D 726 2.43 7.15 36.69
CA MET D 726 2.25 8.08 35.55
C MET D 726 2.32 7.28 34.25
N GLN D 727 3.27 6.36 34.14
CA GLN D 727 3.42 5.56 32.90
C GLN D 727 2.18 4.69 32.73
N ILE D 728 1.66 4.13 33.83
CA ILE D 728 0.43 3.29 33.74
C ILE D 728 -0.75 4.13 33.26
N VAL D 729 -0.90 5.38 33.72
CA VAL D 729 -2.11 6.18 33.37
C VAL D 729 -2.05 6.68 31.92
N ILE D 730 -0.87 7.04 31.41
CA ILE D 730 -0.79 7.45 29.97
C ILE D 730 -1.11 6.26 29.08
N CYS D 731 -0.61 5.08 29.42
CA CYS D 731 -0.88 3.87 28.63
C CYS D 731 -2.38 3.60 28.62
N VAL D 732 -3.02 3.51 29.79
CA VAL D 732 -4.46 3.20 29.81
C VAL D 732 -5.24 4.22 29.00
N ILE D 733 -4.93 5.51 29.18
CA ILE D 733 -5.64 6.56 28.44
C ILE D 733 -5.41 6.40 26.94
N TRP D 734 -4.17 6.10 26.56
CA TRP D 734 -3.87 5.92 25.14
C TRP D 734 -4.64 4.74 24.56
N LEU D 735 -4.66 3.62 25.27
CA LEU D 735 -5.33 2.43 24.75
C LEU D 735 -6.84 2.61 24.67
N TYR D 736 -7.41 3.33 25.64
CA TYR D 736 -8.86 3.50 25.65
C TYR D 736 -9.35 4.35 24.47
N THR D 737 -8.60 5.40 24.12
CA THR D 737 -9.08 6.38 23.14
C THR D 737 -8.68 6.03 21.71
N ALA D 738 -7.38 5.94 21.44
CA ALA D 738 -6.88 5.68 20.08
C ALA D 738 -5.94 4.49 20.11
N PRO D 739 -6.48 3.27 20.10
CA PRO D 739 -5.64 2.09 20.23
C PRO D 739 -4.88 1.80 18.95
N PRO D 740 -3.78 1.07 19.04
CA PRO D 740 -3.09 0.61 17.83
C PRO D 740 -3.86 -0.50 17.13
N SER D 741 -3.58 -0.66 15.84
CA SER D 741 -4.19 -1.71 15.04
C SER D 741 -3.27 -2.08 13.89
N SER D 742 -3.44 -3.29 13.34
CA SER D 742 -2.58 -3.78 12.24
C SER D 742 -3.13 -3.30 10.89
N TYR D 743 -2.24 -2.96 9.95
CA TYR D 743 -2.68 -2.57 8.59
C TYR D 743 -1.74 -3.20 7.56
N ARG D 744 -2.22 -3.41 6.33
CA ARG D 744 -1.35 -3.95 5.26
C ARG D 744 -1.01 -2.81 4.29
N ASN D 745 0.29 -2.56 4.07
CA ASN D 745 0.72 -1.47 3.17
C ASN D 745 1.18 -2.08 1.84
N GLN D 746 0.47 -1.79 0.75
CA GLN D 746 0.90 -2.28 -0.60
C GLN D 746 1.52 -1.11 -1.36
N GLU D 747 1.46 0.10 -0.80
CA GLU D 747 1.96 1.29 -1.51
C GLU D 747 3.48 1.31 -1.58
N LEU D 748 4.18 0.96 -0.50
CA LEU D 748 5.67 1.10 -0.49
C LEU D 748 6.26 0.40 -1.72
N GLU D 749 6.08 -0.92 -1.82
CA GLU D 749 6.56 -1.66 -3.02
C GLU D 749 5.34 -2.20 -3.77
N ASP D 750 5.26 -1.95 -5.07
CA ASP D 750 4.06 -2.34 -5.86
C ASP D 750 3.89 -3.86 -5.82
N GLU D 751 4.98 -4.61 -5.84
CA GLU D 751 4.90 -6.09 -5.91
C GLU D 751 4.76 -6.76 -4.53
N ILE D 752 5.30 -6.17 -3.44
CA ILE D 752 5.27 -6.88 -2.11
C ILE D 752 4.28 -6.24 -1.14
N ILE D 753 3.64 -7.04 -0.28
CA ILE D 753 2.71 -6.48 0.76
C ILE D 753 3.40 -6.58 2.13
N PHE D 754 3.38 -5.50 2.92
CA PHE D 754 3.95 -5.52 4.25
C PHE D 754 2.84 -5.44 5.29
N ILE D 755 3.08 -6.04 6.45
CA ILE D 755 2.14 -6.01 7.55
C ILE D 755 2.80 -5.26 8.70
N THR D 756 2.21 -4.14 9.12
CA THR D 756 2.73 -3.31 10.19
C THR D 756 1.58 -2.85 11.08
N CYS D 757 1.94 -2.22 12.20
CA CYS D 757 0.88 -1.66 13.08
C CYS D 757 0.95 -0.14 13.04
N HIS D 758 -0.20 0.55 12.98
CA HIS D 758 -0.19 2.03 13.07
C HIS D 758 -0.60 2.43 14.49
N GLU D 759 0.19 3.26 15.16
CA GLU D 759 -0.08 3.56 16.59
C GLU D 759 -1.43 4.26 16.77
N GLY D 760 -1.74 5.22 15.91
CA GLY D 760 -3.01 5.98 16.02
C GLY D 760 -2.82 7.20 16.88
N SER D 761 -1.78 7.21 17.71
CA SER D 761 -1.44 8.42 18.50
C SER D 761 0.08 8.56 18.46
N LEU D 762 0.60 9.71 18.06
CA LEU D 762 2.07 9.92 18.08
C LEU D 762 2.43 10.80 19.28
N MET D 763 1.46 11.58 19.77
CA MET D 763 1.71 12.40 20.99
C MET D 763 1.86 11.45 22.18
N ALA D 764 1.02 10.41 22.26
CA ALA D 764 1.08 9.46 23.39
C ALA D 764 2.43 8.75 23.40
N LEU D 765 2.92 8.34 22.22
CA LEU D 765 4.23 7.64 22.15
C LEU D 765 5.29 8.62 22.63
N GLY D 766 5.18 9.89 22.25
CA GLY D 766 6.20 10.88 22.64
C GLY D 766 6.26 11.05 24.14
N PHE D 767 5.11 11.04 24.82
CA PHE D 767 5.07 11.26 26.25
C PHE D 767 5.74 10.13 27.02
N LEU D 768 5.52 8.88 26.59
CA LEU D 768 6.22 7.77 27.23
C LEU D 768 7.73 7.91 27.10
N ILE D 769 8.21 8.22 25.89
CA ILE D 769 9.65 8.36 25.68
C ILE D 769 10.19 9.52 26.52
N GLY D 770 9.46 10.64 26.56
CA GLY D 770 9.93 11.78 27.33
C GLY D 770 10.00 11.49 28.81
N TYR D 771 9.00 10.81 29.35
CA TYR D 771 9.00 10.47 30.77
C TYR D 771 10.15 9.53 31.11
N THR D 772 10.37 8.51 30.28
CA THR D 772 11.48 7.59 30.52
C THR D 772 12.81 8.32 30.46
N CYS D 773 13.00 9.19 29.47
CA CYS D 773 14.24 9.94 29.36
C CYS D 773 14.42 10.89 30.55
N LEU D 774 13.33 11.48 31.03
CA LEU D 774 13.42 12.37 32.18
C LEU D 774 13.89 11.61 33.42
N LEU D 775 13.32 10.43 33.66
CA LEU D 775 13.76 9.63 34.80
C LEU D 775 15.22 9.20 34.64
N ALA D 776 15.62 8.79 33.44
CA ALA D 776 17.05 8.45 33.26
C ALA D 776 17.94 9.64 33.62
N ALA D 777 17.52 10.86 33.28
CA ALA D 777 18.35 12.06 33.55
C ALA D 777 18.54 12.29 35.05
N ILE D 778 17.49 12.12 35.84
CA ILE D 778 17.59 12.32 37.31
C ILE D 778 18.55 11.27 37.85
N CYS D 779 18.52 10.06 37.30
CA CYS D 779 19.47 9.00 37.73
C CYS D 779 20.90 9.51 37.59
N PHE D 780 21.15 10.57 36.81
CA PHE D 780 22.51 11.07 36.79
C PHE D 780 22.83 11.90 38.02
N PHE D 781 21.90 12.76 38.45
CA PHE D 781 22.15 13.65 39.57
C PHE D 781 22.30 12.88 40.87
N PHE D 782 21.46 11.86 41.07
CA PHE D 782 21.57 11.03 42.26
C PHE D 782 22.82 10.17 42.23
N ALA D 783 23.25 9.74 41.04
CA ALA D 783 24.53 9.05 40.92
C ALA D 783 25.69 9.99 41.28
N PHE D 784 25.60 11.25 40.84
CA PHE D 784 26.66 12.21 41.13
C PHE D 784 26.76 12.51 42.61
N LYS D 785 25.61 12.63 43.29
CA LYS D 785 25.64 12.96 44.72
C LYS D 785 26.24 11.83 45.54
N SER D 786 26.26 10.60 45.01
CA SER D 786 26.64 9.44 45.81
C SER D 786 28.10 9.05 45.65
N ARG D 787 28.91 9.87 44.98
CA ARG D 787 30.29 9.48 44.72
C ARG D 787 31.11 9.40 46.00
N LYS D 788 30.69 10.15 47.02
CA LYS D 788 31.50 10.23 48.27
C LYS D 788 31.03 9.25 49.35
N LEU D 789 30.16 8.30 49.01
CA LEU D 789 29.76 7.29 49.99
C LEU D 789 30.86 6.26 50.16
N PRO D 790 30.93 5.60 51.31
CA PRO D 790 31.98 4.59 51.52
C PRO D 790 31.80 3.38 50.61
N GLU D 791 32.81 2.52 50.62
CA GLU D 791 32.73 1.28 49.87
C GLU D 791 31.67 0.36 50.47
N ASN D 792 31.12 -0.51 49.63
CA ASN D 792 30.01 -1.41 49.91
C ASN D 792 28.69 -0.64 49.96
N PHE D 793 28.72 0.69 49.87
CA PHE D 793 27.49 1.46 49.79
C PHE D 793 27.53 2.47 48.65
N ASN D 794 28.62 2.53 47.88
CA ASN D 794 28.79 3.52 46.82
C ASN D 794 28.69 2.83 45.47
N GLU D 795 27.75 3.30 44.64
CA GLU D 795 27.60 2.85 43.27
C GLU D 795 27.24 4.07 42.43
N ALA D 796 28.28 4.71 41.89
CA ALA D 796 28.11 5.86 41.01
C ALA D 796 28.78 5.66 39.66
N LYS D 797 29.60 4.62 39.50
CA LYS D 797 30.32 4.44 38.22
C LYS D 797 29.57 3.46 37.32
N PHE D 798 28.47 2.86 37.80
CA PHE D 798 27.69 1.95 36.98
C PHE D 798 26.37 2.54 36.50
N ILE D 799 25.70 3.32 37.35
CA ILE D 799 24.42 3.92 36.96
C ILE D 799 24.60 4.85 35.76
N THR D 800 25.61 5.71 35.82
CA THR D 800 25.87 6.65 34.73
C THR D 800 26.19 5.91 33.44
N PHE D 801 27.00 4.85 33.52
CA PHE D 801 27.35 4.11 32.31
C PHE D 801 26.14 3.40 31.72
N SER D 802 25.29 2.82 32.57
CA SER D 802 24.08 2.18 32.06
C SER D 802 23.17 3.19 31.38
N MET D 803 23.00 4.36 31.99
CA MET D 803 22.15 5.40 31.35
C MET D 803 22.77 5.82 30.01
N LEU D 804 24.09 6.01 29.98
CA LEU D 804 24.79 6.41 28.72
C LEU D 804 24.66 5.30 27.66
N ILE D 805 24.76 4.02 28.03
CA ILE D 805 24.55 2.92 27.05
C ILE D 805 23.16 3.12 26.44
N PHE D 806 22.14 3.29 27.27
CA PHE D 806 20.76 3.41 26.76
C PHE D 806 20.68 4.60 25.83
N PHE D 807 21.21 5.74 26.24
CA PHE D 807 21.04 6.95 25.38
C PHE D 807 21.72 6.71 24.05
N ILE D 808 22.94 6.22 24.05
CA ILE D 808 23.66 6.08 22.75
C ILE D 808 22.90 5.08 21.87
N VAL D 809 22.45 3.92 22.33
CA VAL D 809 21.79 2.96 21.39
C VAL D 809 20.55 3.61 20.75
N TRP D 810 19.72 4.25 21.57
N TRP D 810 19.69 4.22 21.56
CA TRP D 810 18.46 4.85 21.03
CA TRP D 810 18.45 4.85 21.04
C TRP D 810 18.74 6.05 20.13
C TRP D 810 18.75 6.05 20.12
N ILE D 811 19.68 6.92 20.53
CA ILE D 811 20.02 8.13 19.71
C ILE D 811 20.62 7.68 18.38
N SER D 812 21.45 6.64 18.40
CA SER D 812 22.02 6.09 17.15
C SER D 812 20.91 5.56 16.25
N PHE D 813 19.88 4.91 16.81
CA PHE D 813 18.86 4.32 15.90
C PHE D 813 17.78 5.32 15.46
N ILE D 814 17.98 6.63 15.66
CA ILE D 814 17.01 7.67 15.16
C ILE D 814 17.01 7.68 13.63
N PRO D 815 18.15 7.79 12.89
CA PRO D 815 18.11 7.78 11.43
C PRO D 815 17.29 6.62 10.85
N ALA D 816 17.53 5.40 11.32
CA ALA D 816 16.85 4.22 10.73
C ALA D 816 15.34 4.32 10.91
N TYR D 817 14.87 4.71 12.09
CA TYR D 817 13.41 4.77 12.34
C TYR D 817 12.81 5.79 11.39
N ALA D 818 13.51 6.90 11.14
CA ALA D 818 12.95 7.98 10.28
C ALA D 818 12.97 7.61 8.80
N SER D 819 13.89 6.74 8.37
CA SER D 819 14.02 6.45 6.92
C SER D 819 13.53 5.04 6.55
N THR D 820 14.01 4.01 7.26
CA THR D 820 13.69 2.60 6.86
C THR D 820 12.24 2.20 7.15
N TYR D 821 11.67 1.33 6.31
CA TYR D 821 10.32 0.78 6.57
C TYR D 821 10.33 -0.68 6.12
N GLY D 822 9.58 -1.55 6.81
CA GLY D 822 9.56 -2.97 6.47
C GLY D 822 9.87 -3.84 7.68
N LYS D 823 10.38 -5.05 7.46
CA LYS D 823 10.72 -5.98 8.57
C LYS D 823 11.87 -5.43 9.41
N PHE D 824 12.75 -4.61 8.84
CA PHE D 824 13.95 -4.13 9.56
C PHE D 824 13.59 -3.32 10.81
N VAL D 825 12.56 -2.48 10.78
CA VAL D 825 12.26 -1.60 11.96
C VAL D 825 12.13 -2.44 13.24
N SER D 826 11.42 -3.58 13.20
CA SER D 826 11.20 -4.44 14.36
C SER D 826 12.52 -5.04 14.84
N ALA D 827 13.38 -5.42 13.91
CA ALA D 827 14.70 -5.95 14.28
C ALA D 827 15.52 -4.91 15.03
N VAL D 828 15.49 -3.66 14.54
CA VAL D 828 16.21 -2.58 15.22
C VAL D 828 15.66 -2.37 16.62
N GLU D 829 14.33 -2.36 16.76
CA GLU D 829 13.74 -2.18 18.08
C GLU D 829 14.12 -3.30 19.03
N VAL D 830 14.08 -4.54 18.54
CA VAL D 830 14.44 -5.69 19.38
C VAL D 830 15.90 -5.58 19.81
N ILE D 831 16.79 -5.23 18.88
CA ILE D 831 18.21 -5.13 19.20
C ILE D 831 18.44 -4.04 20.24
N ALA D 832 17.79 -2.89 20.09
CA ALA D 832 17.96 -1.81 21.04
C ALA D 832 17.48 -2.20 22.43
N ILE D 833 16.30 -2.82 22.51
CA ILE D 833 15.74 -3.22 23.80
C ILE D 833 16.68 -4.23 24.47
N LEU D 834 17.12 -5.24 23.70
CA LEU D 834 17.97 -6.28 24.26
C LEU D 834 19.31 -5.72 24.73
N ALA D 835 19.91 -4.82 23.95
CA ALA D 835 21.19 -4.24 24.33
C ALA D 835 21.06 -3.40 25.59
N ALA D 836 20.00 -2.59 25.69
CA ALA D 836 19.81 -1.78 26.89
C ALA D 836 19.62 -2.65 28.13
N SER D 837 18.79 -3.70 28.01
CA SER D 837 18.55 -4.58 29.14
C SER D 837 19.84 -5.29 29.57
N PHE D 838 20.60 -5.81 28.60
CA PHE D 838 21.85 -6.48 28.92
C PHE D 838 22.84 -5.54 29.59
N GLY D 839 22.95 -4.30 29.08
CA GLY D 839 23.88 -3.36 29.68
C GLY D 839 23.52 -3.04 31.12
N LEU D 840 22.23 -2.77 31.37
CA LEU D 840 21.79 -2.49 32.74
C LEU D 840 22.08 -3.67 33.66
N LEU D 841 21.70 -4.89 33.23
CA LEU D 841 21.94 -6.07 34.04
C LEU D 841 23.42 -6.23 34.36
N ALA D 842 24.27 -6.17 33.34
CA ALA D 842 25.69 -6.40 33.55
C ALA D 842 26.26 -5.39 34.52
N CYS D 843 26.05 -4.10 34.24
CA CYS D 843 26.64 -3.05 35.05
C CYS D 843 26.17 -3.12 36.50
N ILE D 844 24.88 -3.35 36.72
CA ILE D 844 24.38 -3.41 38.09
C ILE D 844 24.83 -4.65 38.83
N PHE D 845 24.94 -5.81 38.17
CA PHE D 845 25.03 -7.00 39.01
C PHE D 845 26.33 -7.79 38.89
N PHE D 846 26.92 -7.89 37.68
CA PHE D 846 27.99 -8.88 37.51
C PHE D 846 29.22 -8.58 38.35
N ASN D 847 29.41 -7.36 38.84
CA ASN D 847 30.58 -7.14 39.73
C ASN D 847 30.34 -7.84 41.09
N LYS D 848 29.20 -7.55 41.72
CA LYS D 848 28.92 -8.11 43.07
C LYS D 848 28.82 -9.63 42.98
N ILE D 849 28.23 -10.16 41.91
CA ILE D 849 28.04 -11.62 41.81
C ILE D 849 29.44 -12.23 41.80
N TYR D 850 30.38 -11.63 41.06
CA TYR D 850 31.77 -12.11 41.03
C TYR D 850 32.39 -12.02 42.42
N ILE D 851 32.25 -10.89 43.13
CA ILE D 851 32.92 -10.83 44.47
C ILE D 851 32.33 -11.93 45.36
N ILE D 852 31.02 -12.17 45.29
CA ILE D 852 30.38 -13.18 46.18
C ILE D 852 30.84 -14.60 45.82
N LEU D 853 30.88 -14.93 44.53
CA LEU D 853 31.17 -16.33 44.13
C LEU D 853 32.67 -16.54 44.06
N PHE D 854 33.39 -15.60 43.41
CA PHE D 854 34.84 -15.73 43.45
C PHE D 854 35.42 -14.76 44.46
N LYS D 855 36.52 -15.14 45.11
CA LYS D 855 37.10 -14.31 46.20
C LYS D 855 36.08 -14.23 47.35
N PRO D 856 35.60 -15.34 47.98
CA PRO D 856 34.55 -15.20 49.00
C PRO D 856 35.04 -14.62 50.31
N SER D 857 36.35 -14.41 50.47
CA SER D 857 36.88 -13.92 51.74
C SER D 857 36.40 -12.51 52.04
N ARG D 858 36.04 -11.73 51.01
CA ARG D 858 35.61 -10.36 51.24
C ARG D 858 34.27 -10.29 51.96
N ASN D 859 33.40 -11.27 51.75
CA ASN D 859 32.07 -11.29 52.38
C ASN D 859 32.22 -11.67 53.85
N THR D 860 32.81 -10.75 54.61
CA THR D 860 32.99 -10.91 56.05
C THR D 860 32.62 -9.61 56.73
N ILE D 861 32.18 -9.71 57.99
CA ILE D 861 31.72 -8.51 58.73
C ILE D 861 32.92 -7.57 58.96
N GLU D 862 34.10 -8.13 59.25
CA GLU D 862 35.24 -7.26 59.54
C GLU D 862 35.51 -6.32 58.38
N GLU D 863 35.40 -6.83 57.15
CA GLU D 863 35.63 -5.99 55.97
C GLU D 863 34.64 -4.84 55.90
N VAL D 864 33.36 -5.10 56.18
CA VAL D 864 32.37 -4.04 56.08
C VAL D 864 32.54 -3.04 57.22
N ARG D 865 32.93 -3.50 58.42
CA ARG D 865 33.23 -2.57 59.49
C ARG D 865 34.39 -1.66 59.12
N CYS D 866 35.45 -2.24 58.54
CA CYS D 866 36.60 -1.43 58.13
C CYS D 866 36.21 -0.44 57.04
N SER D 867 35.29 -0.87 56.16
CA SER D 867 34.83 -0.01 55.05
C SER D 867 34.05 1.19 55.58
N THR D 868 33.02 0.94 56.41
CA THR D 868 32.17 2.06 56.91
C THR D 868 33.03 3.02 57.74
N ALA D 869 33.98 2.49 58.51
CA ALA D 869 34.85 3.33 59.37
C ALA D 869 35.64 4.35 58.54
N ALA D 870 35.99 4.02 57.29
CA ALA D 870 36.78 4.97 56.51
C ALA D 870 36.08 6.32 56.41
N HIS D 871 34.74 6.33 56.53
CA HIS D 871 34.00 7.58 56.47
C HIS D 871 34.39 8.50 57.63
N ALA D 872 34.65 7.91 58.80
CA ALA D 872 35.01 8.72 60.00
C ALA D 872 36.50 8.61 60.29
N PHE D 873 36.96 9.23 61.38
CA PHE D 873 38.39 9.20 61.74
C PHE D 873 38.61 8.42 63.05
N LYS D 874 37.57 7.73 63.54
CA LYS D 874 37.69 7.03 64.85
C LYS D 874 37.82 5.53 64.61
N VAL D 875 39.05 5.02 64.66
CA VAL D 875 39.27 3.55 64.49
C VAL D 875 40.17 3.06 65.63
N ALA D 876 39.96 1.82 66.08
CA ALA D 876 40.75 1.27 67.19
C ALA D 876 42.21 1.16 66.77
N ALA D 877 43.15 1.39 67.68
CA ALA D 877 44.57 1.17 67.33
C ALA D 877 44.71 -0.28 66.88
N ARG D 878 45.51 -0.55 65.86
CA ARG D 878 45.74 -1.91 65.36
C ARG D 878 46.20 -2.82 66.49
N ALA D 879 45.60 -4.00 66.56
CA ALA D 879 45.92 -4.97 67.60
C ALA D 879 47.34 -5.48 67.46
N TYR E 34 -42.88 3.66 -91.69
CA TYR E 34 -43.48 4.41 -90.59
C TYR E 34 -43.02 3.89 -89.24
N GLY E 35 -43.43 4.59 -88.18
CA GLY E 35 -43.15 4.19 -86.82
C GLY E 35 -44.30 4.52 -85.90
N PRO E 36 -44.00 5.08 -84.73
CA PRO E 36 -45.06 5.53 -83.83
C PRO E 36 -45.92 6.62 -84.48
N ASP E 37 -47.21 6.59 -84.18
CA ASP E 37 -48.15 7.51 -84.81
C ASP E 37 -48.01 8.92 -84.26
N GLN E 38 -47.83 9.06 -82.95
CA GLN E 38 -47.75 10.37 -82.31
C GLN E 38 -46.35 10.93 -82.51
N ARG E 39 -46.23 11.96 -83.34
CA ARG E 39 -44.92 12.47 -83.73
C ARG E 39 -45.07 13.90 -84.24
N ALA E 40 -43.94 14.59 -84.33
CA ALA E 40 -43.85 15.91 -84.93
C ALA E 40 -42.83 15.86 -86.06
N GLN E 41 -43.21 16.36 -87.23
CA GLN E 41 -42.33 16.26 -88.39
C GLN E 41 -42.57 17.41 -89.35
N LYS E 42 -41.56 17.69 -90.15
CA LYS E 42 -41.58 18.73 -91.16
C LYS E 42 -40.78 18.27 -92.36
N LYS E 43 -41.07 18.85 -93.52
CA LYS E 43 -40.38 18.50 -94.75
C LYS E 43 -39.30 19.53 -95.05
N GLY E 44 -38.12 19.06 -95.43
CA GLY E 44 -37.01 19.94 -95.74
C GLY E 44 -35.96 19.20 -96.54
N ASP E 45 -34.96 19.97 -96.98
CA ASP E 45 -33.87 19.40 -97.76
C ASP E 45 -33.00 18.46 -96.93
N ILE E 46 -32.83 18.76 -95.65
CA ILE E 46 -32.07 17.93 -94.72
C ILE E 46 -32.94 17.68 -93.50
N ILE E 47 -33.05 16.41 -93.10
CA ILE E 47 -33.95 15.99 -92.02
C ILE E 47 -33.13 15.64 -90.80
N LEU E 48 -33.60 16.08 -89.62
CA LEU E 48 -32.94 15.83 -88.35
C LEU E 48 -33.84 14.99 -87.46
N GLY E 49 -33.24 14.20 -86.58
CA GLY E 49 -33.98 13.37 -85.65
C GLY E 49 -33.97 13.93 -84.24
N GLY E 50 -34.85 13.39 -83.41
CA GLY E 50 -34.90 13.78 -82.00
C GLY E 50 -35.55 12.69 -81.18
N LEU E 51 -35.13 12.61 -79.91
CA LEU E 51 -35.65 11.63 -78.96
C LEU E 51 -35.80 12.31 -77.62
N PHE E 52 -37.04 12.53 -77.20
CA PHE E 52 -37.34 13.21 -75.94
C PHE E 52 -38.28 12.36 -75.11
N PRO E 53 -38.14 12.39 -73.78
CA PRO E 53 -39.04 11.62 -72.89
C PRO E 53 -40.29 12.41 -72.47
N ILE E 54 -41.28 12.45 -73.36
CA ILE E 54 -42.52 13.15 -73.05
C ILE E 54 -43.27 12.49 -71.90
N HIS E 55 -43.06 11.20 -71.67
CA HIS E 55 -43.66 10.49 -70.55
C HIS E 55 -42.58 9.94 -69.64
N PHE E 56 -42.93 9.75 -68.37
CA PHE E 56 -41.96 9.29 -67.38
C PHE E 56 -41.69 7.79 -67.46
N GLY E 57 -42.64 7.00 -67.95
CA GLY E 57 -42.44 5.57 -68.03
C GLY E 57 -43.63 4.88 -68.64
N VAL E 58 -43.59 3.54 -68.62
CA VAL E 58 -44.65 2.73 -69.20
C VAL E 58 -45.45 2.07 -68.08
N ALA E 59 -46.62 1.54 -68.45
CA ALA E 59 -47.54 0.93 -67.46
C ALA E 59 -47.10 -0.49 -67.09
N ALA E 60 -47.33 -0.89 -65.84
CA ALA E 60 -46.99 -2.25 -65.41
C ALA E 60 -48.19 -3.18 -65.61
N LYS E 61 -48.16 -3.96 -66.69
CA LYS E 61 -49.24 -4.94 -66.94
C LYS E 61 -48.58 -6.31 -67.04
N ASP E 62 -49.03 -7.28 -66.24
CA ASP E 62 -48.46 -8.65 -66.28
C ASP E 62 -48.79 -9.28 -67.63
N GLN E 63 -47.83 -9.97 -68.25
CA GLN E 63 -48.16 -10.70 -69.49
C GLN E 63 -48.03 -12.19 -69.22
N ASP E 64 -49.14 -12.94 -69.31
CA ASP E 64 -49.06 -14.43 -69.18
C ASP E 64 -49.01 -14.97 -70.61
N LEU E 65 -49.02 -14.07 -71.60
CA LEU E 65 -48.90 -14.48 -73.02
C LEU E 65 -49.96 -15.51 -73.37
N LYS E 66 -51.19 -15.31 -72.91
CA LYS E 66 -52.30 -16.22 -73.30
C LYS E 66 -52.85 -15.78 -74.66
N SER E 67 -52.64 -14.51 -75.05
CA SER E 67 -53.05 -14.10 -76.39
C SER E 67 -51.90 -13.29 -76.99
N ARG E 68 -52.16 -12.71 -78.15
CA ARG E 68 -51.12 -11.98 -78.86
C ARG E 68 -50.72 -10.73 -78.08
N PRO E 69 -49.43 -10.48 -77.88
CA PRO E 69 -49.01 -9.28 -77.14
C PRO E 69 -49.37 -8.00 -77.90
N GLU E 70 -49.59 -6.95 -77.13
CA GLU E 70 -49.90 -5.63 -77.67
C GLU E 70 -48.92 -4.61 -77.12
N SER E 71 -48.79 -3.49 -77.83
CA SER E 71 -47.86 -2.44 -77.45
C SER E 71 -48.26 -1.82 -76.12
N VAL E 72 -47.26 -1.60 -75.26
CA VAL E 72 -47.50 -1.03 -73.94
C VAL E 72 -47.66 0.48 -74.06
N GLU E 73 -48.44 1.06 -73.13
CA GLU E 73 -48.72 2.47 -73.12
C GLU E 73 -47.92 3.16 -72.02
N CYS E 74 -47.87 4.49 -72.10
CA CYS E 74 -47.15 5.31 -71.15
C CYS E 74 -48.11 5.99 -70.18
N ILE E 75 -47.60 6.39 -69.03
CA ILE E 75 -48.44 6.76 -67.88
C ILE E 75 -48.40 8.26 -67.60
N ARG E 76 -47.24 8.80 -67.23
CA ARG E 76 -47.14 10.11 -66.60
C ARG E 76 -46.56 11.13 -67.56
N TYR E 77 -47.20 12.29 -67.68
CA TYR E 77 -46.74 13.35 -68.56
C TYR E 77 -45.56 14.09 -67.93
N ASN E 78 -44.64 14.52 -68.77
CA ASN E 78 -43.42 15.23 -68.35
C ASN E 78 -43.43 16.61 -69.00
N PHE E 79 -43.87 17.62 -68.24
CA PHE E 79 -43.97 18.97 -68.78
C PHE E 79 -42.58 19.57 -69.03
N ARG E 80 -41.58 19.15 -68.25
CA ARG E 80 -40.22 19.65 -68.45
C ARG E 80 -39.59 19.03 -69.70
N GLY E 81 -39.97 17.80 -70.03
CA GLY E 81 -39.44 17.16 -71.22
C GLY E 81 -40.04 17.66 -72.52
N PHE E 82 -41.21 18.30 -72.46
CA PHE E 82 -41.79 18.92 -73.65
C PHE E 82 -41.21 20.31 -73.91
N ARG E 83 -40.53 20.90 -72.93
CA ARG E 83 -39.85 22.16 -73.16
C ARG E 83 -38.54 21.97 -73.92
N TRP E 84 -37.94 20.79 -73.83
CA TRP E 84 -36.68 20.54 -74.52
C TRP E 84 -36.90 20.37 -76.02
N LEU E 85 -38.02 19.74 -76.41
CA LEU E 85 -38.33 19.57 -77.83
C LEU E 85 -38.52 20.93 -78.51
N GLN E 86 -39.25 21.83 -77.86
CA GLN E 86 -39.48 23.14 -78.42
C GLN E 86 -38.19 23.92 -78.58
N ALA E 87 -37.17 23.63 -77.77
CA ALA E 87 -35.87 24.27 -77.95
C ALA E 87 -35.26 23.88 -79.29
N MET E 88 -35.30 22.60 -79.64
CA MET E 88 -34.78 22.16 -80.93
C MET E 88 -35.59 22.75 -82.08
N ILE E 89 -36.92 22.77 -81.95
CA ILE E 89 -37.75 23.36 -83.01
C ILE E 89 -37.43 24.84 -83.20
N PHE E 90 -37.29 25.58 -82.10
CA PHE E 90 -36.97 26.99 -82.17
C PHE E 90 -35.59 27.22 -82.79
N ALA E 91 -34.62 26.39 -82.44
CA ALA E 91 -33.28 26.53 -83.02
C ALA E 91 -33.30 26.29 -84.52
N ILE E 92 -34.01 25.26 -84.98
CA ILE E 92 -34.08 24.99 -86.41
C ILE E 92 -34.77 26.13 -87.13
N GLU E 93 -35.88 26.62 -86.57
CA GLU E 93 -36.61 27.72 -87.21
C GLU E 93 -35.76 28.99 -87.25
N GLU E 94 -34.92 29.20 -86.23
CA GLU E 94 -33.99 30.33 -86.25
C GLU E 94 -32.96 30.18 -87.36
N ILE E 95 -32.42 28.96 -87.52
CA ILE E 95 -31.42 28.74 -88.57
C ILE E 95 -32.02 28.98 -89.94
N ASN E 96 -33.24 28.49 -90.17
CA ASN E 96 -33.85 28.63 -91.49
C ASN E 96 -34.09 30.09 -91.88
N SER E 97 -34.14 31.00 -90.91
CA SER E 97 -34.41 32.41 -91.18
C SER E 97 -33.16 33.27 -91.25
N SER E 98 -31.99 32.72 -90.91
CA SER E 98 -30.75 33.49 -90.91
C SER E 98 -29.97 33.20 -92.18
N PRO E 99 -29.78 34.18 -93.07
CA PRO E 99 -29.11 33.91 -94.34
C PRO E 99 -27.63 33.61 -94.21
N ALA E 100 -26.99 33.99 -93.11
CA ALA E 100 -25.55 33.82 -92.98
C ALA E 100 -25.17 32.36 -92.70
N LEU E 101 -26.11 31.56 -92.21
CA LEU E 101 -25.76 30.21 -91.77
C LEU E 101 -25.91 29.19 -92.90
N LEU E 102 -27.08 29.11 -93.51
CA LEU E 102 -27.33 28.15 -94.60
C LEU E 102 -28.29 28.77 -95.60
N PRO E 103 -27.78 29.62 -96.49
CA PRO E 103 -28.65 30.19 -97.52
C PRO E 103 -29.05 29.15 -98.55
N ASN E 104 -30.24 29.34 -99.13
CA ASN E 104 -30.77 28.46 -100.16
C ASN E 104 -30.85 27.01 -99.71
N LEU E 105 -31.24 26.78 -98.46
CA LEU E 105 -31.40 25.44 -97.94
C LEU E 105 -32.39 25.48 -96.78
N THR E 106 -33.02 24.34 -96.51
CA THR E 106 -34.00 24.23 -95.44
C THR E 106 -33.72 22.99 -94.62
N LEU E 107 -34.22 22.99 -93.38
CA LEU E 107 -34.07 21.87 -92.46
C LEU E 107 -35.44 21.39 -91.99
N GLY E 108 -35.59 20.07 -91.89
CA GLY E 108 -36.78 19.46 -91.33
C GLY E 108 -36.43 18.73 -90.04
N TYR E 109 -37.42 18.00 -89.52
CA TYR E 109 -37.20 17.18 -88.34
C TYR E 109 -38.17 16.02 -88.30
N ARG E 110 -37.79 14.98 -87.55
CA ARG E 110 -38.69 13.90 -87.15
C ARG E 110 -38.38 13.56 -85.71
N ILE E 111 -39.29 13.87 -84.80
CA ILE E 111 -39.06 13.74 -83.37
C ILE E 111 -40.07 12.77 -82.78
N PHE E 112 -39.58 11.83 -81.98
CA PHE E 112 -40.39 10.78 -81.39
C PHE E 112 -40.30 10.83 -79.87
N ASP E 113 -41.17 10.07 -79.22
CA ASP E 113 -41.21 9.94 -77.78
C ASP E 113 -40.65 8.59 -77.36
N THR E 114 -39.79 8.59 -76.34
CA THR E 114 -39.18 7.36 -75.86
C THR E 114 -39.82 6.83 -74.59
N CYS E 115 -40.56 7.66 -73.85
CA CYS E 115 -41.18 7.26 -72.58
C CYS E 115 -40.15 6.69 -71.61
N ASN E 116 -38.89 7.13 -71.76
CA ASN E 116 -37.80 6.74 -70.86
C ASN E 116 -37.59 5.23 -70.86
N THR E 117 -37.82 4.57 -71.99
CA THR E 117 -37.74 3.12 -72.11
C THR E 117 -36.89 2.76 -73.32
N VAL E 118 -36.14 1.65 -73.19
CA VAL E 118 -35.24 1.24 -74.27
C VAL E 118 -36.03 0.76 -75.49
N SER E 119 -37.09 -0.02 -75.27
CA SER E 119 -37.80 -0.64 -76.38
C SER E 119 -38.44 0.40 -77.28
N LYS E 120 -39.05 1.43 -76.70
CA LYS E 120 -39.67 2.49 -77.50
C LYS E 120 -38.63 3.28 -78.28
N ALA E 121 -37.46 3.52 -77.67
CA ALA E 121 -36.39 4.20 -78.36
C ALA E 121 -35.87 3.39 -79.54
N LEU E 122 -35.73 2.07 -79.36
CA LEU E 122 -35.30 1.22 -80.46
C LEU E 122 -36.34 1.17 -81.58
N GLU E 123 -37.62 1.12 -81.20
CA GLU E 123 -38.68 1.15 -82.20
C GLU E 123 -38.66 2.44 -83.00
N ALA E 124 -38.41 3.56 -82.34
CA ALA E 124 -38.28 4.83 -83.05
C ALA E 124 -37.02 4.86 -83.92
N THR E 125 -35.92 4.31 -83.42
CA THR E 125 -34.64 4.36 -84.14
C THR E 125 -34.67 3.50 -85.39
N LEU E 126 -35.41 2.39 -85.37
CA LEU E 126 -35.46 1.52 -86.54
C LEU E 126 -35.99 2.24 -87.77
N SER E 127 -36.72 3.34 -87.57
CA SER E 127 -37.19 4.14 -88.70
C SER E 127 -36.19 5.19 -89.14
N PHE E 128 -35.18 5.48 -88.31
CA PHE E 128 -34.16 6.46 -88.70
C PHE E 128 -33.17 5.87 -89.70
N VAL E 129 -32.94 4.56 -89.65
CA VAL E 129 -31.91 3.92 -90.46
C VAL E 129 -32.57 3.00 -91.49
N ALA E 130 -33.80 3.33 -91.89
CA ALA E 130 -34.53 2.45 -92.80
C ALA E 130 -33.85 2.34 -94.16
N GLN E 131 -33.67 3.47 -94.84
CA GLN E 131 -33.14 3.36 -96.24
C GLN E 131 -31.64 3.04 -96.25
N ASN E 132 -30.91 3.29 -95.18
CA ASN E 132 -29.43 3.08 -95.23
C ASN E 132 -29.18 1.59 -95.53
N LYS E 133 -29.97 0.71 -94.93
CA LYS E 133 -29.84 -0.76 -95.15
C LYS E 133 -30.16 -1.06 -96.62
N HIS E 148 -38.79 6.59 -100.61
CA HIS E 148 -40.03 6.91 -99.87
C HIS E 148 -39.66 7.28 -98.42
N ILE E 149 -38.55 6.74 -97.93
CA ILE E 149 -38.13 7.02 -96.53
C ILE E 149 -37.01 8.08 -96.57
N PRO E 150 -37.21 9.35 -96.16
CA PRO E 150 -36.07 10.29 -96.20
C PRO E 150 -34.95 9.82 -95.29
N SER E 151 -33.72 10.17 -95.66
CA SER E 151 -32.55 9.79 -94.90
C SER E 151 -32.24 10.85 -93.84
N THR E 152 -31.93 10.40 -92.63
CA THR E 152 -31.61 11.29 -91.52
C THR E 152 -30.12 11.58 -91.49
N ILE E 153 -29.77 12.87 -91.38
CA ILE E 153 -28.38 13.26 -91.34
C ILE E 153 -27.80 13.09 -89.94
N ALA E 154 -28.51 13.56 -88.92
CA ALA E 154 -28.03 13.47 -87.55
C ALA E 154 -29.24 13.39 -86.61
N VAL E 155 -28.99 12.87 -85.41
CA VAL E 155 -30.01 12.69 -84.40
C VAL E 155 -29.51 13.30 -83.10
N VAL E 156 -30.35 14.13 -82.48
CA VAL E 156 -30.03 14.72 -81.18
C VAL E 156 -30.43 13.69 -80.11
N GLY E 157 -29.46 13.26 -79.31
CA GLY E 157 -29.58 12.07 -78.49
C GLY E 157 -30.63 12.09 -77.41
N ALA E 158 -30.69 11.02 -76.62
CA ALA E 158 -31.71 10.84 -75.60
C ALA E 158 -31.19 11.34 -74.25
N THR E 159 -31.96 11.11 -73.19
CA THR E 159 -31.61 11.56 -71.85
C THR E 159 -30.87 10.49 -71.05
N GLY E 160 -31.51 9.34 -70.86
CA GLY E 160 -30.90 8.31 -70.04
C GLY E 160 -29.67 7.70 -70.69
N SER E 161 -28.72 7.30 -69.85
CA SER E 161 -27.49 6.69 -70.35
C SER E 161 -27.76 5.28 -70.88
N GLY E 162 -28.69 4.55 -70.27
CA GLY E 162 -29.02 3.23 -70.77
C GLY E 162 -29.68 3.27 -72.13
N VAL E 163 -30.50 4.28 -72.38
CA VAL E 163 -31.13 4.46 -73.68
C VAL E 163 -30.09 4.88 -74.72
N SER E 164 -29.17 5.75 -74.33
CA SER E 164 -28.18 6.27 -75.27
C SER E 164 -27.27 5.17 -75.78
N THR E 165 -26.86 4.24 -74.90
CA THR E 165 -26.02 3.13 -75.35
C THR E 165 -26.75 2.27 -76.37
N ALA E 166 -28.02 1.96 -76.09
CA ALA E 166 -28.79 1.13 -77.01
C ALA E 166 -28.98 1.81 -78.36
N VAL E 167 -29.25 3.12 -78.35
CA VAL E 167 -29.44 3.83 -79.61
C VAL E 167 -28.14 3.96 -80.38
N ALA E 168 -27.04 4.22 -79.67
CA ALA E 168 -25.75 4.37 -80.33
C ALA E 168 -25.25 3.05 -80.92
N ASN E 169 -25.54 1.93 -80.26
CA ASN E 169 -25.15 0.63 -80.80
C ASN E 169 -25.76 0.41 -82.18
N LEU E 170 -26.95 0.97 -82.43
CA LEU E 170 -27.59 0.81 -83.72
C LEU E 170 -27.20 1.91 -84.70
N LEU E 171 -26.97 3.13 -84.21
CA LEU E 171 -26.64 4.23 -85.11
C LEU E 171 -25.21 4.12 -85.61
N GLY E 172 -24.31 3.53 -84.81
CA GLY E 172 -22.92 3.42 -85.22
C GLY E 172 -22.67 2.45 -86.35
N LEU E 173 -23.62 1.57 -86.64
CA LEU E 173 -23.46 0.65 -87.77
C LEU E 173 -23.38 1.41 -89.08
N PHE E 174 -24.20 2.44 -89.25
CA PHE E 174 -24.28 3.22 -90.47
C PHE E 174 -23.53 4.54 -90.39
N TYR E 175 -22.78 4.76 -89.30
CA TYR E 175 -21.94 5.94 -89.14
C TYR E 175 -22.75 7.24 -89.17
N ILE E 176 -23.87 7.25 -88.47
CA ILE E 176 -24.71 8.43 -88.36
C ILE E 176 -24.33 9.16 -87.06
N PRO E 177 -23.97 10.44 -87.12
CA PRO E 177 -23.60 11.16 -85.90
C PRO E 177 -24.78 11.29 -84.95
N GLN E 178 -24.47 11.32 -83.65
CA GLN E 178 -25.47 11.44 -82.60
C GLN E 178 -24.94 12.35 -81.51
N VAL E 179 -25.68 13.41 -81.20
CA VAL E 179 -25.28 14.41 -80.22
C VAL E 179 -26.27 14.37 -79.08
N SER E 180 -25.82 13.93 -77.91
CA SER E 180 -26.67 13.87 -76.73
C SER E 180 -26.53 15.15 -75.91
N TYR E 181 -27.56 15.46 -75.14
CA TYR E 181 -27.58 16.65 -74.30
C TYR E 181 -27.61 16.36 -72.81
N ALA E 182 -27.90 15.13 -72.40
CA ALA E 182 -28.08 14.84 -70.98
C ALA E 182 -27.33 13.60 -70.52
N SER E 183 -26.98 12.71 -71.45
CA SER E 183 -26.25 11.50 -71.07
C SER E 183 -24.84 11.85 -70.62
N SER E 184 -24.43 11.33 -69.47
CA SER E 184 -23.11 11.74 -68.89
C SER E 184 -22.37 10.56 -68.25
N SER E 185 -22.55 9.35 -68.77
CA SER E 185 -21.91 8.15 -68.15
C SER E 185 -20.54 7.92 -68.75
N ARG E 186 -19.52 7.72 -67.92
CA ARG E 186 -18.13 7.53 -68.41
C ARG E 186 -18.07 6.39 -69.42
N LEU E 187 -19.08 5.53 -69.46
CA LEU E 187 -18.99 4.37 -70.35
C LEU E 187 -19.16 4.73 -71.81
N LEU E 188 -19.68 5.93 -72.10
CA LEU E 188 -19.92 6.35 -73.47
C LEU E 188 -18.73 7.08 -74.09
N SER E 189 -17.62 7.19 -73.36
CA SER E 189 -16.40 7.78 -73.89
C SER E 189 -15.54 6.77 -74.65
N ASN E 190 -15.95 5.51 -74.70
CA ASN E 190 -15.19 4.47 -75.38
C ASN E 190 -15.44 4.56 -76.88
N LYS E 191 -14.43 4.96 -77.63
CA LYS E 191 -14.54 5.11 -79.07
C LYS E 191 -14.30 3.80 -79.82
N ASN E 192 -13.92 2.74 -79.13
CA ASN E 192 -13.83 1.43 -79.77
C ASN E 192 -15.19 0.77 -79.91
N GLN E 193 -16.21 1.33 -79.24
CA GLN E 193 -17.57 0.79 -79.29
C GLN E 193 -18.58 1.81 -79.77
N PHE E 194 -18.44 3.07 -79.38
CA PHE E 194 -19.36 4.14 -79.75
C PHE E 194 -18.64 5.07 -80.72
N LYS E 195 -18.80 4.80 -82.02
CA LYS E 195 -18.03 5.50 -83.03
C LYS E 195 -18.55 6.90 -83.31
N SER E 196 -19.85 7.12 -83.20
CA SER E 196 -20.48 8.38 -83.63
C SER E 196 -21.32 8.98 -82.52
N PHE E 197 -20.74 9.09 -81.33
CA PHE E 197 -21.41 9.70 -80.18
C PHE E 197 -20.67 10.97 -79.78
N LEU E 198 -21.43 12.03 -79.54
CA LEU E 198 -20.90 13.30 -79.08
C LEU E 198 -21.75 13.82 -77.93
N ARG E 199 -21.21 14.79 -77.20
CA ARG E 199 -21.86 15.34 -76.02
C ARG E 199 -21.79 16.85 -76.02
N THR E 200 -22.79 17.47 -75.40
CA THR E 200 -22.71 18.86 -74.96
C THR E 200 -22.71 18.98 -73.45
N ILE E 201 -22.54 17.86 -72.75
CA ILE E 201 -22.58 17.80 -71.29
C ILE E 201 -21.36 17.01 -70.81
N PRO E 202 -20.71 17.41 -69.71
CA PRO E 202 -19.55 16.67 -69.23
C PRO E 202 -19.96 15.36 -68.55
N ASN E 203 -18.96 14.51 -68.31
CA ASN E 203 -19.21 13.24 -67.63
C ASN E 203 -19.09 13.41 -66.11
N ASP E 204 -19.21 12.30 -65.38
CA ASP E 204 -19.48 12.33 -63.95
C ASP E 204 -18.25 12.19 -63.08
N GLU E 205 -17.06 11.99 -63.66
CA GLU E 205 -15.87 11.83 -62.84
C GLU E 205 -15.56 13.11 -62.05
N HIS E 206 -15.71 14.26 -62.70
CA HIS E 206 -15.53 15.54 -62.00
C HIS E 206 -16.53 15.69 -60.87
N GLN E 207 -17.78 15.27 -61.09
CA GLN E 207 -18.80 15.42 -60.06
C GLN E 207 -18.55 14.50 -58.87
N ALA E 208 -18.09 13.27 -59.14
CA ALA E 208 -17.73 12.37 -58.04
C ALA E 208 -16.56 12.91 -57.24
N THR E 209 -15.54 13.43 -57.93
CA THR E 209 -14.42 14.06 -57.22
C THR E 209 -14.88 15.26 -56.41
N ALA E 210 -15.84 16.02 -56.95
CA ALA E 210 -16.37 17.18 -56.23
C ALA E 210 -17.10 16.75 -54.97
N MET E 211 -17.86 15.65 -55.03
CA MET E 211 -18.52 15.14 -53.84
C MET E 211 -17.50 14.71 -52.78
N ALA E 212 -16.44 14.03 -53.21
CA ALA E 212 -15.38 13.66 -52.27
C ALA E 212 -14.73 14.88 -51.65
N ASP E 213 -14.49 15.92 -52.45
CA ASP E 213 -13.90 17.15 -51.93
C ASP E 213 -14.84 17.83 -50.93
N ILE E 214 -16.13 17.84 -51.22
CA ILE E 214 -17.10 18.45 -50.30
C ILE E 214 -17.10 17.70 -48.97
N ILE E 215 -17.09 16.37 -49.02
CA ILE E 215 -17.05 15.59 -47.78
C ILE E 215 -15.77 15.87 -47.00
N GLU E 216 -14.63 15.94 -47.70
CA GLU E 216 -13.36 16.22 -47.02
C GLU E 216 -13.32 17.63 -46.45
N TYR E 217 -14.04 18.57 -47.06
CA TYR E 217 -13.99 19.96 -46.60
C TYR E 217 -14.71 20.13 -45.26
N PHE E 218 -15.78 19.37 -45.04
CA PHE E 218 -16.58 19.49 -43.83
C PHE E 218 -16.16 18.51 -42.75
N ARG E 219 -15.10 17.74 -42.97
CA ARG E 219 -14.48 16.89 -41.95
C ARG E 219 -15.43 15.81 -41.45
N TRP E 220 -15.84 14.94 -42.38
CA TRP E 220 -16.64 13.76 -42.08
C TRP E 220 -15.87 12.51 -42.48
N ASN E 221 -16.10 11.41 -41.75
CA ASN E 221 -15.51 10.14 -42.13
C ASN E 221 -16.45 8.96 -41.94
N TRP E 222 -17.77 9.18 -41.94
CA TRP E 222 -18.76 8.13 -41.71
C TRP E 222 -19.99 8.47 -42.56
N VAL E 223 -20.05 7.90 -43.77
CA VAL E 223 -21.08 8.24 -44.74
C VAL E 223 -21.67 6.96 -45.32
N GLY E 224 -22.81 7.10 -45.99
CA GLY E 224 -23.45 6.00 -46.68
C GLY E 224 -23.76 6.37 -48.11
N THR E 225 -23.98 5.34 -48.93
CA THR E 225 -24.16 5.52 -50.37
C THR E 225 -25.39 4.78 -50.86
N ILE E 226 -26.09 5.39 -51.80
CA ILE E 226 -27.24 4.79 -52.49
C ILE E 226 -27.14 5.16 -53.97
N ALA E 227 -27.39 4.19 -54.85
CA ALA E 227 -27.23 4.42 -56.28
C ALA E 227 -28.34 3.73 -57.05
N ALA E 228 -28.60 4.22 -58.26
CA ALA E 228 -29.57 3.62 -59.16
C ALA E 228 -28.93 2.48 -59.94
N ASP E 229 -29.71 1.43 -60.17
CA ASP E 229 -29.22 0.22 -60.84
C ASP E 229 -29.37 0.40 -62.35
N ASP E 230 -28.52 1.27 -62.90
CA ASP E 230 -28.48 1.50 -64.34
C ASP E 230 -27.05 1.87 -64.73
N ASP E 231 -26.89 2.40 -65.94
CA ASP E 231 -25.59 2.82 -66.42
C ASP E 231 -25.19 4.20 -65.95
N TYR E 232 -26.05 4.89 -65.20
CA TYR E 232 -25.74 6.21 -64.68
C TYR E 232 -25.35 6.18 -63.20
N GLY E 233 -25.91 5.26 -62.43
CA GLY E 233 -25.67 5.22 -61.00
C GLY E 233 -24.44 4.44 -60.60
N ARG E 234 -24.27 3.24 -61.16
CA ARG E 234 -23.17 2.38 -60.74
C ARG E 234 -21.79 2.96 -61.02
N PRO E 235 -21.47 3.43 -62.24
CA PRO E 235 -20.12 3.98 -62.45
C PRO E 235 -19.82 5.18 -61.57
N GLY E 236 -20.79 6.06 -61.37
CA GLY E 236 -20.54 7.24 -60.54
C GLY E 236 -20.26 6.88 -59.09
N ILE E 237 -21.03 5.95 -58.54
CA ILE E 237 -20.82 5.58 -57.15
C ILE E 237 -19.53 4.80 -56.99
N GLU E 238 -19.15 4.01 -58.00
CA GLU E 238 -17.86 3.32 -57.96
C GLU E 238 -16.71 4.32 -57.97
N LYS E 239 -16.80 5.35 -58.82
CA LYS E 239 -15.76 6.38 -58.84
C LYS E 239 -15.70 7.13 -57.51
N PHE E 240 -16.87 7.41 -56.93
CA PHE E 240 -16.87 8.09 -55.63
C PHE E 240 -16.22 7.22 -54.56
N ARG E 241 -16.49 5.92 -54.57
CA ARG E 241 -15.86 5.03 -53.61
C ARG E 241 -14.34 5.01 -53.78
N GLU E 242 -13.88 4.95 -55.04
CA GLU E 242 -12.44 4.97 -55.30
C GLU E 242 -11.82 6.28 -54.80
N GLU E 243 -12.48 7.41 -55.03
CA GLU E 243 -11.96 8.68 -54.57
C GLU E 243 -11.95 8.77 -53.04
N ALA E 244 -13.02 8.32 -52.39
CA ALA E 244 -13.13 8.47 -50.95
C ALA E 244 -12.18 7.54 -50.20
N GLU E 245 -11.78 6.43 -50.80
CA GLU E 245 -10.88 5.55 -50.04
C GLU E 245 -9.52 6.24 -49.93
N GLU E 246 -9.16 7.05 -50.94
CA GLU E 246 -7.81 7.69 -50.92
C GLU E 246 -7.75 8.72 -49.80
N ARG E 247 -8.87 9.40 -49.50
CA ARG E 247 -8.88 10.47 -48.52
C ARG E 247 -9.20 9.98 -47.11
N ASP E 248 -9.20 8.66 -46.90
CA ASP E 248 -9.44 8.07 -45.58
C ASP E 248 -10.83 8.42 -45.05
N ILE E 249 -11.85 8.05 -45.84
CA ILE E 249 -13.24 8.21 -45.47
C ILE E 249 -13.88 6.84 -45.47
N CYS E 250 -14.60 6.52 -44.38
CA CYS E 250 -15.19 5.20 -44.21
C CYS E 250 -16.63 5.20 -44.68
N ILE E 251 -17.01 4.18 -45.43
CA ILE E 251 -18.36 4.03 -45.96
C ILE E 251 -19.06 2.91 -45.21
N ASP E 252 -20.25 3.19 -44.69
CA ASP E 252 -20.94 2.23 -43.83
C ASP E 252 -21.72 1.20 -44.62
N PHE E 253 -22.65 1.66 -45.47
CA PHE E 253 -23.49 0.77 -46.26
C PHE E 253 -23.50 1.24 -47.72
N SER E 254 -24.04 0.38 -48.58
CA SER E 254 -24.17 0.69 -49.99
C SER E 254 -25.28 -0.17 -50.56
N GLU E 255 -26.31 0.47 -51.13
CA GLU E 255 -27.50 -0.23 -51.61
C GLU E 255 -27.81 0.22 -53.03
N LEU E 256 -28.65 -0.58 -53.70
CA LEU E 256 -29.09 -0.30 -55.05
C LEU E 256 -30.61 -0.20 -55.09
N ILE E 257 -31.12 0.74 -55.87
CA ILE E 257 -32.56 1.01 -55.96
C ILE E 257 -32.95 1.03 -57.43
N SER E 258 -34.26 0.93 -57.67
CA SER E 258 -34.79 0.96 -59.02
C SER E 258 -36.24 1.43 -58.97
N GLN E 259 -36.75 1.81 -60.13
CA GLN E 259 -38.12 2.31 -60.21
C GLN E 259 -39.14 1.19 -60.07
N TYR E 260 -38.77 -0.03 -60.47
CA TYR E 260 -39.67 -1.18 -60.49
C TYR E 260 -39.39 -2.12 -59.32
N SER E 261 -38.89 -1.58 -58.22
CA SER E 261 -38.57 -2.38 -57.06
C SER E 261 -39.84 -2.74 -56.29
N ASP E 262 -39.90 -3.99 -55.82
CA ASP E 262 -41.07 -4.44 -55.08
C ASP E 262 -40.97 -4.00 -53.62
N GLU E 263 -42.01 -4.34 -52.85
CA GLU E 263 -42.11 -3.84 -51.47
C GLU E 263 -40.98 -4.38 -50.59
N GLU E 264 -40.64 -5.67 -50.74
CA GLU E 264 -39.75 -6.31 -49.78
C GLU E 264 -38.36 -5.69 -49.80
N GLU E 265 -37.80 -5.42 -50.98
CA GLU E 265 -36.45 -4.87 -51.02
C GLU E 265 -36.41 -3.40 -50.64
N ILE E 266 -37.48 -2.65 -50.92
CA ILE E 266 -37.56 -1.28 -50.42
C ILE E 266 -37.58 -1.28 -48.90
N GLN E 267 -38.37 -2.19 -48.29
CA GLN E 267 -38.39 -2.29 -46.84
C GLN E 267 -37.03 -2.68 -46.30
N HIS E 268 -36.34 -3.61 -46.97
CA HIS E 268 -35.01 -4.01 -46.53
C HIS E 268 -34.03 -2.84 -46.59
N VAL E 269 -34.10 -2.05 -47.66
CA VAL E 269 -33.21 -0.89 -47.78
C VAL E 269 -33.51 0.13 -46.69
N VAL E 270 -34.78 0.33 -46.37
CA VAL E 270 -35.14 1.32 -45.36
C VAL E 270 -34.55 0.94 -44.00
N GLU E 271 -34.65 -0.33 -43.62
CA GLU E 271 -34.08 -0.73 -42.33
C GLU E 271 -32.64 -1.21 -42.48
N VAL E 272 -31.85 -0.41 -43.19
CA VAL E 272 -30.39 -0.51 -43.17
C VAL E 272 -29.89 0.89 -42.87
N ILE E 273 -30.67 1.89 -43.30
CA ILE E 273 -30.45 3.28 -42.90
C ILE E 273 -30.79 3.47 -41.44
N GLN E 274 -31.88 2.83 -40.99
CA GLN E 274 -32.33 3.00 -39.61
C GLN E 274 -31.39 2.35 -38.61
N ASN E 275 -30.53 1.44 -39.06
CA ASN E 275 -29.59 0.74 -38.19
C ASN E 275 -28.17 1.28 -38.30
N SER E 276 -28.03 2.57 -38.64
CA SER E 276 -26.70 3.16 -38.87
C SER E 276 -26.57 4.51 -38.18
N THR E 277 -25.35 4.87 -37.77
CA THR E 277 -25.10 6.14 -37.06
C THR E 277 -24.55 7.16 -38.04
N ALA E 278 -24.61 6.87 -39.34
CA ALA E 278 -24.11 7.77 -40.40
C ALA E 278 -25.23 8.72 -40.76
N LYS E 279 -24.94 10.01 -40.82
CA LYS E 279 -25.96 10.98 -41.18
C LYS E 279 -25.88 11.44 -42.63
N VAL E 280 -24.72 11.35 -43.25
CA VAL E 280 -24.52 11.81 -44.62
C VAL E 280 -24.77 10.66 -45.57
N ILE E 281 -25.64 10.88 -46.55
CA ILE E 281 -25.98 9.87 -47.55
C ILE E 281 -25.79 10.49 -48.93
N VAL E 282 -25.08 9.78 -49.80
CA VAL E 282 -24.78 10.23 -51.15
C VAL E 282 -25.60 9.41 -52.13
N VAL E 283 -26.33 10.08 -53.01
CA VAL E 283 -27.26 9.43 -53.93
C VAL E 283 -26.88 9.78 -55.36
N PHE E 284 -26.69 8.75 -56.19
CA PHE E 284 -26.56 8.88 -57.64
C PHE E 284 -27.76 8.20 -58.28
N SER E 285 -28.79 8.98 -58.58
CA SER E 285 -30.00 8.45 -59.20
C SER E 285 -30.79 9.61 -59.78
N SER E 286 -31.92 9.26 -60.40
CA SER E 286 -32.89 10.22 -60.91
C SER E 286 -34.16 10.16 -60.07
N GLY E 287 -35.07 11.10 -60.34
CA GLY E 287 -36.31 11.20 -59.61
C GLY E 287 -37.20 9.97 -59.71
N PRO E 288 -37.43 9.48 -60.94
CA PRO E 288 -38.22 8.25 -61.09
C PRO E 288 -37.65 7.04 -60.37
N ASP E 289 -36.33 6.91 -60.29
CA ASP E 289 -35.73 5.77 -59.60
C ASP E 289 -35.63 5.99 -58.09
N LEU E 290 -35.83 7.22 -57.61
CA LEU E 290 -35.70 7.54 -56.19
C LEU E 290 -37.03 7.76 -55.50
N GLU E 291 -38.11 7.92 -56.25
CA GLU E 291 -39.40 8.27 -55.64
C GLU E 291 -39.92 7.25 -54.65
N PRO E 292 -39.93 5.93 -54.93
CA PRO E 292 -40.46 4.98 -53.93
C PRO E 292 -39.73 5.02 -52.60
N LEU E 293 -38.41 5.14 -52.63
CA LEU E 293 -37.64 5.16 -51.38
C LEU E 293 -37.97 6.40 -50.55
N ILE E 294 -38.09 7.55 -51.20
CA ILE E 294 -38.44 8.78 -50.48
C ILE E 294 -39.84 8.66 -49.90
N LYS E 295 -40.78 8.10 -50.67
CA LYS E 295 -42.14 7.92 -50.17
C LYS E 295 -42.16 7.03 -48.93
N GLU E 296 -41.43 5.91 -48.99
CA GLU E 296 -41.40 4.99 -47.86
C GLU E 296 -40.74 5.63 -46.64
N ILE E 297 -39.65 6.36 -46.85
CA ILE E 297 -38.97 6.99 -45.72
C ILE E 297 -39.85 8.06 -45.08
N VAL E 298 -40.58 8.82 -45.90
CA VAL E 298 -41.51 9.80 -45.36
C VAL E 298 -42.63 9.11 -44.58
N ARG E 299 -43.08 7.95 -45.06
CA ARG E 299 -44.14 7.22 -44.38
C ARG E 299 -43.71 6.79 -42.99
N ARG E 300 -42.41 6.51 -42.80
CA ARG E 300 -41.89 6.13 -41.49
C ARG E 300 -41.39 7.32 -40.68
N ASN E 301 -41.37 8.52 -41.26
CA ASN E 301 -40.98 9.75 -40.56
C ASN E 301 -39.55 9.63 -40.00
N ILE E 302 -38.60 9.47 -40.91
CA ILE E 302 -37.19 9.40 -40.58
C ILE E 302 -36.58 10.77 -40.87
N THR E 303 -36.04 11.42 -39.84
CA THR E 303 -35.51 12.77 -39.95
C THR E 303 -34.10 12.81 -39.38
N GLY E 304 -33.33 13.80 -39.82
CA GLY E 304 -32.00 14.03 -39.30
C GLY E 304 -30.85 13.68 -40.21
N LYS E 305 -31.11 13.33 -41.47
CA LYS E 305 -30.07 12.94 -42.39
C LYS E 305 -29.68 14.10 -43.30
N ILE E 306 -28.48 14.01 -43.87
CA ILE E 306 -27.96 15.01 -44.80
C ILE E 306 -27.78 14.35 -46.15
N TRP E 307 -28.44 14.90 -47.17
CA TRP E 307 -28.46 14.32 -48.51
C TRP E 307 -27.52 15.09 -49.41
N LEU E 308 -26.70 14.37 -50.17
CA LEU E 308 -25.83 14.95 -51.18
C LEU E 308 -26.33 14.50 -52.55
N ALA E 309 -26.85 15.44 -53.32
CA ALA E 309 -27.59 15.14 -54.54
C ALA E 309 -26.74 15.38 -55.78
N SER E 310 -26.80 14.44 -56.71
CA SER E 310 -26.21 14.63 -58.02
C SER E 310 -27.14 15.46 -58.89
N GLU E 311 -26.61 15.93 -60.02
CA GLU E 311 -27.35 16.92 -60.82
C GLU E 311 -28.57 16.31 -61.50
N ALA E 312 -28.72 14.98 -61.47
CA ALA E 312 -29.90 14.36 -62.08
C ALA E 312 -31.15 14.65 -61.26
N TRP E 313 -31.06 14.58 -59.94
CA TRP E 313 -32.21 14.83 -59.08
C TRP E 313 -32.01 16.02 -58.13
N ALA E 314 -30.96 16.81 -58.32
CA ALA E 314 -30.79 18.01 -57.51
C ALA E 314 -31.79 19.09 -57.84
N SER E 315 -32.53 18.97 -58.95
CA SER E 315 -33.57 19.94 -59.29
C SER E 315 -34.83 19.25 -59.79
N SER E 316 -35.11 18.03 -59.35
CA SER E 316 -36.26 17.29 -59.82
C SER E 316 -37.52 17.72 -59.08
N SER E 317 -38.60 17.93 -59.83
CA SER E 317 -39.86 18.33 -59.21
C SER E 317 -40.58 17.16 -58.55
N LEU E 318 -40.12 15.93 -58.78
CA LEU E 318 -40.75 14.78 -58.14
C LEU E 318 -40.32 14.65 -56.68
N ILE E 319 -39.09 15.01 -56.36
CA ILE E 319 -38.56 14.85 -55.01
C ILE E 319 -38.71 16.16 -54.24
N ALA E 320 -38.60 17.28 -54.94
CA ALA E 320 -38.68 18.60 -54.31
C ALA E 320 -40.15 19.01 -54.15
N MET E 321 -40.79 18.42 -53.14
CA MET E 321 -42.18 18.71 -52.86
C MET E 321 -42.36 19.14 -51.41
N PRO E 322 -43.29 20.07 -51.16
CA PRO E 322 -43.39 20.65 -49.80
C PRO E 322 -43.70 19.66 -48.70
N GLN E 323 -44.41 18.57 -48.98
CA GLN E 323 -44.76 17.63 -47.93
C GLN E 323 -43.64 16.66 -47.59
N TYR E 324 -42.54 16.66 -48.34
CA TYR E 324 -41.37 15.86 -48.04
C TYR E 324 -40.27 16.67 -47.38
N PHE E 325 -40.52 17.95 -47.11
CA PHE E 325 -39.46 18.86 -46.69
C PHE E 325 -38.85 18.48 -45.35
N HIS E 326 -39.65 17.88 -44.45
CA HIS E 326 -39.09 17.47 -43.16
C HIS E 326 -38.22 16.22 -43.28
N VAL E 327 -38.05 15.67 -44.48
CA VAL E 327 -37.15 14.54 -44.71
C VAL E 327 -36.04 14.91 -45.68
N VAL E 328 -36.35 15.64 -46.75
CA VAL E 328 -35.39 15.96 -47.80
C VAL E 328 -34.93 17.41 -47.73
N GLY E 329 -35.38 18.17 -46.73
CA GLY E 329 -34.95 19.55 -46.61
C GLY E 329 -33.49 19.64 -46.23
N GLY E 330 -32.85 20.73 -46.65
CA GLY E 330 -31.43 20.92 -46.41
C GLY E 330 -30.52 20.18 -47.35
N THR E 331 -31.00 19.74 -48.50
CA THR E 331 -30.16 19.03 -49.46
C THR E 331 -29.14 19.96 -50.08
N ILE E 332 -27.94 19.42 -50.32
CA ILE E 332 -26.87 20.15 -51.00
C ILE E 332 -26.57 19.40 -52.29
N GLY E 333 -26.75 20.07 -53.43
CA GLY E 333 -26.64 19.41 -54.71
C GLY E 333 -25.90 20.18 -55.78
N PHE E 334 -25.84 19.62 -56.98
CA PHE E 334 -25.09 20.18 -58.09
C PHE E 334 -26.02 20.60 -59.22
N ALA E 335 -25.63 21.67 -59.91
CA ALA E 335 -26.34 22.13 -61.09
C ALA E 335 -25.34 22.63 -62.12
N LEU E 336 -25.71 22.54 -63.39
CA LEU E 336 -24.84 22.97 -64.47
C LEU E 336 -24.87 24.48 -64.60
N LYS E 337 -24.24 24.99 -65.66
CA LYS E 337 -24.17 26.42 -65.91
C LYS E 337 -25.25 26.82 -66.91
N ALA E 338 -25.94 27.91 -66.61
CA ALA E 338 -27.07 28.35 -67.42
C ALA E 338 -26.62 29.31 -68.52
N GLY E 339 -27.33 29.26 -69.64
CA GLY E 339 -27.09 30.14 -70.76
C GLY E 339 -28.32 30.95 -71.12
N GLN E 340 -28.19 31.75 -72.17
CA GLN E 340 -29.24 32.66 -72.61
C GLN E 340 -29.67 32.32 -74.03
N ILE E 341 -30.98 32.20 -74.23
CA ILE E 341 -31.57 32.03 -75.56
C ILE E 341 -32.63 33.10 -75.75
N PRO E 342 -32.29 34.25 -76.34
CA PRO E 342 -33.28 35.32 -76.47
C PRO E 342 -34.47 34.90 -77.31
N GLY E 343 -35.66 35.33 -76.89
CA GLY E 343 -36.89 35.07 -77.61
C GLY E 343 -37.48 33.69 -77.41
N PHE E 344 -36.96 32.90 -76.47
CA PHE E 344 -37.45 31.54 -76.30
C PHE E 344 -38.81 31.50 -75.61
N ARG E 345 -39.00 32.30 -74.57
CA ARG E 345 -40.26 32.25 -73.82
C ARG E 345 -41.44 32.69 -74.69
N GLU E 346 -41.24 33.69 -75.54
CA GLU E 346 -42.29 34.06 -76.48
C GLU E 346 -42.64 32.90 -77.41
N PHE E 347 -41.64 32.14 -77.84
CA PHE E 347 -41.90 30.97 -78.69
C PHE E 347 -42.68 29.91 -77.93
N LEU E 348 -42.34 29.69 -76.66
CA LEU E 348 -43.05 28.69 -75.85
C LEU E 348 -44.49 29.10 -75.61
N LYS E 349 -44.75 30.39 -75.38
CA LYS E 349 -46.05 30.84 -74.94
C LYS E 349 -47.11 30.86 -76.03
N LYS E 350 -46.74 30.58 -77.29
CA LYS E 350 -47.66 30.70 -78.40
C LYS E 350 -48.15 29.35 -78.93
N VAL E 351 -47.92 28.27 -78.18
CA VAL E 351 -48.32 26.95 -78.65
C VAL E 351 -49.84 26.85 -78.68
N HIS E 352 -50.36 26.05 -79.63
CA HIS E 352 -51.80 25.90 -79.78
C HIS E 352 -52.08 24.55 -80.43
N PRO E 353 -53.09 23.81 -79.97
CA PRO E 353 -53.38 22.51 -80.58
C PRO E 353 -53.85 22.58 -82.02
N ARG E 354 -54.38 23.74 -82.46
CA ARG E 354 -54.90 23.87 -83.81
C ARG E 354 -53.95 24.62 -84.73
N LYS E 355 -53.26 25.63 -84.21
CA LYS E 355 -52.31 26.38 -85.03
C LYS E 355 -51.05 25.59 -85.36
N SER E 356 -50.61 24.71 -84.47
CA SER E 356 -49.39 23.91 -84.69
C SER E 356 -49.81 22.61 -85.37
N VAL E 357 -49.63 22.56 -86.69
CA VAL E 357 -50.02 21.39 -87.48
C VAL E 357 -48.82 20.46 -87.61
N HIS E 358 -47.62 21.00 -87.42
CA HIS E 358 -46.40 20.22 -87.49
C HIS E 358 -46.04 19.56 -86.17
N ASN E 359 -46.75 19.86 -85.09
CA ASN E 359 -46.47 19.31 -83.77
C ASN E 359 -47.65 18.44 -83.35
N GLY E 360 -47.42 17.15 -83.19
CA GLY E 360 -48.45 16.21 -82.81
C GLY E 360 -48.66 16.01 -81.34
N PHE E 361 -47.79 16.58 -80.49
CA PHE E 361 -47.91 16.44 -79.05
C PHE E 361 -48.69 17.59 -78.41
N ALA E 362 -49.21 18.52 -79.20
CA ALA E 362 -49.86 19.70 -78.65
C ALA E 362 -51.22 19.39 -78.04
N LYS E 363 -51.99 18.46 -78.62
CA LYS E 363 -53.31 18.14 -78.09
C LYS E 363 -53.21 17.54 -76.70
N GLU E 364 -52.31 16.57 -76.52
CA GLU E 364 -52.14 15.97 -75.21
C GLU E 364 -51.56 16.96 -74.21
N PHE E 365 -50.70 17.88 -74.67
CA PHE E 365 -50.20 18.93 -73.81
C PHE E 365 -51.32 19.81 -73.31
N TRP E 366 -52.23 20.21 -74.20
CA TRP E 366 -53.38 21.03 -73.82
C TRP E 366 -54.27 20.28 -72.84
N GLU E 367 -54.54 19.00 -73.11
CA GLU E 367 -55.41 18.22 -72.25
C GLU E 367 -54.81 18.03 -70.86
N GLU E 368 -53.51 17.74 -70.80
CA GLU E 368 -52.86 17.55 -69.51
C GLU E 368 -52.68 18.88 -68.77
N THR E 369 -52.72 20.00 -69.49
CA THR E 369 -52.63 21.29 -68.82
C THR E 369 -53.97 21.71 -68.23
N PHE E 370 -55.00 21.79 -69.06
CA PHE E 370 -56.28 22.35 -68.64
C PHE E 370 -57.27 21.31 -68.16
N ASN E 371 -56.88 20.03 -68.12
CA ASN E 371 -57.73 18.95 -67.60
C ASN E 371 -59.08 18.89 -68.30
N CYS E 372 -59.06 19.04 -69.62
CA CYS E 372 -60.26 18.94 -70.44
C CYS E 372 -60.04 17.90 -71.53
N HIS E 373 -61.04 17.69 -72.36
CA HIS E 373 -60.98 16.75 -73.48
C HIS E 373 -61.36 17.49 -74.76
N LEU E 374 -60.52 17.35 -75.78
CA LEU E 374 -60.71 18.09 -77.03
C LEU E 374 -61.76 17.40 -77.88
N GLN E 375 -62.81 18.14 -78.23
CA GLN E 375 -63.84 17.59 -79.11
C GLN E 375 -63.28 17.45 -80.53
N GLU E 376 -63.58 16.33 -81.16
CA GLU E 376 -63.07 16.05 -82.51
C GLU E 376 -64.18 15.53 -83.42
N ARG E 406 -64.93 14.80 -67.56
CA ARG E 406 -63.93 15.76 -68.00
C ARG E 406 -64.54 16.73 -69.01
N PRO E 407 -64.40 18.03 -68.75
CA PRO E 407 -65.07 19.03 -69.60
C PRO E 407 -64.49 19.09 -71.02
N LEU E 408 -65.09 19.93 -71.85
CA LEU E 408 -64.63 20.15 -73.22
C LEU E 408 -63.78 21.41 -73.29
N CYS E 409 -62.78 21.37 -74.16
CA CYS E 409 -61.85 22.48 -74.30
C CYS E 409 -62.42 23.49 -75.29
N THR E 410 -62.50 24.75 -74.88
CA THR E 410 -62.96 25.81 -75.79
C THR E 410 -61.86 26.26 -76.73
N GLY E 411 -60.60 25.98 -76.42
CA GLY E 411 -59.49 26.38 -77.25
C GLY E 411 -59.03 27.81 -77.07
N ASP E 412 -59.66 28.57 -76.19
CA ASP E 412 -59.32 29.98 -75.98
C ASP E 412 -58.69 30.23 -74.61
N GLU E 413 -58.28 29.18 -73.91
CA GLU E 413 -57.72 29.34 -72.57
C GLU E 413 -56.35 30.00 -72.63
N ASN E 414 -55.84 30.36 -71.46
CA ASN E 414 -54.55 31.01 -71.32
C ASN E 414 -53.58 30.07 -70.62
N ILE E 415 -52.38 29.92 -71.20
CA ILE E 415 -51.37 29.04 -70.61
C ILE E 415 -50.89 29.61 -69.27
N SER E 416 -50.82 30.93 -69.15
CA SER E 416 -50.27 31.55 -67.95
C SER E 416 -51.11 31.29 -66.70
N SER E 417 -52.36 30.86 -66.85
CA SER E 417 -53.22 30.64 -65.71
C SER E 417 -52.94 29.34 -64.97
N VAL E 418 -52.11 28.46 -65.54
CA VAL E 418 -51.79 27.17 -64.94
C VAL E 418 -50.30 27.12 -64.67
N GLU E 419 -49.92 26.74 -63.45
CA GLU E 419 -48.51 26.70 -63.06
C GLU E 419 -47.98 25.29 -63.28
N THR E 420 -47.15 25.13 -64.31
CA THR E 420 -46.52 23.88 -64.67
C THR E 420 -45.08 24.18 -65.07
N PRO E 421 -44.19 23.18 -65.01
CA PRO E 421 -42.78 23.42 -65.35
C PRO E 421 -42.53 23.85 -66.79
N TYR E 422 -43.57 24.00 -67.61
CA TYR E 422 -43.37 24.40 -69.00
C TYR E 422 -42.77 25.79 -69.11
N ILE E 423 -43.30 26.75 -68.36
CA ILE E 423 -42.82 28.12 -68.41
C ILE E 423 -42.56 28.63 -67.00
N ASP E 424 -42.54 27.73 -66.03
CA ASP E 424 -42.22 28.06 -64.64
C ASP E 424 -40.78 27.61 -64.39
N TYR E 425 -39.83 28.45 -64.78
CA TYR E 425 -38.42 28.13 -64.66
C TYR E 425 -37.65 29.38 -64.30
N THR E 426 -36.43 29.17 -63.78
CA THR E 426 -35.53 30.26 -63.45
C THR E 426 -34.28 30.31 -64.33
N HIS E 427 -33.80 29.15 -64.79
CA HIS E 427 -32.61 29.09 -65.62
C HIS E 427 -32.78 27.97 -66.66
N LEU E 428 -32.10 28.13 -67.79
CA LEU E 428 -32.09 27.15 -68.87
C LEU E 428 -30.72 26.50 -68.87
N ARG E 429 -30.66 25.23 -68.44
CA ARG E 429 -29.40 24.51 -68.34
C ARG E 429 -29.35 23.31 -69.30
N ILE E 430 -30.30 22.38 -69.19
CA ILE E 430 -30.37 21.30 -70.17
C ILE E 430 -30.93 21.83 -71.50
N SER E 431 -31.90 22.73 -71.44
CA SER E 431 -32.50 23.25 -72.67
C SER E 431 -31.56 24.20 -73.41
N TYR E 432 -30.46 24.60 -72.79
CA TYR E 432 -29.41 25.31 -73.51
C TYR E 432 -28.48 24.36 -74.25
N ASN E 433 -28.47 23.08 -73.89
CA ASN E 433 -27.65 22.10 -74.60
C ASN E 433 -28.27 21.70 -75.94
N VAL E 434 -29.60 21.65 -76.02
CA VAL E 434 -30.26 21.30 -77.27
C VAL E 434 -29.97 22.36 -78.34
N TYR E 435 -30.10 23.63 -77.96
CA TYR E 435 -29.80 24.74 -78.85
C TYR E 435 -28.35 24.66 -79.35
N LEU E 436 -27.42 24.36 -78.43
CA LEU E 436 -26.02 24.28 -78.78
C LEU E 436 -25.73 23.13 -79.73
N ALA E 437 -26.38 21.98 -79.52
CA ALA E 437 -26.20 20.85 -80.41
C ALA E 437 -26.74 21.15 -81.80
N VAL E 438 -27.89 21.81 -81.88
CA VAL E 438 -28.45 22.15 -83.18
C VAL E 438 -27.53 23.10 -83.92
N TYR E 439 -26.98 24.11 -83.24
CA TYR E 439 -25.97 24.94 -83.89
C TYR E 439 -24.68 24.20 -84.23
N SER E 440 -24.30 23.18 -83.46
CA SER E 440 -23.15 22.38 -83.85
C SER E 440 -23.37 21.74 -85.21
N ILE E 441 -24.53 21.11 -85.37
CA ILE E 441 -24.85 20.49 -86.66
C ILE E 441 -24.93 21.53 -87.76
N ALA E 442 -25.54 22.69 -87.47
CA ALA E 442 -25.66 23.74 -88.46
C ALA E 442 -24.30 24.26 -88.91
N HIS E 443 -23.37 24.41 -87.97
CA HIS E 443 -22.05 24.94 -88.33
C HIS E 443 -21.21 23.90 -89.06
N ALA E 444 -21.37 22.62 -88.73
CA ALA E 444 -20.73 21.58 -89.54
C ALA E 444 -21.23 21.62 -90.97
N LEU E 445 -22.55 21.77 -91.15
CA LEU E 445 -23.10 21.85 -92.50
C LEU E 445 -22.62 23.11 -93.22
N GLN E 446 -22.53 24.23 -92.51
CA GLN E 446 -22.01 25.46 -93.10
C GLN E 446 -20.57 25.28 -93.56
N ASP E 447 -19.74 24.63 -92.74
CA ASP E 447 -18.36 24.36 -93.14
C ASP E 447 -18.32 23.45 -94.36
N ILE E 448 -19.22 22.48 -94.44
CA ILE E 448 -19.32 21.67 -95.65
C ILE E 448 -19.65 22.54 -96.86
N TYR E 449 -20.50 23.55 -96.65
CA TYR E 449 -20.95 24.40 -97.76
C TYR E 449 -19.82 25.21 -98.37
N THR E 450 -18.91 25.75 -97.56
CA THR E 450 -17.91 26.71 -98.01
C THR E 450 -16.50 26.10 -98.07
N CYS E 451 -16.39 24.86 -98.54
CA CYS E 451 -15.09 24.22 -98.71
C CYS E 451 -14.51 24.61 -100.05
N LEU E 452 -13.45 25.44 -100.04
CA LEU E 452 -12.76 25.78 -101.26
C LEU E 452 -11.93 24.59 -101.75
N PRO E 453 -11.82 24.39 -103.06
CA PRO E 453 -11.05 23.26 -103.58
C PRO E 453 -9.59 23.32 -103.12
N GLY E 454 -9.04 22.15 -102.81
CA GLY E 454 -7.69 22.03 -102.31
C GLY E 454 -7.53 22.30 -100.84
N ARG E 455 -8.61 22.59 -100.12
CA ARG E 455 -8.57 22.89 -98.69
C ARG E 455 -9.50 21.97 -97.90
N GLY E 456 -9.94 20.87 -98.50
CA GLY E 456 -10.84 19.95 -97.84
C GLY E 456 -10.12 19.02 -96.88
N LEU E 457 -10.93 18.34 -96.07
CA LEU E 457 -10.44 17.36 -95.11
C LEU E 457 -10.42 15.95 -95.67
N PHE E 458 -10.90 15.74 -96.89
CA PHE E 458 -10.99 14.43 -97.49
C PHE E 458 -9.76 14.15 -98.35
N THR E 459 -9.81 13.06 -99.12
CA THR E 459 -8.64 12.63 -99.89
C THR E 459 -8.22 13.68 -100.90
N ASN E 460 -6.91 13.95 -100.94
CA ASN E 460 -6.32 14.88 -101.90
C ASN E 460 -6.88 16.29 -101.75
N GLY E 461 -7.38 16.63 -100.56
CA GLY E 461 -7.92 17.95 -100.32
C GLY E 461 -9.25 18.23 -100.98
N SER E 462 -9.91 17.20 -101.51
CA SER E 462 -11.19 17.40 -102.15
C SER E 462 -12.28 17.72 -101.12
N CYS E 463 -13.33 18.39 -101.60
CA CYS E 463 -14.43 18.81 -100.76
C CYS E 463 -15.66 17.94 -101.03
N ALA E 464 -16.63 18.05 -100.12
CA ALA E 464 -17.87 17.31 -100.22
C ALA E 464 -18.91 18.09 -101.02
N ASP E 465 -19.91 17.37 -101.50
CA ASP E 465 -20.99 17.97 -102.27
C ASP E 465 -22.18 18.22 -101.37
N ILE E 466 -22.51 19.50 -101.17
CA ILE E 466 -23.61 19.86 -100.27
C ILE E 466 -24.95 19.35 -100.80
N LYS E 467 -25.08 19.15 -102.11
CA LYS E 467 -26.31 18.62 -102.67
C LYS E 467 -26.47 17.14 -102.45
N LYS E 468 -25.38 16.41 -102.20
CA LYS E 468 -25.41 14.97 -101.96
C LYS E 468 -24.56 14.65 -100.73
N VAL E 469 -24.74 15.42 -99.65
CA VAL E 469 -23.98 15.19 -98.44
C VAL E 469 -24.41 13.88 -97.79
N GLU E 470 -23.48 13.30 -97.01
CA GLU E 470 -23.70 12.04 -96.34
C GLU E 470 -23.39 12.17 -94.85
N ALA E 471 -23.84 11.18 -94.09
CA ALA E 471 -23.72 11.27 -92.63
C ALA E 471 -22.28 11.18 -92.17
N TRP E 472 -21.45 10.36 -92.83
CA TRP E 472 -20.08 10.20 -92.40
C TRP E 472 -19.25 11.47 -92.64
N GLN E 473 -19.54 12.21 -93.71
CA GLN E 473 -18.88 13.49 -93.92
C GLN E 473 -19.24 14.49 -92.83
N VAL E 474 -20.52 14.48 -92.43
CA VAL E 474 -20.94 15.36 -91.30
C VAL E 474 -20.16 14.94 -90.06
N LEU E 475 -19.91 13.65 -89.85
CA LEU E 475 -19.18 13.15 -88.67
C LEU E 475 -17.75 13.69 -88.66
N LYS E 476 -17.05 13.68 -89.79
CA LYS E 476 -15.65 14.17 -89.88
C LYS E 476 -15.65 15.66 -89.53
N HIS E 477 -16.63 16.39 -90.04
CA HIS E 477 -16.72 17.85 -89.80
C HIS E 477 -17.00 18.14 -88.32
N LEU E 478 -17.83 17.32 -87.65
CA LEU E 478 -18.11 17.50 -86.20
C LEU E 478 -16.88 17.06 -85.42
N ARG E 479 -16.13 16.08 -85.93
CA ARG E 479 -14.92 15.74 -85.21
C ARG E 479 -13.92 16.90 -85.16
N HIS E 480 -13.99 17.83 -86.11
CA HIS E 480 -13.06 18.94 -86.22
C HIS E 480 -13.75 20.30 -86.10
N LEU E 481 -14.72 20.41 -85.21
CA LEU E 481 -15.54 21.61 -85.10
C LEU E 481 -14.92 22.61 -84.12
N ASN E 482 -14.98 23.90 -84.50
CA ASN E 482 -14.48 24.97 -83.63
C ASN E 482 -15.21 26.25 -84.04
N PHE E 483 -16.24 26.62 -83.26
CA PHE E 483 -17.07 27.78 -83.58
C PHE E 483 -17.41 28.50 -82.28
N THR E 484 -18.15 29.60 -82.41
CA THR E 484 -18.47 30.48 -81.28
C THR E 484 -19.97 30.49 -81.03
N ASN E 485 -20.35 30.45 -79.75
CA ASN E 485 -21.75 30.47 -79.37
C ASN E 485 -22.26 31.91 -79.34
N ASN E 486 -23.51 32.09 -78.94
CA ASN E 486 -24.10 33.43 -78.91
C ASN E 486 -23.62 34.24 -77.71
N MET E 487 -22.93 33.62 -76.77
CA MET E 487 -22.41 34.32 -75.60
C MET E 487 -20.93 34.67 -75.73
N GLY E 488 -20.32 34.42 -76.89
CA GLY E 488 -18.95 34.80 -77.13
C GLY E 488 -17.90 33.77 -76.79
N GLU E 489 -18.28 32.65 -76.18
CA GLU E 489 -17.33 31.59 -75.85
C GLU E 489 -17.11 30.69 -77.06
N GLN E 490 -16.13 29.80 -76.94
CA GLN E 490 -15.79 28.87 -78.01
C GLN E 490 -16.32 27.48 -77.70
N VAL E 491 -16.76 26.77 -78.74
CA VAL E 491 -17.29 25.42 -78.61
C VAL E 491 -16.47 24.51 -79.51
N THR E 492 -15.92 23.44 -78.93
CA THR E 492 -15.15 22.46 -79.69
C THR E 492 -15.11 21.15 -78.92
N PHE E 493 -15.10 20.04 -79.64
CA PHE E 493 -15.10 18.72 -79.03
C PHE E 493 -13.69 18.17 -78.94
N ASP E 494 -13.41 17.47 -77.84
CA ASP E 494 -12.11 16.84 -77.64
C ASP E 494 -12.05 15.52 -78.39
N GLU E 495 -11.02 14.72 -78.11
CA GLU E 495 -10.81 13.48 -78.86
C GLU E 495 -11.90 12.45 -78.62
N CYS E 496 -12.62 12.52 -77.51
CA CYS E 496 -13.67 11.56 -77.19
C CYS E 496 -15.07 12.09 -77.43
N GLY E 497 -15.20 13.28 -78.01
CA GLY E 497 -16.50 13.89 -78.20
C GLY E 497 -17.12 14.47 -76.96
N ASP E 498 -16.34 14.76 -75.93
CA ASP E 498 -16.83 15.27 -74.67
C ASP E 498 -16.63 16.78 -74.59
N LEU E 499 -16.99 17.35 -73.45
CA LEU E 499 -16.83 18.77 -73.17
C LEU E 499 -16.32 18.95 -71.75
N VAL E 500 -16.14 20.21 -71.36
CA VAL E 500 -15.80 20.58 -69.99
C VAL E 500 -16.72 21.72 -69.58
N GLY E 501 -17.15 21.70 -68.31
CA GLY E 501 -18.06 22.72 -67.84
C GLY E 501 -17.96 22.98 -66.35
N ASN E 502 -18.32 24.19 -65.94
CA ASN E 502 -18.34 24.55 -64.53
C ASN E 502 -19.55 23.94 -63.86
N TYR E 503 -19.45 23.77 -62.54
CA TYR E 503 -20.54 23.28 -61.72
C TYR E 503 -20.98 24.35 -60.74
N SER E 504 -22.25 24.26 -60.34
CA SER E 504 -22.84 25.18 -59.38
C SER E 504 -23.45 24.37 -58.25
N ILE E 505 -23.12 24.75 -57.01
CA ILE E 505 -23.60 24.07 -55.81
C ILE E 505 -24.77 24.87 -55.25
N ILE E 506 -25.89 24.18 -55.00
CA ILE E 506 -27.13 24.82 -54.57
C ILE E 506 -27.58 24.18 -53.25
N ASN E 507 -28.51 24.86 -52.59
CA ASN E 507 -29.04 24.44 -51.31
C ASN E 507 -30.56 24.57 -51.32
N TRP E 508 -31.25 23.61 -50.73
CA TRP E 508 -32.71 23.59 -50.73
C TRP E 508 -33.22 24.37 -49.51
N HIS E 509 -34.10 25.33 -49.76
CA HIS E 509 -34.70 26.17 -48.72
C HIS E 509 -36.21 26.06 -48.80
N LEU E 510 -36.89 26.88 -48.00
CA LEU E 510 -38.34 26.95 -47.98
C LEU E 510 -38.78 28.38 -48.24
N SER E 511 -39.68 28.57 -49.19
CA SER E 511 -40.19 29.89 -49.50
C SER E 511 -41.12 30.35 -48.38
N PRO E 512 -40.89 31.52 -47.78
CA PRO E 512 -41.77 31.96 -46.68
C PRO E 512 -43.15 32.36 -47.15
N GLU E 513 -43.27 33.06 -48.29
CA GLU E 513 -44.57 33.56 -48.73
C GLU E 513 -45.43 32.48 -49.36
N ASP E 514 -44.83 31.51 -50.04
CA ASP E 514 -45.59 30.52 -50.80
C ASP E 514 -45.47 29.11 -50.24
N GLY E 515 -44.29 28.71 -49.76
CA GLY E 515 -44.09 27.37 -49.24
C GLY E 515 -43.41 26.41 -50.19
N SER E 516 -43.06 26.85 -51.39
CA SER E 516 -42.38 26.00 -52.34
C SER E 516 -40.90 25.88 -51.97
N ILE E 517 -40.25 24.86 -52.53
CA ILE E 517 -38.84 24.59 -52.27
C ILE E 517 -38.00 25.43 -53.23
N VAL E 518 -37.05 26.17 -52.67
CA VAL E 518 -36.25 27.15 -53.40
C VAL E 518 -34.79 26.70 -53.39
N PHE E 519 -34.13 26.79 -54.54
CA PHE E 519 -32.73 26.43 -54.68
C PHE E 519 -31.87 27.69 -54.57
N LYS E 520 -30.96 27.71 -53.60
CA LYS E 520 -30.08 28.84 -53.35
C LYS E 520 -28.64 28.44 -53.62
N GLU E 521 -27.95 29.24 -54.44
CA GLU E 521 -26.57 28.94 -54.80
C GLU E 521 -25.63 29.32 -53.66
N VAL E 522 -24.72 28.40 -53.31
CA VAL E 522 -23.84 28.59 -52.17
C VAL E 522 -22.39 28.34 -52.55
N GLY E 523 -22.10 28.28 -53.84
CA GLY E 523 -20.74 28.07 -54.29
C GLY E 523 -20.69 27.55 -55.70
N TYR E 524 -19.51 27.09 -56.09
CA TYR E 524 -19.28 26.53 -57.41
C TYR E 524 -18.11 25.55 -57.35
N TYR E 525 -17.80 24.97 -58.51
CA TYR E 525 -16.71 24.01 -58.64
C TYR E 525 -15.96 24.31 -59.94
N ASN E 526 -14.84 25.01 -59.82
CA ASN E 526 -14.00 25.28 -60.97
C ASN E 526 -13.35 23.98 -61.46
N VAL E 527 -13.26 23.84 -62.78
CA VAL E 527 -12.65 22.66 -63.39
C VAL E 527 -11.32 22.96 -64.08
N TYR E 528 -10.99 24.23 -64.29
CA TYR E 528 -9.75 24.62 -64.93
C TYR E 528 -8.66 24.99 -63.92
N ALA E 529 -8.94 24.83 -62.63
CA ALA E 529 -7.98 25.19 -61.59
C ALA E 529 -7.07 24.01 -61.27
N LYS E 530 -6.10 24.25 -60.40
CA LYS E 530 -5.19 23.21 -59.95
C LYS E 530 -5.95 22.18 -59.11
N LYS E 531 -5.44 20.95 -59.10
CA LYS E 531 -6.09 19.88 -58.36
C LYS E 531 -5.92 20.07 -56.86
N GLY E 532 -6.90 20.72 -56.23
CA GLY E 532 -6.84 21.02 -54.82
C GLY E 532 -7.40 22.38 -54.49
N GLU E 533 -7.57 23.22 -55.51
CA GLU E 533 -8.11 24.57 -55.36
C GLU E 533 -9.30 24.77 -56.30
N ARG E 534 -10.19 23.79 -56.34
CA ARG E 534 -11.32 23.81 -57.26
C ARG E 534 -12.65 24.15 -56.60
N LEU E 535 -12.78 23.95 -55.30
CA LEU E 535 -14.05 24.04 -54.60
C LEU E 535 -14.12 25.35 -53.82
N PHE E 536 -15.23 26.08 -53.99
CA PHE E 536 -15.51 27.26 -53.19
C PHE E 536 -16.90 27.13 -52.59
N ILE E 537 -16.99 27.21 -51.27
CA ILE E 537 -18.25 27.11 -50.55
C ILE E 537 -18.31 28.24 -49.53
N ASN E 538 -19.41 29.01 -49.57
CA ASN E 538 -19.64 30.06 -48.59
C ASN E 538 -20.64 29.53 -47.57
N GLU E 539 -20.13 29.08 -46.42
CA GLU E 539 -20.96 28.39 -45.44
C GLU E 539 -21.97 29.30 -44.78
N GLU E 540 -21.80 30.63 -44.89
CA GLU E 540 -22.70 31.57 -44.23
C GLU E 540 -24.10 31.55 -44.82
N LYS E 541 -24.29 30.98 -46.01
CA LYS E 541 -25.58 30.99 -46.69
C LYS E 541 -26.24 29.61 -46.68
N ILE E 542 -25.79 28.71 -45.82
CA ILE E 542 -26.26 27.33 -45.79
C ILE E 542 -27.12 27.14 -44.53
N LEU E 543 -28.30 26.57 -44.72
CA LEU E 543 -29.15 26.13 -43.61
C LEU E 543 -29.06 24.61 -43.55
N TRP E 544 -28.70 24.09 -42.39
CA TRP E 544 -28.60 22.64 -42.22
C TRP E 544 -29.94 22.06 -41.80
N SER E 545 -30.40 21.07 -42.55
CA SER E 545 -31.72 20.44 -42.39
C SER E 545 -32.86 21.43 -42.61
N GLY E 546 -32.57 22.62 -43.15
CA GLY E 546 -33.57 23.60 -43.47
C GLY E 546 -33.83 24.62 -42.39
N PHE E 547 -33.31 24.41 -41.18
CA PHE E 547 -33.60 25.31 -40.06
C PHE E 547 -32.39 25.69 -39.22
N SER E 548 -31.30 24.94 -39.24
CA SER E 548 -30.21 25.11 -38.29
C SER E 548 -28.99 25.71 -38.97
N ARG E 549 -28.21 26.47 -38.19
CA ARG E 549 -26.99 27.12 -38.65
C ARG E 549 -25.73 26.46 -38.11
N GLU E 550 -25.82 25.22 -37.66
CA GLU E 550 -24.70 24.50 -37.07
C GLU E 550 -24.32 23.30 -37.93
N VAL E 551 -23.02 23.11 -38.12
CA VAL E 551 -22.54 21.97 -38.93
C VAL E 551 -22.74 20.68 -38.15
N PRO E 552 -23.36 19.66 -38.75
CA PRO E 552 -23.60 18.41 -38.02
C PRO E 552 -22.33 17.61 -37.84
N PHE E 553 -22.47 16.47 -37.15
CA PHE E 553 -21.37 15.61 -36.77
C PHE E 553 -21.60 14.21 -37.29
N SER E 554 -20.64 13.69 -38.05
CA SER E 554 -20.76 12.31 -38.53
C SER E 554 -19.39 11.65 -38.49
N ASN E 555 -18.99 10.98 -37.40
CA ASN E 555 -17.61 10.45 -37.28
C ASN E 555 -17.52 9.02 -36.74
N CYS E 556 -18.58 8.43 -36.22
CA CYS E 556 -18.52 7.06 -35.65
C CYS E 556 -17.84 7.01 -34.28
N SER E 557 -17.12 8.05 -33.89
CA SER E 557 -16.40 8.00 -32.60
C SER E 557 -16.05 9.42 -32.16
N ARG E 558 -16.09 9.66 -30.85
CA ARG E 558 -15.64 10.95 -30.33
C ARG E 558 -14.12 10.93 -30.28
N ASP E 559 -13.52 12.09 -30.47
CA ASP E 559 -12.05 12.18 -30.47
C ASP E 559 -11.46 11.92 -29.10
N CYS E 560 -10.28 11.31 -29.04
CA CYS E 560 -9.56 11.12 -27.84
C CYS E 560 -8.91 12.38 -27.43
N LEU E 561 -9.03 12.72 -26.14
CA LEU E 561 -8.44 13.97 -25.62
C LEU E 561 -6.95 13.79 -25.30
N ALA E 562 -6.29 14.88 -24.97
CA ALA E 562 -4.87 14.79 -24.61
C ALA E 562 -4.69 13.95 -23.37
N GLY E 563 -3.66 13.11 -23.38
CA GLY E 563 -3.45 12.15 -22.27
C GLY E 563 -4.12 10.82 -22.47
N THR E 564 -4.71 10.60 -23.64
CA THR E 564 -5.40 9.32 -23.95
C THR E 564 -4.76 8.66 -25.16
N ARG E 565 -5.29 7.52 -25.58
CA ARG E 565 -4.67 6.81 -26.69
C ARG E 565 -5.74 5.99 -27.39
N LYS E 566 -5.57 5.76 -28.69
CA LYS E 566 -6.56 5.00 -29.47
C LYS E 566 -6.52 3.48 -29.22
N GLY E 567 -7.67 2.84 -29.32
CA GLY E 567 -7.75 1.41 -29.12
C GLY E 567 -8.56 0.77 -30.21
N ILE E 568 -8.21 -0.46 -30.50
CA ILE E 568 -8.90 -1.18 -31.61
C ILE E 568 -10.19 -1.83 -31.17
N ILE E 569 -11.21 -1.72 -32.02
CA ILE E 569 -12.46 -2.47 -31.78
C ILE E 569 -12.43 -3.57 -32.84
N GLU E 570 -12.49 -4.82 -32.41
CA GLU E 570 -12.34 -5.95 -33.36
C GLU E 570 -13.51 -6.05 -34.33
N GLY E 571 -13.23 -6.35 -35.59
CA GLY E 571 -14.32 -6.55 -36.56
C GLY E 571 -14.91 -5.28 -37.08
N GLU E 572 -14.28 -4.14 -36.83
CA GLU E 572 -14.87 -2.84 -37.24
C GLU E 572 -13.84 -2.04 -38.00
N PRO E 573 -14.25 -1.09 -38.87
CA PRO E 573 -13.31 -0.31 -39.60
C PRO E 573 -12.48 0.62 -38.72
N THR E 574 -11.36 1.06 -39.24
CA THR E 574 -10.40 1.83 -38.42
C THR E 574 -10.95 3.20 -38.00
N CYS E 575 -12.01 3.65 -38.63
CA CYS E 575 -12.62 4.97 -38.29
C CYS E 575 -13.22 4.91 -36.89
N CYS E 576 -13.61 3.73 -36.43
CA CYS E 576 -14.28 3.58 -35.13
C CYS E 576 -13.33 2.94 -34.14
N PHE E 577 -13.17 3.54 -32.96
CA PHE E 577 -12.17 3.10 -31.99
C PHE E 577 -12.65 3.41 -30.59
N GLU E 578 -11.74 3.25 -29.62
CA GLU E 578 -11.98 3.60 -28.24
C GLU E 578 -10.74 4.28 -27.65
N CYS E 579 -10.96 5.06 -26.58
CA CYS E 579 -9.90 5.83 -25.94
C CYS E 579 -9.46 5.14 -24.66
N VAL E 580 -8.15 4.97 -24.51
CA VAL E 580 -7.56 4.32 -23.34
C VAL E 580 -6.51 5.25 -22.75
N GLU E 581 -6.47 5.33 -21.42
CA GLU E 581 -5.53 6.19 -20.74
C GLU E 581 -4.10 5.66 -20.88
N CYS E 582 -3.14 6.57 -20.87
CA CYS E 582 -1.73 6.23 -20.98
C CYS E 582 -1.21 5.71 -19.64
N PRO E 583 -0.13 4.91 -19.65
CA PRO E 583 0.45 4.45 -18.39
C PRO E 583 1.13 5.56 -17.61
N ASP E 584 1.75 5.21 -16.48
CA ASP E 584 2.31 6.23 -15.59
C ASP E 584 3.62 6.79 -16.13
N GLY E 585 4.44 5.96 -16.76
CA GLY E 585 5.75 6.40 -17.21
C GLY E 585 5.75 7.03 -18.59
N GLU E 586 4.57 7.38 -19.09
CA GLU E 586 4.42 7.92 -20.43
C GLU E 586 3.43 9.09 -20.38
N TYR E 587 3.33 9.80 -21.51
CA TYR E 587 2.42 10.92 -21.62
C TYR E 587 2.02 11.08 -23.08
N SER E 588 0.91 11.77 -23.30
CA SER E 588 0.46 12.14 -24.64
C SER E 588 -0.01 13.59 -24.59
N ASP E 589 0.50 14.40 -25.52
CA ASP E 589 0.17 15.83 -25.56
C ASP E 589 -0.54 16.23 -26.83
N GLU E 590 -1.18 15.28 -27.52
CA GLU E 590 -1.92 15.59 -28.74
C GLU E 590 -3.34 15.05 -28.67
N THR E 591 -4.09 15.22 -29.75
CA THR E 591 -5.44 14.66 -29.87
C THR E 591 -5.43 13.56 -30.92
N ASP E 592 -6.17 12.49 -30.64
CA ASP E 592 -6.25 11.32 -31.51
C ASP E 592 -4.86 10.73 -31.76
N ALA E 593 -4.21 10.38 -30.65
CA ALA E 593 -2.86 9.82 -30.69
C ALA E 593 -2.93 8.30 -30.71
N SER E 594 -2.17 7.68 -31.60
CA SER E 594 -2.13 6.24 -31.71
C SER E 594 -1.21 5.59 -30.70
N ALA E 595 -0.43 6.38 -29.96
CA ALA E 595 0.47 5.84 -28.95
C ALA E 595 0.80 6.95 -27.95
N CYS E 596 1.35 6.54 -26.81
CA CYS E 596 1.76 7.47 -25.77
C CYS E 596 3.29 7.58 -25.78
N ASN E 597 3.79 8.80 -25.83
CA ASN E 597 5.22 9.05 -25.87
C ASN E 597 5.83 8.86 -24.49
N LYS E 598 7.14 8.53 -24.48
CA LYS E 598 7.91 8.31 -23.21
C LYS E 598 8.65 9.58 -22.79
N CYS E 599 8.63 9.93 -21.49
CA CYS E 599 9.35 11.08 -20.98
C CYS E 599 10.86 10.87 -21.13
N PRO E 600 11.65 11.95 -21.12
CA PRO E 600 13.10 11.80 -21.20
C PRO E 600 13.70 11.09 -19.99
N ASP E 601 15.03 10.96 -19.98
CA ASP E 601 15.70 10.17 -18.95
C ASP E 601 15.48 10.75 -17.56
N ASP E 602 15.56 12.07 -17.41
CA ASP E 602 15.49 12.72 -16.11
C ASP E 602 14.16 13.43 -15.88
N PHE E 603 13.11 13.03 -16.60
CA PHE E 603 11.79 13.62 -16.46
C PHE E 603 10.77 12.55 -16.11
N TRP E 604 9.72 12.98 -15.40
CA TRP E 604 8.62 12.12 -14.99
C TRP E 604 7.30 12.81 -15.31
N SER E 605 6.34 12.03 -15.79
CA SER E 605 5.06 12.59 -16.19
C SER E 605 4.26 13.06 -14.97
N ASN E 606 3.40 14.04 -15.19
CA ASN E 606 2.59 14.59 -14.11
C ASN E 606 1.38 13.68 -13.87
N GLU E 607 0.44 14.18 -13.06
CA GLU E 607 -0.73 13.36 -12.69
C GLU E 607 -1.52 13.06 -13.94
N ASN E 608 -1.95 14.11 -14.63
CA ASN E 608 -2.61 13.92 -15.92
C ASN E 608 -1.54 13.78 -16.99
N HIS E 609 -1.51 12.64 -17.66
CA HIS E 609 -0.39 12.26 -18.50
C HIS E 609 -0.39 13.10 -19.79
N THR E 610 -0.14 14.40 -19.59
CA THR E 610 -0.08 15.36 -20.69
C THR E 610 1.30 15.96 -20.90
N SER E 611 2.17 15.94 -19.89
CA SER E 611 3.48 16.56 -19.99
C SER E 611 4.45 15.83 -19.07
N CYS E 612 5.73 16.20 -19.18
CA CYS E 612 6.78 15.67 -18.32
C CYS E 612 7.27 16.79 -17.41
N ILE E 613 7.42 16.48 -16.12
CA ILE E 613 7.90 17.44 -15.14
C ILE E 613 9.19 16.90 -14.52
N ALA E 614 10.09 17.82 -14.19
CA ALA E 614 11.40 17.44 -13.69
C ALA E 614 11.28 16.77 -12.32
N LYS E 615 12.18 15.82 -12.07
CA LYS E 615 12.21 15.13 -10.79
C LYS E 615 12.72 16.05 -9.69
N GLU E 616 12.47 15.65 -8.45
CA GLU E 616 12.94 16.38 -7.28
C GLU E 616 14.19 15.72 -6.73
N ILE E 617 15.22 16.53 -6.47
CA ILE E 617 16.46 16.02 -5.93
C ILE E 617 16.41 16.08 -4.41
N GLU E 618 16.74 14.96 -3.76
CA GLU E 618 16.70 14.86 -2.30
C GLU E 618 18.10 14.52 -1.80
N PHE E 619 18.63 15.38 -0.93
CA PHE E 619 19.96 15.18 -0.36
C PHE E 619 20.01 15.88 0.99
N LEU E 620 20.96 15.45 1.82
CA LEU E 620 21.16 16.09 3.11
C LEU E 620 21.81 17.45 2.88
N SER E 621 21.15 18.51 3.40
CA SER E 621 21.63 19.90 3.16
C SER E 621 21.59 20.74 4.43
N TRP E 622 22.15 21.95 4.39
CA TRP E 622 22.16 22.85 5.57
C TRP E 622 20.75 23.30 5.97
N THR E 623 19.91 23.70 5.00
CA THR E 623 18.56 24.23 5.34
C THR E 623 17.57 23.06 5.42
N GLU E 624 17.72 22.18 6.40
CA GLU E 624 16.81 21.02 6.59
C GLU E 624 16.73 20.86 8.11
N PRO E 625 15.64 20.34 8.71
CA PRO E 625 15.58 20.27 10.17
C PRO E 625 16.74 19.44 10.73
N PHE E 626 17.14 18.37 10.03
CA PHE E 626 18.24 17.50 10.51
C PHE E 626 19.59 18.23 10.37
N GLY E 627 19.76 19.00 9.29
CA GLY E 627 21.05 19.68 9.05
C GLY E 627 21.35 20.79 10.04
N ILE E 628 20.41 21.71 10.23
CA ILE E 628 20.59 22.86 11.15
C ILE E 628 21.02 22.35 12.53
N ALA E 629 20.45 21.24 13.00
CA ALA E 629 20.77 20.72 14.35
C ALA E 629 22.22 20.23 14.41
N LEU E 630 22.65 19.40 13.48
CA LEU E 630 24.02 18.82 13.52
C LEU E 630 25.09 19.92 13.49
N THR E 631 24.90 20.97 12.69
CA THR E 631 25.92 22.06 12.59
C THR E 631 26.14 22.71 13.95
N LEU E 632 25.09 23.23 14.58
CA LEU E 632 25.14 23.87 15.89
C LEU E 632 26.03 23.07 16.84
N PHE E 633 25.89 21.75 16.84
CA PHE E 633 26.72 20.92 17.71
C PHE E 633 28.20 21.05 17.37
N ALA E 634 28.53 21.04 16.07
CA ALA E 634 29.92 21.17 15.66
C ALA E 634 30.50 22.52 16.08
N VAL E 635 29.73 23.59 15.88
CA VAL E 635 30.22 24.92 16.28
C VAL E 635 30.38 25.00 17.79
N LEU E 636 29.47 24.37 18.55
CA LEU E 636 29.60 24.35 19.99
C LEU E 636 30.87 23.63 20.44
N GLY E 637 31.16 22.49 19.80
CA GLY E 637 32.39 21.79 20.12
C GLY E 637 33.64 22.59 19.79
N ILE E 638 33.63 23.27 18.65
CA ILE E 638 34.75 24.12 18.26
C ILE E 638 34.95 25.23 19.29
N PHE E 639 33.85 25.86 19.71
CA PHE E 639 33.94 26.93 20.69
C PHE E 639 34.47 26.43 22.03
N LEU E 640 34.01 25.26 22.47
CA LEU E 640 34.49 24.70 23.73
C LEU E 640 35.99 24.42 23.67
N THR E 641 36.44 23.81 22.57
CA THR E 641 37.87 23.53 22.45
C THR E 641 38.69 24.81 22.41
N ALA E 642 38.19 25.83 21.71
CA ALA E 642 38.87 27.12 21.69
C ALA E 642 38.96 27.72 23.08
N PHE E 643 37.87 27.61 23.86
CA PHE E 643 37.89 28.13 25.22
C PHE E 643 38.92 27.42 26.08
N VAL E 644 38.99 26.09 25.98
CA VAL E 644 39.98 25.35 26.75
C VAL E 644 41.40 25.75 26.37
N LEU E 645 41.66 25.87 25.06
CA LEU E 645 42.99 26.25 24.60
C LEU E 645 43.34 27.66 25.07
N GLY E 646 42.38 28.58 25.03
CA GLY E 646 42.65 29.92 25.51
C GLY E 646 42.92 29.96 27.00
N VAL E 647 42.34 29.03 27.77
CA VAL E 647 42.60 29.01 29.25
C VAL E 647 44.01 28.48 29.55
N PHE E 648 44.46 27.41 28.90
CA PHE E 648 45.83 26.88 29.09
C PHE E 648 46.84 27.96 28.68
N ILE E 649 46.55 28.71 27.61
CA ILE E 649 47.47 29.77 27.11
C ILE E 649 47.53 30.91 28.13
N LYS E 650 46.37 31.45 28.49
CA LYS E 650 46.41 32.58 29.42
C LYS E 650 47.00 32.18 30.77
N PHE E 651 46.68 30.98 31.25
CA PHE E 651 47.28 30.46 32.48
C PHE E 651 48.46 29.54 32.19
N ARG E 652 49.49 30.07 31.52
CA ARG E 652 50.60 29.23 31.10
C ARG E 652 51.57 28.99 32.26
N ASN E 653 51.56 29.86 33.26
CA ASN E 653 52.57 29.81 34.33
C ASN E 653 52.05 29.16 35.60
N THR E 654 50.86 28.59 35.59
CA THR E 654 50.38 27.88 36.76
C THR E 654 51.07 26.52 36.86
N PRO E 655 51.28 26.00 38.07
CA PRO E 655 51.95 24.70 38.20
C PRO E 655 51.20 23.56 37.53
N ILE E 656 49.86 23.62 37.48
CA ILE E 656 49.09 22.50 36.96
C ILE E 656 49.39 22.29 35.47
N VAL E 657 49.38 23.37 34.70
CA VAL E 657 49.58 23.24 33.25
C VAL E 657 51.00 22.82 32.94
N LYS E 658 51.97 23.32 33.71
CA LYS E 658 53.36 22.96 33.46
C LYS E 658 53.68 21.56 33.93
N ALA E 659 52.88 21.03 34.85
CA ALA E 659 53.03 19.62 35.23
C ALA E 659 52.73 18.71 34.05
N THR E 660 51.66 19.01 33.32
CA THR E 660 51.40 18.33 32.05
C THR E 660 52.33 18.89 30.98
N ASN E 661 52.49 18.13 29.90
CA ASN E 661 53.31 18.60 28.79
C ASN E 661 52.59 19.73 28.07
N ARG E 662 53.24 20.90 27.98
CA ARG E 662 52.58 22.09 27.49
C ARG E 662 52.42 22.11 25.97
N GLU E 663 53.13 21.24 25.24
CA GLU E 663 53.04 21.20 23.79
C GLU E 663 52.12 20.10 23.28
N LEU E 664 52.13 18.92 23.91
CA LEU E 664 51.19 17.88 23.53
C LEU E 664 49.75 18.31 23.79
N SER E 665 49.54 19.11 24.84
CA SER E 665 48.20 19.63 25.10
C SER E 665 47.72 20.53 23.97
N TYR E 666 48.59 21.44 23.51
CA TYR E 666 48.23 22.31 22.40
C TYR E 666 47.98 21.51 21.14
N LEU E 667 48.82 20.52 20.87
CA LEU E 667 48.63 19.68 19.69
C LEU E 667 47.32 18.92 19.75
N LEU E 668 46.97 18.40 20.93
CA LEU E 668 45.74 17.66 21.09
C LEU E 668 44.52 18.57 20.94
N LEU E 669 44.59 19.79 21.46
CA LEU E 669 43.48 20.72 21.28
C LEU E 669 43.30 21.09 19.81
N PHE E 670 44.40 21.32 19.10
CA PHE E 670 44.30 21.60 17.67
C PHE E 670 43.72 20.41 16.91
N SER E 671 44.14 19.20 17.26
CA SER E 671 43.62 18.00 16.61
C SER E 671 42.12 17.84 16.88
N LEU E 672 41.68 18.13 18.11
CA LEU E 672 40.27 18.06 18.43
C LEU E 672 39.48 19.11 17.66
N LEU E 673 40.05 20.30 17.49
CA LEU E 673 39.40 21.32 16.66
C LEU E 673 39.23 20.82 15.22
N CYS E 674 40.28 20.20 14.68
CA CYS E 674 40.18 19.66 13.32
C CYS E 674 39.13 18.56 13.24
N CYS E 675 39.06 17.70 14.26
CA CYS E 675 38.05 16.64 14.28
C CYS E 675 36.64 17.20 14.32
N PHE E 676 36.44 18.26 15.12
CA PHE E 676 35.14 18.92 15.16
C PHE E 676 34.79 19.53 13.81
N SER E 677 35.76 20.18 13.17
CA SER E 677 35.47 20.88 11.92
C SER E 677 35.31 19.92 10.75
N SER E 678 35.85 18.70 10.86
CA SER E 678 35.77 17.75 9.75
C SER E 678 34.34 17.32 9.47
N SER E 679 33.48 17.32 10.48
CA SER E 679 32.13 16.82 10.30
C SER E 679 31.29 17.75 9.43
N LEU E 680 31.72 19.01 9.27
CA LEU E 680 30.94 19.95 8.49
C LEU E 680 30.87 19.57 7.02
N PHE E 681 31.87 18.84 6.52
CA PHE E 681 31.91 18.51 5.10
C PHE E 681 30.84 17.50 4.72
N PHE E 682 30.40 16.67 5.66
CA PHE E 682 29.39 15.61 5.37
C PHE E 682 28.06 16.27 5.04
N ILE E 683 27.63 17.20 5.88
CA ILE E 683 26.39 17.97 5.58
C ILE E 683 26.67 18.71 4.27
N GLY E 684 25.70 18.72 3.36
CA GLY E 684 25.86 19.43 2.07
C GLY E 684 25.66 18.51 0.88
N GLU E 685 25.31 19.08 -0.27
CA GLU E 685 25.06 18.27 -1.48
C GLU E 685 26.36 17.59 -1.86
N PRO E 686 26.38 16.28 -2.14
CA PRO E 686 27.62 15.59 -2.45
C PRO E 686 28.24 16.12 -3.74
N GLN E 687 29.56 16.34 -3.74
CA GLN E 687 30.28 16.76 -4.97
C GLN E 687 31.54 15.88 -5.07
N ASP E 688 32.21 15.87 -6.20
CA ASP E 688 33.35 14.99 -6.42
C ASP E 688 34.47 15.25 -5.41
N TRP E 689 34.79 16.53 -5.18
CA TRP E 689 35.89 16.84 -4.27
C TRP E 689 35.51 16.62 -2.81
N THR E 690 34.22 16.74 -2.48
CA THR E 690 33.79 16.58 -1.10
C THR E 690 33.92 15.13 -0.64
N CYS E 691 33.42 14.19 -1.44
CA CYS E 691 33.44 12.80 -1.03
C CYS E 691 34.86 12.23 -1.01
N ARG E 692 35.77 12.81 -1.79
CA ARG E 692 37.15 12.38 -1.73
C ARG E 692 37.87 12.90 -0.49
N LEU E 693 37.35 13.96 0.13
CA LEU E 693 37.97 14.57 1.30
C LEU E 693 37.17 14.32 2.57
N ARG E 694 36.12 13.51 2.55
CA ARG E 694 35.40 13.34 3.82
C ARG E 694 36.22 12.42 4.69
N GLN E 695 36.30 11.15 4.32
CA GLN E 695 36.91 10.14 5.21
C GLN E 695 38.35 10.45 5.65
N PRO E 696 39.33 10.75 4.78
CA PRO E 696 40.72 10.89 5.23
C PRO E 696 40.94 11.96 6.28
N ALA E 697 40.23 13.09 6.18
CA ALA E 697 40.39 14.15 7.17
C ALA E 697 40.00 13.65 8.57
N PHE E 698 38.84 13.01 8.65
CA PHE E 698 38.39 12.44 9.95
C PHE E 698 39.45 11.44 10.44
N GLY E 699 39.87 10.50 9.59
CA GLY E 699 40.80 9.48 10.04
C GLY E 699 42.09 10.07 10.58
N ILE E 700 42.68 11.00 9.83
CA ILE E 700 43.94 11.61 10.24
C ILE E 700 43.77 12.39 11.53
N SER E 701 42.70 13.18 11.63
CA SER E 701 42.48 13.98 12.83
C SER E 701 42.31 13.10 14.06
N PHE E 702 41.52 12.02 13.91
CA PHE E 702 41.24 11.18 15.10
C PHE E 702 42.53 10.44 15.50
N VAL E 703 43.28 9.93 14.53
CA VAL E 703 44.53 9.26 14.87
C VAL E 703 45.49 10.23 15.54
N LEU E 704 45.52 11.49 15.08
CA LEU E 704 46.36 12.48 15.73
C LEU E 704 45.95 12.71 17.17
N CYS E 705 44.64 12.77 17.44
CA CYS E 705 44.18 12.89 18.82
C CYS E 705 44.60 11.69 19.66
N ILE E 706 44.21 10.48 19.23
CA ILE E 706 44.46 9.28 20.09
C ILE E 706 45.94 9.12 20.31
N SER E 707 46.77 9.40 19.30
CA SER E 707 48.21 9.14 19.47
C SER E 707 48.76 10.01 20.60
N CYS E 708 48.35 11.28 20.66
CA CYS E 708 48.84 12.21 21.70
C CYS E 708 48.42 11.72 23.09
N ILE E 709 47.19 11.25 23.27
CA ILE E 709 46.70 10.78 24.59
C ILE E 709 47.56 9.57 25.01
N LEU E 710 47.89 8.71 24.04
CA LEU E 710 48.68 7.49 24.35
C LEU E 710 50.06 7.91 24.85
N VAL E 711 50.68 8.94 24.27
CA VAL E 711 52.06 9.33 24.67
C VAL E 711 52.00 9.84 26.11
N LYS E 712 50.84 10.37 26.53
CA LYS E 712 50.67 10.84 27.95
C LYS E 712 49.92 9.76 28.76
N THR E 713 50.49 8.56 28.88
CA THR E 713 49.88 7.47 29.71
C THR E 713 50.97 6.97 30.66
N ASN E 714 50.61 6.26 31.74
CA ASN E 714 51.62 5.89 32.77
C ASN E 714 52.75 5.00 32.23
N ARG E 715 52.45 3.97 31.43
CA ARG E 715 53.55 3.07 31.01
C ARG E 715 53.52 2.86 29.49
N VAL E 716 53.88 3.88 28.71
CA VAL E 716 53.85 3.80 27.26
C VAL E 716 55.14 4.33 26.65
N LEU E 717 55.65 5.45 27.17
CA LEU E 717 56.81 6.09 26.55
C LEU E 717 58.10 5.33 26.85
N LEU E 718 58.17 4.66 28.00
CA LEU E 718 59.44 4.12 28.46
C LEU E 718 59.97 3.02 27.55
N VAL E 719 59.08 2.19 26.99
CA VAL E 719 59.52 1.06 26.19
C VAL E 719 60.22 1.53 24.91
N PHE E 720 59.67 2.55 24.26
CA PHE E 720 60.22 2.99 22.98
C PHE E 720 61.54 3.74 23.17
N GLU E 721 61.71 4.39 24.32
CA GLU E 721 62.92 5.18 24.55
C GLU E 721 64.15 4.29 24.63
N ALA E 722 65.28 4.84 24.21
CA ALA E 722 66.57 4.13 24.22
C ALA E 722 66.51 2.85 23.40
N LYS E 723 65.80 2.90 22.27
CA LYS E 723 65.70 1.74 21.39
C LYS E 723 66.94 1.62 20.52
N ASN E 736 61.99 14.55 22.71
CA ASN E 736 61.59 14.72 21.32
C ASN E 736 61.10 13.40 20.72
N LEU E 737 61.15 12.33 21.53
CA LEU E 737 60.70 11.04 21.04
C LEU E 737 59.17 10.96 20.99
N GLN E 738 58.54 11.70 21.90
CA GLN E 738 57.05 11.77 21.96
C GLN E 738 56.58 12.24 20.59
N PHE E 739 57.21 13.30 20.12
CA PHE E 739 56.84 13.81 18.78
C PHE E 739 57.13 12.71 17.76
N LEU E 740 58.22 11.96 17.91
CA LEU E 740 58.51 10.97 16.85
C LEU E 740 57.38 9.96 16.77
N LEU E 741 56.84 9.55 17.93
CA LEU E 741 55.77 8.50 17.94
C LEU E 741 54.44 9.09 17.50
N VAL E 742 54.22 10.38 17.74
CA VAL E 742 52.99 11.04 17.21
C VAL E 742 53.12 11.06 15.69
N PHE E 743 54.36 11.20 15.21
CA PHE E 743 54.60 11.23 13.75
C PHE E 743 54.36 9.85 13.13
N LEU E 744 54.95 8.77 13.65
CA LEU E 744 54.86 7.47 12.94
C LEU E 744 53.42 6.95 12.75
N CYS E 745 52.56 7.00 13.77
CA CYS E 745 51.19 6.46 13.64
C CYS E 745 50.40 7.30 12.63
N THR E 746 50.57 8.63 12.72
CA THR E 746 49.86 9.52 11.78
C THR E 746 50.35 9.23 10.37
N PHE E 747 51.60 8.79 10.23
CA PHE E 747 52.19 8.51 8.90
C PHE E 747 51.61 7.21 8.38
N MET E 748 51.36 6.24 9.26
CA MET E 748 50.70 4.99 8.81
C MET E 748 49.25 5.31 8.42
N GLN E 749 48.62 6.31 9.05
CA GLN E 749 47.26 6.68 8.57
C GLN E 749 47.32 7.42 7.22
N ILE E 750 48.31 8.31 7.06
CA ILE E 750 48.43 9.11 5.80
C ILE E 750 48.66 8.17 4.64
N VAL E 751 49.56 7.19 4.79
CA VAL E 751 49.91 6.30 3.64
C VAL E 751 48.68 5.52 3.15
N ILE E 752 47.88 4.94 4.05
CA ILE E 752 46.76 4.08 3.56
C ILE E 752 45.80 4.93 2.74
N CYS E 753 45.50 6.14 3.21
CA CYS E 753 44.50 6.96 2.50
C CYS E 753 45.02 7.29 1.10
N VAL E 754 46.31 7.62 0.98
CA VAL E 754 46.91 7.97 -0.34
C VAL E 754 46.83 6.74 -1.25
N ILE E 755 47.16 5.57 -0.71
CA ILE E 755 47.13 4.38 -1.59
C ILE E 755 45.68 4.19 -2.06
N TRP E 756 44.70 4.37 -1.18
CA TRP E 756 43.27 4.13 -1.53
C TRP E 756 42.87 5.09 -2.62
N LEU E 757 43.23 6.36 -2.47
CA LEU E 757 42.80 7.37 -3.45
C LEU E 757 43.42 7.02 -4.80
N TYR E 758 44.69 6.64 -4.82
CA TYR E 758 45.33 6.40 -6.14
C TYR E 758 44.68 5.18 -6.81
N THR E 759 44.14 4.22 -6.05
CA THR E 759 43.62 2.97 -6.69
C THR E 759 42.13 3.03 -7.05
N ALA E 760 41.25 3.48 -6.14
CA ALA E 760 39.79 3.49 -6.39
C ALA E 760 39.15 4.66 -5.65
N PRO E 761 39.27 5.92 -6.11
CA PRO E 761 38.76 7.06 -5.33
C PRO E 761 37.24 7.10 -5.15
N PRO E 762 36.73 7.39 -3.94
CA PRO E 762 35.29 7.53 -3.73
C PRO E 762 34.79 8.76 -4.48
N SER E 763 33.59 8.70 -5.06
CA SER E 763 33.07 9.85 -5.84
C SER E 763 31.54 9.89 -5.75
N SER E 764 30.92 10.91 -6.34
CA SER E 764 29.46 11.03 -6.26
C SER E 764 28.77 10.13 -7.26
N TYR E 765 27.61 9.62 -6.89
CA TYR E 765 26.84 8.71 -7.73
C TYR E 765 25.37 9.11 -7.67
N ARG E 766 24.70 9.01 -8.82
CA ARG E 766 23.27 9.33 -8.93
C ARG E 766 22.49 8.02 -8.92
N ASN E 767 21.53 7.92 -8.01
CA ASN E 767 20.73 6.71 -7.83
C ASN E 767 19.31 7.00 -8.30
N GLN E 768 18.81 6.17 -9.21
CA GLN E 768 17.47 6.33 -9.76
C GLN E 768 16.60 5.09 -9.60
N GLU E 769 17.21 3.94 -9.31
CA GLU E 769 16.45 2.66 -9.21
C GLU E 769 15.64 2.64 -7.90
N LEU E 770 16.04 3.44 -6.91
CA LEU E 770 15.35 3.44 -5.63
C LEU E 770 13.96 4.07 -5.73
N GLU E 771 13.85 5.19 -6.47
CA GLU E 771 12.53 5.88 -6.51
C GLU E 771 12.15 6.22 -7.95
N ASP E 772 10.86 6.18 -8.27
CA ASP E 772 10.40 6.45 -9.66
C ASP E 772 10.05 7.93 -9.83
N GLU E 773 10.13 8.73 -8.77
CA GLU E 773 9.69 10.16 -8.86
C GLU E 773 10.83 11.10 -8.44
N ILE E 774 11.66 10.69 -7.48
CA ILE E 774 12.76 11.50 -6.98
C ILE E 774 14.07 10.71 -7.09
N ILE E 775 15.17 11.45 -7.12
CA ILE E 775 16.51 10.88 -7.22
C ILE E 775 17.36 11.45 -6.09
N PHE E 776 18.24 10.62 -5.54
CA PHE E 776 19.11 11.01 -4.44
C PHE E 776 20.55 11.07 -4.92
N ILE E 777 21.33 11.94 -4.30
CA ILE E 777 22.76 12.07 -4.57
C ILE E 777 23.54 11.55 -3.38
N THR E 778 24.33 10.50 -3.61
CA THR E 778 25.00 9.79 -2.49
C THR E 778 26.49 10.00 -2.66
N CYS E 779 27.33 9.23 -1.96
CA CYS E 779 28.79 9.26 -2.25
C CYS E 779 29.22 7.80 -2.25
N HIS E 780 29.40 7.19 -3.43
CA HIS E 780 29.91 5.81 -3.44
C HIS E 780 31.24 5.87 -2.69
N GLU E 781 31.46 4.96 -1.74
CA GLU E 781 32.68 5.08 -0.89
C GLU E 781 33.80 4.18 -1.42
N GLY E 782 33.61 3.58 -2.59
CA GLY E 782 34.64 2.62 -3.07
C GLY E 782 34.52 1.35 -2.24
N SER E 783 35.56 0.52 -2.20
CA SER E 783 35.41 -0.76 -1.47
C SER E 783 35.19 -0.45 0.00
N LEU E 784 34.18 -1.10 0.61
CA LEU E 784 33.92 -0.89 2.07
C LEU E 784 35.07 -1.52 2.84
N MET E 785 35.95 -2.25 2.14
CA MET E 785 37.16 -2.80 2.82
C MET E 785 38.02 -1.63 3.30
N ALA E 786 38.13 -0.57 2.50
CA ALA E 786 38.98 0.59 2.86
C ALA E 786 38.36 1.35 4.04
N LEU E 787 37.07 1.66 3.98
CA LEU E 787 36.44 2.47 5.05
C LEU E 787 36.60 1.72 6.38
N GLY E 788 36.39 0.40 6.36
CA GLY E 788 36.54 -0.41 7.58
C GLY E 788 37.96 -0.39 8.10
N PHE E 789 38.95 -0.45 7.21
CA PHE E 789 40.37 -0.40 7.61
C PHE E 789 40.68 0.94 8.25
N LEU E 790 40.09 2.04 7.81
CA LEU E 790 40.39 3.29 8.55
C LEU E 790 39.90 3.09 10.00
N ILE E 791 38.62 2.74 10.15
CA ILE E 791 38.03 2.60 11.52
C ILE E 791 38.79 1.52 12.29
N GLY E 792 39.15 0.42 11.64
CA GLY E 792 39.85 -0.68 12.35
C GLY E 792 41.20 -0.25 12.89
N TYR E 793 41.98 0.49 12.09
CA TYR E 793 43.29 0.98 12.57
C TYR E 793 43.04 1.93 13.74
N THR E 794 42.02 2.78 13.60
CA THR E 794 41.74 3.75 14.67
C THR E 794 41.42 2.99 15.97
N CYS E 795 40.63 1.91 15.89
CA CYS E 795 40.26 1.11 17.09
C CYS E 795 41.48 0.39 17.67
N LEU E 796 42.37 -0.15 16.84
CA LEU E 796 43.52 -0.91 17.38
C LEU E 796 44.29 0.01 18.31
N LEU E 797 44.45 1.28 17.96
CA LEU E 797 45.16 2.29 18.76
C LEU E 797 44.38 2.60 20.05
N ALA E 798 43.07 2.79 19.93
CA ALA E 798 42.26 3.09 21.10
C ALA E 798 42.27 1.94 22.10
N ALA E 799 42.24 0.70 21.61
CA ALA E 799 42.26 -0.46 22.48
C ALA E 799 43.59 -0.57 23.22
N ILE E 800 44.71 -0.31 22.54
CA ILE E 800 46.00 -0.32 23.22
C ILE E 800 46.04 0.73 24.32
N CYS E 801 45.57 1.95 24.01
CA CYS E 801 45.56 3.00 25.02
C CYS E 801 44.67 2.62 26.21
N PHE E 802 43.50 2.06 25.93
CA PHE E 802 42.57 1.67 26.98
C PHE E 802 43.15 0.56 27.85
N PHE E 803 43.86 -0.40 27.25
CA PHE E 803 44.46 -1.51 28.04
C PHE E 803 45.49 -0.96 29.03
N PHE E 804 46.45 -0.16 28.56
CA PHE E 804 47.53 0.31 29.46
C PHE E 804 46.93 1.17 30.57
N ALA E 805 45.97 2.03 30.23
CA ALA E 805 45.34 2.91 31.25
C ALA E 805 44.61 2.06 32.29
N PHE E 806 43.91 1.00 31.88
CA PHE E 806 43.21 0.09 32.82
C PHE E 806 44.23 -0.62 33.72
N LYS E 807 45.39 -1.01 33.20
CA LYS E 807 46.31 -1.75 34.10
C LYS E 807 46.82 -0.80 35.18
N SER E 808 46.66 0.52 34.98
CA SER E 808 47.20 1.52 35.95
C SER E 808 46.12 2.45 36.50
N ARG E 809 44.86 1.99 36.57
CA ARG E 809 43.74 2.88 37.00
C ARG E 809 43.89 3.28 38.47
N LYS E 810 44.51 2.44 39.29
CA LYS E 810 44.62 2.70 40.76
C LYS E 810 45.46 3.96 41.04
N LEU E 811 46.50 4.19 40.24
CA LEU E 811 47.43 5.33 40.49
C LEU E 811 46.70 6.68 40.62
N PRO E 812 46.91 7.49 41.70
CA PRO E 812 46.20 8.76 41.86
C PRO E 812 46.95 9.98 41.31
N GLU E 813 48.07 9.76 40.62
CA GLU E 813 48.91 10.89 40.15
C GLU E 813 48.16 11.77 39.15
N ASN E 814 48.33 13.09 39.26
CA ASN E 814 47.73 14.06 38.29
C ASN E 814 46.21 13.97 38.23
N PHE E 815 45.51 14.30 39.32
CA PHE E 815 44.03 14.40 39.28
C PHE E 815 43.40 13.11 38.74
N ASN E 816 43.89 11.90 39.01
CA ASN E 816 43.19 10.66 38.53
C ASN E 816 43.10 10.56 36.99
N GLU E 817 44.20 10.91 36.31
CA GLU E 817 44.21 10.92 34.82
C GLU E 817 43.98 9.52 34.27
N ALA E 818 44.54 8.48 34.90
CA ALA E 818 44.39 7.14 34.31
C ALA E 818 42.91 6.77 34.28
N LYS E 819 42.23 6.94 35.42
CA LYS E 819 40.77 6.66 35.52
C LYS E 819 40.06 7.43 34.40
N PHE E 820 40.42 8.69 34.21
CA PHE E 820 39.65 9.50 33.23
C PHE E 820 39.88 8.97 31.80
N ILE E 821 41.12 8.68 31.45
CA ILE E 821 41.42 8.19 30.07
C ILE E 821 40.69 6.85 29.84
N THR E 822 40.67 5.99 30.86
CA THR E 822 40.02 4.67 30.71
C THR E 822 38.54 4.89 30.45
N PHE E 823 37.93 5.79 31.23
CA PHE E 823 36.48 6.04 31.06
C PHE E 823 36.22 6.59 29.65
N SER E 824 37.09 7.49 29.17
CA SER E 824 36.93 8.07 27.81
C SER E 824 37.01 6.99 26.73
N MET E 825 37.93 6.02 26.84
CA MET E 825 38.07 5.01 25.74
C MET E 825 36.84 4.08 25.66
N LEU E 826 36.21 3.69 26.76
CA LEU E 826 35.00 2.88 26.85
C LEU E 826 33.86 3.54 26.09
N ILE E 827 33.72 4.85 26.22
CA ILE E 827 32.67 5.57 25.48
C ILE E 827 32.90 5.42 23.98
N PHE E 828 34.16 5.48 23.56
CA PHE E 828 34.49 5.37 22.12
C PHE E 828 34.00 4.01 21.64
N PHE E 829 34.40 2.94 22.35
CA PHE E 829 34.04 1.59 21.92
C PHE E 829 32.53 1.41 21.88
N ILE E 830 31.82 1.88 22.90
CA ILE E 830 30.37 1.75 22.92
C ILE E 830 29.76 2.48 21.74
N VAL E 831 30.23 3.69 21.45
CA VAL E 831 29.67 4.48 20.37
C VAL E 831 29.82 3.76 19.04
N TRP E 832 30.99 3.19 18.76
CA TRP E 832 31.23 2.60 17.41
C TRP E 832 30.59 1.23 17.18
N ILE E 833 30.51 0.38 18.21
CA ILE E 833 29.81 -0.93 18.04
C ILE E 833 28.34 -0.64 17.70
N SER E 834 27.72 0.34 18.38
CA SER E 834 26.32 0.74 18.09
C SER E 834 26.19 1.33 16.68
N PHE E 835 27.29 1.75 16.05
CA PHE E 835 27.18 2.40 14.70
C PHE E 835 26.84 1.41 13.58
N ILE E 836 27.51 0.24 13.59
CA ILE E 836 27.35 -0.79 12.53
C ILE E 836 25.87 -1.11 12.26
N PRO E 837 25.05 -1.53 13.23
CA PRO E 837 23.67 -1.90 12.94
C PRO E 837 22.92 -0.69 12.36
N ALA E 838 23.16 0.51 12.88
CA ALA E 838 22.44 1.71 12.40
C ALA E 838 22.77 1.94 10.92
N TYR E 839 24.03 1.77 10.52
CA TYR E 839 24.45 2.06 9.12
C TYR E 839 23.71 1.15 8.13
N ALA E 840 23.71 -0.16 8.37
CA ALA E 840 23.09 -1.11 7.41
C ALA E 840 21.60 -0.80 7.26
N SER E 841 20.94 -0.45 8.36
CA SER E 841 19.48 -0.18 8.34
C SER E 841 19.07 1.07 7.54
N THR E 842 19.90 2.12 7.55
CA THR E 842 19.54 3.40 6.89
C THR E 842 19.87 3.35 5.41
N TYR E 843 18.94 3.79 4.55
CA TYR E 843 19.24 3.92 3.10
C TYR E 843 18.70 5.28 2.64
N GLY E 844 19.42 5.95 1.75
CA GLY E 844 18.96 7.25 1.22
C GLY E 844 19.75 8.43 1.75
N LYS E 845 19.10 9.58 1.94
CA LYS E 845 19.78 10.83 2.39
C LYS E 845 20.34 10.67 3.81
N PHE E 846 19.75 9.80 4.63
CA PHE E 846 20.15 9.69 6.05
C PHE E 846 21.34 8.73 6.23
N VAL E 847 21.85 8.14 5.15
CA VAL E 847 23.08 7.31 5.30
C VAL E 847 24.23 8.19 5.78
N SER E 848 24.33 9.43 5.30
CA SER E 848 25.42 10.37 5.71
C SER E 848 25.28 10.76 7.19
N ALA E 849 24.07 10.96 7.69
CA ALA E 849 23.88 11.44 9.09
C ALA E 849 24.44 10.44 10.09
N VAL E 850 24.28 9.14 9.85
CA VAL E 850 24.74 8.12 10.84
C VAL E 850 26.26 8.29 11.03
N GLU E 851 26.96 8.95 10.09
CA GLU E 851 28.41 9.19 10.35
C GLU E 851 28.70 10.41 11.23
N VAL E 852 27.99 11.54 11.14
CA VAL E 852 28.23 12.77 11.87
C VAL E 852 27.90 12.61 13.34
N ILE E 853 26.80 11.91 13.65
CA ILE E 853 26.43 11.68 15.04
C ILE E 853 27.54 10.91 15.77
N ALA E 854 28.04 9.85 15.13
CA ALA E 854 29.11 9.07 15.75
C ALA E 854 30.35 9.91 16.01
N ILE E 855 30.77 10.69 15.00
CA ILE E 855 31.98 11.51 15.14
C ILE E 855 31.81 12.51 16.27
N LEU E 856 30.66 13.20 16.30
CA LEU E 856 30.43 14.22 17.31
C LEU E 856 30.39 13.62 18.71
N ALA E 857 29.74 12.47 18.87
CA ALA E 857 29.67 11.83 20.18
C ALA E 857 31.05 11.46 20.67
N ALA E 858 31.87 10.85 19.80
CA ALA E 858 33.21 10.45 20.22
C ALA E 858 34.06 11.67 20.60
N SER E 859 34.01 12.73 19.77
CA SER E 859 34.81 13.91 20.05
C SER E 859 34.39 14.57 21.36
N PHE E 860 33.09 14.71 21.59
CA PHE E 860 32.61 15.31 22.83
C PHE E 860 33.04 14.48 24.03
N GLY E 861 33.09 13.17 23.88
CA GLY E 861 33.51 12.30 24.99
C GLY E 861 34.94 12.53 25.42
N LEU E 862 35.90 12.30 24.52
CA LEU E 862 37.35 12.41 24.84
C LEU E 862 37.70 13.76 25.44
N LEU E 863 37.25 14.84 24.83
CA LEU E 863 37.66 16.18 25.31
C LEU E 863 37.13 16.34 26.72
N ALA E 864 35.84 16.07 26.94
CA ALA E 864 35.27 16.35 28.27
C ALA E 864 35.96 15.50 29.33
N CYS E 865 36.10 14.21 29.08
CA CYS E 865 36.65 13.38 30.17
C CYS E 865 38.06 13.87 30.51
N ILE E 866 38.88 14.14 29.51
CA ILE E 866 40.30 14.51 29.81
C ILE E 866 40.43 15.91 30.43
N PHE E 867 39.62 16.89 30.01
CA PHE E 867 39.91 18.27 30.48
C PHE E 867 38.90 18.89 31.46
N PHE E 868 37.61 18.57 31.43
CA PHE E 868 36.65 19.31 32.31
C PHE E 868 37.21 19.58 33.72
N ASN E 869 37.65 18.55 34.44
CA ASN E 869 38.06 18.74 35.86
C ASN E 869 39.23 19.71 36.00
N LYS E 870 40.32 19.53 35.25
CA LYS E 870 41.49 20.42 35.45
C LYS E 870 41.05 21.86 35.24
N ILE E 871 40.17 22.12 34.27
CA ILE E 871 39.75 23.52 33.95
C ILE E 871 39.08 24.13 35.18
N TYR E 872 38.23 23.36 35.87
CA TYR E 872 37.53 23.89 37.06
C TYR E 872 38.56 24.28 38.12
N ILE E 873 39.52 23.40 38.40
CA ILE E 873 40.53 23.67 39.46
C ILE E 873 41.32 24.92 39.06
N ILE E 874 41.58 25.09 37.76
CA ILE E 874 42.38 26.25 37.28
C ILE E 874 41.54 27.53 37.32
N LEU E 875 40.34 27.55 36.75
CA LEU E 875 39.57 28.82 36.66
C LEU E 875 38.08 28.60 36.95
N PHE E 876 37.37 29.65 37.37
CA PHE E 876 35.90 29.57 37.65
C PHE E 876 35.65 28.63 38.82
N LYS E 877 36.65 28.50 39.69
CA LYS E 877 36.53 27.60 40.86
C LYS E 877 37.68 27.93 41.80
N PRO E 878 37.83 27.31 42.99
CA PRO E 878 38.88 27.71 43.90
C PRO E 878 40.27 27.69 43.27
N SER E 879 41.00 28.79 43.43
CA SER E 879 42.38 28.91 42.89
C SER E 879 43.29 28.99 44.11
N ARG E 880 44.48 28.38 44.06
CA ARG E 880 45.40 28.30 45.23
C ARG E 880 44.89 27.17 46.11
N ASN E 881 43.82 26.51 45.67
CA ASN E 881 43.34 25.31 46.40
C ASN E 881 43.72 24.13 45.50
N THR E 882 44.78 23.39 45.86
CA THR E 882 45.25 22.20 45.09
C THR E 882 45.94 22.66 43.81
N ILE E 883 46.06 23.97 43.58
CA ILE E 883 46.85 24.46 42.41
C ILE E 883 48.32 24.19 42.68
N GLU E 884 48.76 24.32 43.93
CA GLU E 884 50.20 24.17 44.31
C GLU E 884 50.87 22.94 43.68
N GLU E 885 52.18 23.03 43.43
CA GLU E 885 52.94 21.90 42.86
C GLU E 885 52.70 20.68 43.75
N VAL E 886 52.64 20.89 45.07
CA VAL E 886 52.43 19.76 46.03
C VAL E 886 51.31 18.87 45.53
N ARG E 887 50.18 19.45 45.11
CA ARG E 887 49.01 18.68 44.69
C ARG E 887 49.28 17.97 43.37
N CYS E 888 49.97 18.63 42.43
CA CYS E 888 50.26 18.00 41.16
C CYS E 888 51.24 16.85 41.30
N SER E 889 52.22 16.99 42.20
CA SER E 889 53.24 15.95 42.37
C SER E 889 52.61 14.66 42.91
N THR E 890 51.73 14.76 43.87
CA THR E 890 51.10 13.59 44.47
C THR E 890 50.04 13.01 43.56
#